data_6DNH
#
_entry.id   6DNH
#
_cell.length_a   1
_cell.length_b   1
_cell.length_c   1
_cell.angle_alpha   90.00
_cell.angle_beta   90.00
_cell.angle_gamma   90.00
#
_symmetry.space_group_name_H-M   'P 1'
#
loop_
_entity.id
_entity.type
_entity.pdbx_description
1 polymer 'Cleavage and polyadenylation specificity factor subunit 1'
2 polymer "pre-mRNA 3' end processing protein WDR33"
3 polymer 'Cleavage and polyadenylation specificity factor subunit 4'
4 polymer "RNA (5'-R(P*AP*AP*UP*AP*AP*AP*C)-3')"
5 non-polymer 'ZINC ION'
#
loop_
_entity_poly.entity_id
_entity_poly.type
_entity_poly.pdbx_seq_one_letter_code
_entity_poly.pdbx_strand_id
1 'polypeptide(L)'
;MYAVYKQAHPPTGLEFSMYCNFFNNSERNLVVAGTSQLYVYRLNRDAEALTKNDRSTEGKAHREKLELAASFSFFGNVMS
MASVQLAGAKRDALLLSFKDAKLSVVEYDPGTHDLKTLSLHYFEEPELRDGFVQNVHTPRVRVDPDGRCAAMLVYGTRLV
VLPFRRESLAEEHEGLVGEGQRSSFLPSYIIDVRALDEKLLNIIDLQFLHGYYEPTLLILFEPNQTWPGRVAVRQDTCSI
VAISLNITQKVHPVIWSLTSLPFDCTQALAVPKPIGGVVVFAVNSLLYLNQSVPPYGVALNSLTTGTTAFPLRTQEGVRI
TLDCAQATFISYDKMVISLKGGEIYVLTLITDGMRSVRAFHFDKAAASVLTTSMVTMEPGYLFLGSRLGNSLLLKYTEKL
QEPPASAVREAADKEEPPSKKKRVDATAGWSAAGKSVPQDEVDEIEVYGSEAQSGTQLATYSFEVCDSILNIGPCANAAV
GEPAFLSEEFQNSPEPDLEIVVCSGHGKNGALSVLQKSIRPQVVTTFELPGCYDMWTVIAPVRKEEEDNPKGEGTEQEPS
TTPEADDDGRRHGFLILSREDSTMILQTGQEIMELDTSGFATQGPTVFAGNIGDNRYIVQVSPLGIRLLEGVNQLHFIPV
DLGAPIVQCAVADPYVVIMSAEGHVTMFLLKSDSYGGRHHRLALHKPPLHHQSKVITLCLYRDLSGMFTTESRLGGARDE
LGGRSGPEAEGLGSETSPTVDDEEEMLYGDSGSLFSPSKEEARRSSQPPADRDPAPFRAEPTHWCLLVRENGTMEIYQLP
DWRLVFLVKNFPVGQRVLVDSSFGQPTTQGEARREEATRQGELPLVKEVLLVALGSRQSRPYLLVHVDQELLIYEAFPHD
SQLGQGNLKVRFKKVPHNINFREKKPKPSKKKAEGGGAEEGAGARGRVARFRYFEDIYGYSGVFICGPSPHWLLVTGRGA
LRLHPMAIDGPVDSFAPFHNVNCPRGFLYFNRQGELRISVLPAYLSYDAPWPVRKIPLRCTAHYVAYHVESKVYAVATST
NTPCARIPRMTGEEKEFETIERDERYIHPQQEAFSIQLISPVSWEAIPNARIELQEWEHVTCMKTVSLRSEETVSGLKGY
VAAGTCLMQGEEVTCRGRILIMDVIEVVPEPGQPLTKNKFKVLYEKEQKGPVTALCHCNGHLVSAIGQKIFLWSLRASEL
TGMAFIDTQLYIHQMISVKNFILAADVMKSISLLRYQEESKTLSLVSRDAKPLEVYSVDFMVDNAQLGFLVSDRDRNLMV
YMYLPEAKESFGGMRLLRRADFHVGAHVNTFWRTPCRGATEGLSKKSVVWENKHITWFATLDGGIGLLLPMQEKTYRRLL
MLQNALTTMLPHHAGLNPRAFRMLHVDRRTLQNAVRNVLDGELLNRYLYLSTMERSELAKKIGTTPDIILDDLLETDRVT
AHF
;
A
2 'polypeptide(L)'
;MGSSHHHHHHSSGLVMATEIGSPPRFFHMPRFQHQAPRQLFYKRPDFAQQQAMQQLTFDGKRMRKAVNRKTIDYNPSVIK
YLENRIWQRDQRDMRAIQPDAGYYNDLVPPIGMLNNPMNAVTTKFVRTSTNKVKCPVFVVRWTPEGRRLVTGASSGEFTL
WNGLTFNFETILQAHDSPVRAMTWSHNDMWMLTADHGGYVKYWQSNMNNVKMFQAHKEAIREASFSPTDNKFATCSDDGT
VRIWDFLRCHEERILRGHGADVKCVDWHPTKGLVVSGSKDSQQPIKFWDPKTGQSLATLHAHKNTVMEVKLNLNGNWLLT
ASRDHLCKLFDIRNLKEELQVFRGHKKEATAVAWHPVHEGLFASGGSDGSLLFWHVGVEKEVGGMEMAHEGMIWSLAWHP
LGHILCSGSNDHTSKFWTRNRPGDKMRDRYNLNLLPGMSEDGVEYDDLEPNSLAVIPGMGIPEQLKLAMEQEQMGKDESN
EIEMTIPGLDWGMEEVMQKDQKKVPQKKVPYAKPIPAQFQQAWMQNKVPIPAPNEVLNDRKEDIKLEEKKKTQAEIEQEM
ATLQYTNPQLLEQLKIERLAQKQVEQI
;
B
3 'polypeptide(L)'
;GMQEIIASVDHIKFDLEIAVEQQLGAQPLPFPGMDKSGAAVCEFFLKAACGKGGMCPFRHISGEKTVVCKHWLRGLCKKG
DQCEFLHEYDMTKMPECYFYSKFGECSNKECPFLHIDPESKIKDCPWYDRGFCKHGPLCRHRHTRRVICVNYLVGFCPEG
PSCKFMHPRFELPMGTTEQPPLPQQTQPPAKQRTPQVIGVMQSQNSSAGNRGPRPLEQVTCYKCGEKGHYANRCTKGHLA
FLSGQ
;
C
4 'polyribonucleotide' AACCUCCAAUAAACAAC E
#
# COMPACT_ATOMS: atom_id res chain seq x y z
N MET A 1 6.75 20.28 6.92
CA MET A 1 7.33 20.98 5.80
C MET A 1 8.48 20.21 5.19
N TYR A 2 9.62 20.31 5.83
CA TYR A 2 10.87 19.80 5.28
C TYR A 2 11.17 18.46 5.93
N ALA A 3 11.25 17.41 5.13
CA ALA A 3 11.43 16.06 5.64
C ALA A 3 12.33 15.27 4.70
N VAL A 4 12.45 13.99 4.99
CA VAL A 4 13.15 13.04 4.13
C VAL A 4 12.50 11.66 4.31
N TYR A 5 12.26 10.98 3.20
CA TYR A 5 11.81 9.59 3.21
C TYR A 5 13.01 8.67 3.21
N LYS A 6 13.06 7.77 4.18
CA LYS A 6 14.12 6.80 4.22
C LYS A 6 13.49 5.42 4.40
N GLN A 7 14.15 4.40 3.85
CA GLN A 7 13.59 3.06 3.74
C GLN A 7 14.39 2.10 4.61
N ALA A 8 13.71 1.47 5.57
CA ALA A 8 14.41 0.60 6.51
C ALA A 8 14.18 -0.88 6.26
N HIS A 9 13.46 -1.27 5.21
CA HIS A 9 13.20 -2.66 4.95
C HIS A 9 12.94 -2.76 3.46
N PRO A 10 13.69 -3.59 2.73
CA PRO A 10 13.39 -3.77 1.31
C PRO A 10 12.10 -4.56 1.16
N PRO A 11 11.26 -4.21 0.19
CA PRO A 11 9.92 -4.80 0.14
C PRO A 11 9.96 -6.24 -0.34
N THR A 12 9.32 -7.11 0.45
CA THR A 12 9.20 -8.52 0.12
C THR A 12 7.80 -8.78 -0.41
N GLY A 13 7.68 -9.89 -1.14
CA GLY A 13 6.46 -10.33 -1.76
C GLY A 13 6.61 -10.15 -3.25
N LEU A 14 6.90 -11.25 -3.93
CA LEU A 14 7.11 -11.28 -5.36
C LEU A 14 5.79 -11.27 -6.08
N GLU A 15 5.79 -10.82 -7.33
CA GLU A 15 4.60 -10.78 -8.15
C GLU A 15 4.79 -11.42 -9.50
N PHE A 16 5.98 -11.33 -10.07
CA PHE A 16 6.26 -11.80 -11.40
C PHE A 16 7.39 -12.80 -11.30
N SER A 17 7.45 -13.73 -12.25
CA SER A 17 8.48 -14.74 -12.23
C SER A 17 8.59 -15.35 -13.62
N MET A 18 9.81 -15.73 -13.99
CA MET A 18 10.05 -16.39 -15.26
C MET A 18 11.20 -17.36 -15.08
N TYR A 19 11.66 -17.94 -16.18
CA TYR A 19 12.76 -18.88 -16.10
C TYR A 19 13.57 -18.73 -17.39
N CYS A 20 14.61 -17.90 -17.33
CA CYS A 20 15.29 -17.45 -18.52
C CYS A 20 16.80 -17.52 -18.32
N ASN A 21 17.54 -17.15 -19.37
CA ASN A 21 19.00 -17.19 -19.38
C ASN A 21 19.53 -15.81 -18.99
N PHE A 22 19.42 -15.50 -17.70
CA PHE A 22 19.82 -14.17 -17.25
C PHE A 22 21.32 -13.97 -17.34
N PHE A 23 22.11 -14.88 -16.79
CA PHE A 23 23.54 -14.65 -16.81
C PHE A 23 24.17 -15.14 -18.10
N ASN A 24 23.78 -16.32 -18.58
CA ASN A 24 24.50 -16.94 -19.67
C ASN A 24 23.58 -17.95 -20.34
N ASN A 25 23.92 -18.33 -21.57
CA ASN A 25 23.13 -19.31 -22.31
C ASN A 25 23.26 -20.73 -21.78
N SER A 26 24.22 -21.01 -20.90
CA SER A 26 24.41 -22.39 -20.47
C SER A 26 23.33 -22.80 -19.49
N GLU A 27 23.29 -22.20 -18.31
CA GLU A 27 22.28 -22.56 -17.32
C GLU A 27 21.15 -21.55 -17.35
N ARG A 28 20.07 -21.91 -16.66
CA ARG A 28 18.86 -21.13 -16.60
C ARG A 28 18.75 -20.50 -15.20
N ASN A 29 17.86 -19.53 -15.08
CA ASN A 29 17.75 -18.78 -13.83
C ASN A 29 16.30 -18.38 -13.57
N LEU A 30 15.82 -18.67 -12.37
CA LEU A 30 14.57 -18.10 -11.90
C LEU A 30 14.76 -16.60 -11.70
N VAL A 31 13.96 -15.80 -12.40
CA VAL A 31 14.03 -14.34 -12.32
C VAL A 31 12.71 -13.87 -11.75
N VAL A 32 12.68 -13.50 -10.48
CA VAL A 32 11.47 -13.05 -9.87
C VAL A 32 11.55 -11.55 -9.67
N ALA A 33 10.39 -10.92 -9.67
CA ALA A 33 10.31 -9.47 -9.56
C ALA A 33 9.14 -9.13 -8.68
N GLY A 34 9.27 -8.06 -7.94
CA GLY A 34 8.21 -7.61 -7.08
C GLY A 34 7.89 -6.17 -7.36
N THR A 35 7.43 -5.49 -6.32
CA THR A 35 7.24 -4.05 -6.39
C THR A 35 8.61 -3.41 -6.44
N SER A 36 9.05 -3.06 -7.65
CA SER A 36 10.23 -2.23 -7.91
C SER A 36 11.53 -2.87 -7.45
N GLN A 37 11.66 -4.19 -7.58
CA GLN A 37 12.89 -4.84 -7.17
C GLN A 37 12.98 -6.19 -7.85
N LEU A 38 14.11 -6.45 -8.50
CA LEU A 38 14.31 -7.64 -9.30
C LEU A 38 15.31 -8.56 -8.62
N TYR A 39 15.01 -9.85 -8.59
CA TYR A 39 15.83 -10.86 -7.95
C TYR A 39 16.15 -11.94 -8.97
N VAL A 40 17.37 -12.46 -8.94
CA VAL A 40 17.76 -13.55 -9.82
C VAL A 40 18.28 -14.71 -8.98
N TYR A 41 17.68 -15.88 -9.15
CA TYR A 41 17.92 -17.04 -8.30
C TYR A 41 18.54 -18.16 -9.10
N ARG A 42 19.61 -18.76 -8.59
CA ARG A 42 20.12 -20.01 -9.13
C ARG A 42 19.47 -21.16 -8.37
N LEU A 43 20.03 -22.36 -8.49
CA LEU A 43 19.40 -23.54 -7.88
C LEU A 43 20.49 -24.53 -7.50
N ASN A 44 20.81 -24.61 -6.21
CA ASN A 44 21.74 -25.62 -5.76
C ASN A 44 21.03 -26.93 -5.52
N ARG A 45 21.68 -28.02 -5.92
CA ARG A 45 21.11 -29.34 -5.69
C ARG A 45 22.00 -30.13 -4.75
N ARG A 63 19.41 -32.33 -0.83
CA ARG A 63 18.33 -31.37 -0.66
C ARG A 63 18.64 -30.12 -1.48
N GLU A 64 17.60 -29.54 -2.09
CA GLU A 64 17.77 -28.39 -2.96
C GLU A 64 17.40 -27.09 -2.24
N LYS A 65 17.93 -25.99 -2.75
CA LYS A 65 17.62 -24.67 -2.19
C LYS A 65 17.85 -23.62 -3.27
N LEU A 66 16.95 -22.66 -3.34
CA LEU A 66 17.17 -21.49 -4.18
C LEU A 66 18.28 -20.64 -3.60
N GLU A 67 19.17 -20.17 -4.45
CA GLU A 67 20.30 -19.34 -4.05
C GLU A 67 20.24 -18.02 -4.79
N LEU A 68 20.38 -16.92 -4.06
CA LEU A 68 20.35 -15.62 -4.69
C LEU A 68 21.64 -15.34 -5.44
N ALA A 69 21.55 -14.64 -6.55
CA ALA A 69 22.71 -14.34 -7.36
C ALA A 69 22.81 -12.88 -7.79
N ALA A 70 21.71 -12.14 -7.77
CA ALA A 70 21.70 -10.71 -8.09
C ALA A 70 20.42 -10.10 -7.56
N SER A 71 20.52 -8.86 -7.09
CA SER A 71 19.34 -8.11 -6.69
C SER A 71 19.48 -6.68 -7.16
N PHE A 72 18.39 -6.13 -7.69
CA PHE A 72 18.39 -4.88 -8.43
C PHE A 72 17.24 -4.03 -7.94
N SER A 73 17.46 -2.73 -7.78
CA SER A 73 16.39 -1.85 -7.31
C SER A 73 16.05 -0.84 -8.39
N PHE A 74 14.77 -0.52 -8.47
CA PHE A 74 14.24 0.31 -9.53
C PHE A 74 13.53 1.52 -8.96
N PHE A 75 13.57 2.61 -9.71
CA PHE A 75 12.76 3.78 -9.39
C PHE A 75 11.47 3.74 -10.21
N GLY A 76 10.70 2.67 -9.97
CA GLY A 76 9.45 2.44 -10.65
C GLY A 76 8.95 1.04 -10.39
N ASN A 77 7.65 0.86 -10.21
CA ASN A 77 7.11 -0.45 -9.86
C ASN A 77 6.89 -1.26 -11.13
N VAL A 78 7.39 -2.49 -11.13
CA VAL A 78 7.32 -3.35 -12.32
C VAL A 78 5.87 -3.77 -12.55
N MET A 79 5.31 -3.41 -13.69
CA MET A 79 3.92 -3.73 -13.99
C MET A 79 3.76 -4.96 -14.87
N SER A 80 4.77 -5.33 -15.63
CA SER A 80 4.78 -6.59 -16.37
C SER A 80 6.22 -6.96 -16.65
N MET A 81 6.42 -8.19 -17.09
CA MET A 81 7.77 -8.68 -17.26
C MET A 81 7.76 -9.87 -18.20
N ALA A 82 8.64 -9.83 -19.20
CA ALA A 82 8.79 -10.93 -20.13
C ALA A 82 10.22 -10.90 -20.66
N SER A 83 10.62 -11.99 -21.30
CA SER A 83 12.00 -12.13 -21.77
C SER A 83 12.04 -12.68 -23.18
N VAL A 84 12.82 -12.04 -24.03
CA VAL A 84 13.04 -12.53 -25.38
C VAL A 84 14.55 -12.64 -25.59
N GLN A 85 14.98 -13.60 -26.39
CA GLN A 85 16.39 -13.76 -26.69
C GLN A 85 16.65 -13.23 -28.10
N LEU A 86 17.38 -12.14 -28.19
CA LEU A 86 17.58 -11.46 -29.46
C LEU A 86 18.53 -12.27 -30.34
N ALA A 87 18.60 -11.86 -31.60
CA ALA A 87 19.42 -12.56 -32.58
C ALA A 87 20.89 -12.22 -32.35
N GLY A 88 21.72 -13.23 -32.12
CA GLY A 88 23.14 -13.06 -31.97
C GLY A 88 23.62 -12.79 -30.57
N ALA A 89 22.72 -12.45 -29.65
CA ALA A 89 23.13 -12.14 -28.29
C ALA A 89 23.48 -13.42 -27.53
N LYS A 90 24.30 -13.25 -26.51
CA LYS A 90 24.77 -14.38 -25.70
C LYS A 90 23.92 -14.62 -24.47
N ARG A 91 22.90 -13.81 -24.24
CA ARG A 91 22.09 -13.86 -23.04
C ARG A 91 20.63 -13.75 -23.42
N ASP A 92 19.79 -13.49 -22.44
CA ASP A 92 18.34 -13.43 -22.63
C ASP A 92 17.89 -12.09 -22.06
N ALA A 93 17.49 -11.17 -22.93
CA ALA A 93 17.10 -9.84 -22.51
C ALA A 93 15.77 -9.87 -21.76
N LEU A 94 15.50 -8.82 -21.01
CA LEU A 94 14.28 -8.70 -20.22
C LEU A 94 13.47 -7.53 -20.72
N LEU A 95 12.15 -7.63 -20.61
CA LEU A 95 11.24 -6.60 -21.12
C LEU A 95 10.39 -6.11 -19.96
N LEU A 96 10.87 -5.07 -19.28
CA LEU A 96 10.23 -4.60 -18.06
C LEU A 96 9.24 -3.51 -18.40
N SER A 97 8.01 -3.66 -17.95
CA SER A 97 6.95 -2.70 -18.21
C SER A 97 6.65 -1.90 -16.96
N PHE A 98 6.68 -0.59 -17.07
CA PHE A 98 6.51 0.31 -15.95
C PHE A 98 5.23 1.11 -16.14
N LYS A 99 4.99 2.03 -15.22
CA LYS A 99 3.67 2.65 -15.12
C LYS A 99 3.58 3.87 -16.02
N ASP A 100 2.39 4.05 -16.61
CA ASP A 100 2.09 5.00 -17.69
C ASP A 100 2.99 4.73 -18.90
N ALA A 101 2.98 3.46 -19.31
CA ALA A 101 3.47 2.99 -20.61
C ALA A 101 4.94 3.30 -20.81
N LYS A 102 5.77 2.64 -20.02
CA LYS A 102 7.20 2.63 -20.21
C LYS A 102 7.66 1.19 -20.40
N LEU A 103 8.24 0.89 -21.54
CA LEU A 103 8.93 -0.38 -21.73
C LEU A 103 10.43 -0.15 -21.64
N SER A 104 11.14 -1.13 -21.12
CA SER A 104 12.56 -0.96 -20.86
C SER A 104 13.26 -2.29 -21.08
N VAL A 105 13.92 -2.45 -22.22
CA VAL A 105 14.68 -3.66 -22.49
C VAL A 105 16.05 -3.55 -21.82
N VAL A 106 16.31 -4.42 -20.87
CA VAL A 106 17.57 -4.43 -20.15
C VAL A 106 18.20 -5.82 -20.26
N GLU A 107 19.52 -5.85 -20.09
CA GLU A 107 20.26 -7.10 -20.04
C GLU A 107 21.21 -7.10 -18.86
N TYR A 108 21.57 -8.30 -18.43
CA TYR A 108 22.72 -8.46 -17.57
C TYR A 108 23.98 -8.02 -18.29
N ASP A 109 24.91 -7.48 -17.53
CA ASP A 109 26.20 -7.13 -18.09
C ASP A 109 27.27 -7.99 -17.43
N PRO A 110 28.20 -8.56 -18.18
CA PRO A 110 29.45 -9.02 -17.57
C PRO A 110 30.41 -7.82 -17.50
N GLY A 111 31.63 -8.09 -17.08
CA GLY A 111 32.50 -6.95 -16.91
C GLY A 111 32.15 -6.26 -15.62
N THR A 112 31.42 -5.16 -15.68
CA THR A 112 30.69 -4.73 -14.50
C THR A 112 29.54 -5.68 -14.27
N HIS A 113 29.15 -5.86 -13.02
CA HIS A 113 28.10 -6.81 -12.67
C HIS A 113 26.73 -6.15 -12.62
N ASP A 114 26.58 -4.94 -13.14
CA ASP A 114 25.31 -4.23 -13.16
C ASP A 114 24.42 -4.71 -14.31
N LEU A 115 23.30 -4.03 -14.49
CA LEU A 115 22.42 -4.20 -15.63
C LEU A 115 22.77 -3.20 -16.71
N LYS A 116 22.87 -3.69 -17.94
CA LYS A 116 22.97 -2.83 -19.10
C LYS A 116 21.57 -2.65 -19.65
N THR A 117 21.18 -1.40 -19.89
CA THR A 117 19.85 -1.10 -20.40
C THR A 117 19.95 -0.87 -21.90
N LEU A 118 19.20 -1.66 -22.66
CA LEU A 118 19.34 -1.57 -24.10
C LEU A 118 18.43 -0.53 -24.72
N SER A 119 17.23 -0.37 -24.21
CA SER A 119 16.27 0.52 -24.84
C SER A 119 15.26 1.01 -23.81
N LEU A 120 14.89 2.27 -23.96
CA LEU A 120 13.68 2.81 -23.36
C LEU A 120 12.70 3.14 -24.47
N HIS A 121 11.42 3.17 -24.11
CA HIS A 121 10.37 3.55 -25.04
C HIS A 121 9.32 4.32 -24.25
N TYR A 122 9.38 5.64 -24.29
CA TYR A 122 8.36 6.45 -23.66
C TYR A 122 7.13 6.49 -24.57
N PHE A 123 5.99 6.06 -24.03
CA PHE A 123 4.75 5.92 -24.78
C PHE A 123 3.61 6.69 -24.15
N GLU A 124 3.91 7.61 -23.24
CA GLU A 124 2.90 8.36 -22.52
C GLU A 124 2.60 9.66 -23.27
N GLU A 125 1.43 9.72 -23.90
CA GLU A 125 1.02 10.80 -24.77
C GLU A 125 -0.39 11.25 -24.41
N PRO A 126 -0.67 12.55 -24.50
CA PRO A 126 -2.03 13.01 -24.20
C PRO A 126 -3.05 12.58 -25.24
N GLU A 127 -2.63 12.32 -26.47
CA GLU A 127 -3.57 11.93 -27.52
C GLU A 127 -3.71 10.42 -27.66
N LEU A 128 -2.99 9.64 -26.86
CA LEU A 128 -3.22 8.20 -26.81
C LEU A 128 -4.27 7.80 -25.80
N ARG A 129 -4.46 8.58 -24.73
CA ARG A 129 -5.37 8.19 -23.68
C ARG A 129 -6.85 8.34 -24.06
N ASP A 130 -7.14 8.92 -25.23
CA ASP A 130 -8.49 9.09 -25.79
C ASP A 130 -9.37 9.93 -24.85
N GLY A 131 -8.78 10.91 -24.18
CA GLY A 131 -9.52 11.81 -23.33
C GLY A 131 -9.73 11.32 -21.91
N PHE A 132 -9.53 10.03 -21.65
CA PHE A 132 -9.68 9.50 -20.30
C PHE A 132 -8.48 9.92 -19.47
N VAL A 133 -8.74 10.63 -18.38
CA VAL A 133 -7.65 11.01 -17.48
C VAL A 133 -7.24 9.83 -16.60
N GLN A 134 -8.21 9.22 -15.91
CA GLN A 134 -7.91 8.22 -14.91
C GLN A 134 -7.53 6.91 -15.60
N ASN A 135 -6.26 6.56 -15.54
CA ASN A 135 -5.78 5.29 -16.09
C ASN A 135 -6.13 4.18 -15.13
N VAL A 136 -6.75 3.12 -15.65
CA VAL A 136 -7.07 1.95 -14.87
C VAL A 136 -6.31 0.72 -15.36
N HIS A 137 -6.18 0.58 -16.67
CA HIS A 137 -5.53 -0.59 -17.26
C HIS A 137 -4.02 -0.54 -17.04
N THR A 138 -3.45 -1.68 -16.77
CA THR A 138 -2.02 -1.86 -16.60
C THR A 138 -1.39 -2.32 -17.91
N PRO A 139 -0.17 -1.86 -18.19
CA PRO A 139 0.49 -2.29 -19.43
C PRO A 139 0.98 -3.72 -19.34
N ARG A 140 0.92 -4.42 -20.47
CA ARG A 140 1.13 -5.86 -20.52
C ARG A 140 2.08 -6.19 -21.67
N VAL A 141 3.25 -6.69 -21.34
CA VAL A 141 4.21 -7.11 -22.34
C VAL A 141 3.98 -8.58 -22.65
N ARG A 142 3.96 -8.94 -23.92
CA ARG A 142 3.99 -10.32 -24.36
C ARG A 142 5.06 -10.50 -25.42
N VAL A 143 5.62 -11.69 -25.50
CA VAL A 143 6.61 -12.01 -26.52
C VAL A 143 6.23 -13.29 -27.23
N ASP A 144 6.83 -13.50 -28.40
CA ASP A 144 6.59 -14.67 -29.21
C ASP A 144 7.20 -15.92 -28.59
N PRO A 145 6.64 -17.10 -28.88
CA PRO A 145 7.35 -18.33 -28.54
C PRO A 145 8.61 -18.50 -29.35
N ASP A 146 8.60 -18.08 -30.61
CA ASP A 146 9.76 -18.20 -31.47
C ASP A 146 10.63 -16.96 -31.45
N GLY A 147 10.21 -15.92 -30.74
CA GLY A 147 11.02 -14.73 -30.59
C GLY A 147 11.13 -13.86 -31.82
N ARG A 148 10.02 -13.64 -32.52
CA ARG A 148 10.04 -12.85 -33.74
C ARG A 148 9.68 -11.39 -33.48
N CYS A 149 8.75 -11.13 -32.57
CA CYS A 149 8.42 -9.77 -32.19
C CYS A 149 8.06 -9.74 -30.72
N ALA A 150 7.49 -8.62 -30.28
CA ALA A 150 7.09 -8.43 -28.90
C ALA A 150 6.02 -7.36 -28.87
N ALA A 151 5.01 -7.55 -28.04
CA ALA A 151 3.85 -6.69 -28.02
C ALA A 151 3.62 -6.11 -26.65
N MET A 152 3.06 -4.92 -26.61
CA MET A 152 2.66 -4.26 -25.38
C MET A 152 1.29 -3.63 -25.56
N LEU A 153 0.34 -4.00 -24.70
CA LEU A 153 -0.99 -3.41 -24.72
C LEU A 153 -0.97 -2.16 -23.86
N VAL A 154 -0.74 -1.02 -24.47
CA VAL A 154 -0.75 0.27 -23.78
C VAL A 154 -2.20 0.70 -23.59
N TYR A 155 -2.56 1.04 -22.35
CA TYR A 155 -3.80 1.72 -21.95
C TYR A 155 -5.05 0.89 -22.17
N GLY A 156 -4.93 -0.37 -22.60
CA GLY A 156 -6.09 -1.18 -22.87
C GLY A 156 -6.73 -0.95 -24.22
N THR A 157 -6.24 0.00 -25.01
CA THR A 157 -6.76 0.24 -26.35
C THR A 157 -5.69 0.39 -27.41
N ARG A 158 -4.42 0.23 -27.09
CA ARG A 158 -3.33 0.47 -28.02
C ARG A 158 -2.32 -0.66 -27.93
N LEU A 159 -1.93 -1.20 -29.07
CA LEU A 159 -0.90 -2.22 -29.15
C LEU A 159 0.38 -1.62 -29.70
N VAL A 160 1.48 -1.84 -28.98
CA VAL A 160 2.79 -1.45 -29.46
C VAL A 160 3.50 -2.71 -29.91
N VAL A 161 3.89 -2.75 -31.17
CA VAL A 161 4.58 -3.90 -31.73
C VAL A 161 6.06 -3.59 -31.81
N LEU A 162 6.88 -4.40 -31.15
CA LEU A 162 8.33 -4.28 -31.23
C LEU A 162 8.88 -5.34 -32.15
N PRO A 163 9.35 -5.00 -33.34
CA PRO A 163 9.94 -6.01 -34.20
C PRO A 163 11.35 -6.35 -33.79
N PHE A 164 11.73 -7.60 -34.06
CA PHE A 164 13.07 -8.10 -33.83
C PHE A 164 13.63 -8.59 -35.17
N ARG A 165 14.94 -8.80 -35.21
CA ARG A 165 15.55 -9.35 -36.42
C ARG A 165 15.17 -10.81 -36.64
N SER A 183 22.71 -2.66 -33.20
CA SER A 183 21.78 -2.97 -34.27
C SER A 183 21.13 -4.33 -34.05
N SER A 184 20.17 -4.38 -33.13
CA SER A 184 19.39 -5.59 -32.92
C SER A 184 17.89 -5.34 -32.85
N PHE A 185 17.46 -4.09 -32.78
CA PHE A 185 16.06 -3.74 -32.67
C PHE A 185 15.56 -3.21 -34.02
N LEU A 186 14.26 -3.00 -34.10
CA LEU A 186 13.61 -2.31 -35.19
C LEU A 186 12.62 -1.33 -34.60
N PRO A 187 12.35 -0.20 -35.26
CA PRO A 187 11.48 0.81 -34.65
C PRO A 187 10.05 0.35 -34.57
N SER A 188 9.42 0.64 -33.44
CA SER A 188 8.10 0.15 -33.13
C SER A 188 7.03 0.89 -33.92
N TYR A 189 5.80 0.39 -33.82
CA TYR A 189 4.65 1.05 -34.41
C TYR A 189 3.42 0.73 -33.59
N ILE A 190 2.61 1.74 -33.35
CA ILE A 190 1.42 1.59 -32.53
C ILE A 190 0.25 1.19 -33.42
N ILE A 191 -0.32 0.03 -33.17
CA ILE A 191 -1.54 -0.41 -33.82
C ILE A 191 -2.72 0.04 -32.98
N ASP A 192 -3.57 0.89 -33.54
CA ASP A 192 -4.78 1.26 -32.84
C ASP A 192 -5.75 0.09 -32.85
N VAL A 193 -6.18 -0.31 -31.67
CA VAL A 193 -6.99 -1.51 -31.53
C VAL A 193 -8.44 -1.22 -31.87
N ARG A 194 -9.01 -0.13 -31.33
CA ARG A 194 -10.42 0.15 -31.54
C ARG A 194 -10.73 0.57 -32.97
N ALA A 195 -9.73 0.89 -33.78
CA ALA A 195 -9.91 1.21 -35.18
C ALA A 195 -9.71 0.02 -36.09
N LEU A 196 -9.76 -1.20 -35.56
CA LEU A 196 -9.65 -2.39 -36.39
C LEU A 196 -11.02 -2.99 -36.64
N ASP A 197 -11.03 -4.16 -37.26
CA ASP A 197 -12.25 -4.93 -37.34
C ASP A 197 -12.64 -5.45 -35.96
N GLU A 198 -13.94 -5.70 -35.81
CA GLU A 198 -14.64 -6.29 -34.67
C GLU A 198 -14.74 -5.37 -33.46
N LYS A 199 -14.07 -4.21 -33.45
CA LYS A 199 -14.26 -3.12 -32.48
C LYS A 199 -14.04 -3.59 -31.04
N LEU A 200 -12.79 -3.85 -30.70
CA LEU A 200 -12.47 -4.51 -29.43
C LEU A 200 -12.90 -3.89 -28.12
N LEU A 201 -12.70 -2.59 -27.95
CA LEU A 201 -13.12 -1.86 -26.74
C LEU A 201 -12.52 -2.33 -25.39
N ASN A 202 -12.91 -3.52 -24.93
CA ASN A 202 -12.38 -4.04 -23.67
C ASN A 202 -11.53 -5.27 -23.90
N ILE A 203 -10.23 -5.17 -23.62
CA ILE A 203 -9.35 -6.32 -23.74
C ILE A 203 -9.24 -6.99 -22.38
N ILE A 204 -9.29 -8.32 -22.36
CA ILE A 204 -9.17 -9.06 -21.11
C ILE A 204 -7.78 -9.63 -20.99
N ASP A 205 -7.38 -10.48 -21.94
CA ASP A 205 -6.04 -11.03 -21.95
C ASP A 205 -5.66 -11.30 -23.39
N LEU A 206 -4.36 -11.33 -23.64
CA LEU A 206 -3.85 -11.55 -24.97
C LEU A 206 -2.57 -12.35 -24.90
N GLN A 207 -2.39 -13.30 -25.81
CA GLN A 207 -1.21 -14.13 -25.87
C GLN A 207 -0.80 -14.25 -27.33
N PHE A 208 0.42 -14.69 -27.56
CA PHE A 208 0.79 -15.16 -28.88
C PHE A 208 0.58 -16.67 -28.94
N LEU A 209 0.19 -17.16 -30.11
CA LEU A 209 -0.09 -18.57 -30.29
C LEU A 209 1.12 -19.27 -30.89
N HIS A 210 1.11 -20.60 -30.81
CA HIS A 210 2.17 -21.42 -31.37
C HIS A 210 1.79 -21.90 -32.77
N GLY A 211 2.76 -22.49 -33.47
CA GLY A 211 2.63 -22.74 -34.89
C GLY A 211 2.92 -21.44 -35.61
N TYR A 212 2.16 -21.13 -36.68
CA TYR A 212 1.93 -19.75 -37.11
C TYR A 212 3.18 -18.97 -37.51
N TYR A 213 3.70 -19.24 -38.71
CA TYR A 213 4.86 -18.53 -39.28
C TYR A 213 4.80 -17.01 -39.12
N GLU A 214 3.62 -16.42 -39.21
CA GLU A 214 3.51 -15.03 -38.77
C GLU A 214 3.13 -14.99 -37.29
N PRO A 215 3.69 -14.04 -36.52
CA PRO A 215 3.44 -14.03 -35.08
C PRO A 215 2.01 -13.66 -34.72
N THR A 216 1.15 -14.68 -34.73
CA THR A 216 -0.26 -14.50 -34.47
C THR A 216 -0.52 -14.11 -33.02
N LEU A 217 -1.23 -13.01 -32.84
CA LEU A 217 -1.60 -12.51 -31.51
C LEU A 217 -3.07 -12.82 -31.27
N LEU A 218 -3.34 -13.68 -30.30
CA LEU A 218 -4.72 -13.89 -29.87
C LEU A 218 -5.09 -12.82 -28.86
N ILE A 219 -6.36 -12.42 -28.86
CA ILE A 219 -6.86 -11.39 -27.96
C ILE A 219 -8.23 -11.82 -27.45
N LEU A 220 -8.38 -11.95 -26.14
CA LEU A 220 -9.71 -11.94 -25.54
C LEU A 220 -10.20 -10.51 -25.43
N PHE A 221 -11.46 -10.29 -25.74
CA PHE A 221 -12.06 -8.98 -25.55
C PHE A 221 -13.55 -9.12 -25.30
N GLU A 222 -14.19 -8.00 -25.02
CA GLU A 222 -15.64 -7.91 -24.87
C GLU A 222 -16.14 -6.70 -25.63
N PRO A 223 -16.81 -6.89 -26.77
CA PRO A 223 -17.37 -5.73 -27.47
C PRO A 223 -18.55 -5.12 -26.74
N ASN A 224 -19.31 -5.90 -25.99
CA ASN A 224 -20.44 -5.43 -25.20
C ASN A 224 -20.27 -5.89 -23.77
N GLN A 225 -19.67 -5.03 -22.94
CA GLN A 225 -19.27 -5.43 -21.61
C GLN A 225 -20.46 -5.44 -20.65
N THR A 226 -20.49 -6.44 -19.77
CA THR A 226 -21.57 -6.61 -18.83
C THR A 226 -21.00 -6.86 -17.43
N TRP A 227 -21.91 -7.02 -16.47
CA TRP A 227 -21.55 -7.15 -15.07
C TRP A 227 -22.11 -8.43 -14.49
N PRO A 228 -21.28 -9.27 -13.86
CA PRO A 228 -21.78 -10.38 -13.04
C PRO A 228 -22.72 -9.91 -11.95
N GLY A 229 -23.99 -10.24 -12.11
CA GLY A 229 -25.07 -9.64 -11.35
C GLY A 229 -26.12 -8.99 -12.22
N ARG A 230 -25.76 -8.63 -13.44
CA ARG A 230 -26.73 -8.22 -14.44
C ARG A 230 -26.57 -9.19 -15.60
N VAL A 231 -27.11 -10.40 -15.43
CA VAL A 231 -27.15 -11.33 -16.53
C VAL A 231 -28.60 -11.79 -16.62
N ALA A 232 -29.42 -10.94 -17.21
CA ALA A 232 -30.63 -11.32 -17.90
C ALA A 232 -30.84 -10.49 -19.14
N VAL A 233 -30.18 -9.35 -19.26
CA VAL A 233 -30.22 -8.53 -20.45
C VAL A 233 -28.96 -8.64 -21.28
N ARG A 234 -27.84 -9.05 -20.69
CA ARG A 234 -26.65 -9.41 -21.46
C ARG A 234 -26.22 -10.79 -20.99
N GLN A 235 -26.51 -11.81 -21.79
CA GLN A 235 -26.25 -13.18 -21.40
C GLN A 235 -24.77 -13.49 -21.37
N ASP A 236 -24.11 -13.42 -22.52
CA ASP A 236 -22.69 -13.73 -22.58
C ASP A 236 -22.07 -13.01 -23.77
N THR A 237 -21.01 -12.26 -23.50
CA THR A 237 -20.31 -11.50 -24.53
C THR A 237 -18.82 -11.54 -24.20
N CYS A 238 -18.13 -12.51 -24.78
CA CYS A 238 -16.68 -12.51 -24.86
C CYS A 238 -16.31 -13.06 -26.21
N SER A 239 -15.23 -12.56 -26.77
CA SER A 239 -14.89 -12.89 -28.14
C SER A 239 -13.39 -13.05 -28.27
N ILE A 240 -12.96 -13.60 -29.38
CA ILE A 240 -11.55 -13.86 -29.64
C ILE A 240 -11.22 -13.49 -31.08
N VAL A 241 -10.22 -12.64 -31.25
CA VAL A 241 -9.60 -12.33 -32.53
C VAL A 241 -8.16 -12.80 -32.49
N ALA A 242 -7.76 -13.62 -33.46
CA ALA A 242 -6.37 -14.02 -33.61
C ALA A 242 -5.75 -13.19 -34.73
N ILE A 243 -5.29 -12.00 -34.39
CA ILE A 243 -4.75 -11.09 -35.39
C ILE A 243 -3.38 -11.58 -35.82
N SER A 244 -3.13 -11.54 -37.13
CA SER A 244 -1.90 -12.07 -37.72
C SER A 244 -1.06 -10.91 -38.22
N LEU A 245 0.11 -10.73 -37.64
CA LEU A 245 0.86 -9.51 -37.78
C LEU A 245 1.91 -9.66 -38.88
N ASN A 246 1.81 -8.83 -39.90
CA ASN A 246 2.93 -8.67 -40.84
C ASN A 246 3.86 -7.61 -40.29
N ILE A 247 5.10 -7.99 -40.03
CA ILE A 247 6.08 -7.04 -39.53
C ILE A 247 6.54 -6.11 -40.65
N THR A 248 6.82 -6.68 -41.82
CA THR A 248 7.36 -5.90 -42.92
C THR A 248 6.27 -5.05 -43.57
N GLN A 249 5.12 -5.66 -43.88
CA GLN A 249 4.05 -4.95 -44.56
C GLN A 249 3.27 -4.04 -43.62
N LYS A 250 3.39 -4.26 -42.31
CA LYS A 250 2.74 -3.48 -41.26
C LYS A 250 1.22 -3.46 -41.41
N VAL A 251 0.66 -4.57 -41.88
CA VAL A 251 -0.77 -4.81 -41.91
C VAL A 251 -1.08 -6.06 -41.09
N HIS A 252 -2.35 -6.23 -40.79
CA HIS A 252 -2.80 -7.22 -39.83
C HIS A 252 -4.25 -7.61 -40.03
N PRO A 253 -4.52 -8.75 -40.67
CA PRO A 253 -5.89 -9.19 -40.88
C PRO A 253 -6.39 -10.14 -39.80
N VAL A 254 -7.68 -10.04 -39.53
CA VAL A 254 -8.31 -10.88 -38.53
C VAL A 254 -8.62 -12.24 -39.13
N ILE A 255 -8.08 -13.29 -38.54
CA ILE A 255 -8.50 -14.65 -38.83
C ILE A 255 -9.04 -15.26 -37.55
N TRP A 256 -9.97 -16.22 -37.70
CA TRP A 256 -10.46 -17.08 -36.63
C TRP A 256 -11.12 -16.28 -35.50
N SER A 257 -12.31 -15.78 -35.80
CA SER A 257 -13.15 -15.11 -34.81
C SER A 257 -14.08 -16.11 -34.11
N LEU A 258 -14.38 -15.84 -32.85
CA LEU A 258 -15.52 -16.43 -32.15
C LEU A 258 -16.25 -15.31 -31.43
N THR A 259 -17.52 -15.53 -31.10
CA THR A 259 -18.32 -14.40 -30.64
C THR A 259 -19.34 -14.68 -29.54
N SER A 260 -19.41 -15.89 -28.99
CA SER A 260 -20.43 -16.11 -27.97
C SER A 260 -19.89 -16.90 -26.78
N LEU A 261 -18.65 -16.63 -26.38
CA LEU A 261 -18.04 -17.21 -25.20
C LEU A 261 -18.76 -16.72 -23.94
N PRO A 262 -18.60 -17.40 -22.78
CA PRO A 262 -19.32 -16.97 -21.58
C PRO A 262 -18.92 -15.59 -21.10
N PHE A 263 -19.78 -14.99 -20.27
CA PHE A 263 -19.67 -13.57 -19.98
C PHE A 263 -18.43 -13.24 -19.14
N ASP A 264 -17.94 -14.21 -18.38
CA ASP A 264 -16.85 -13.98 -17.44
C ASP A 264 -15.66 -14.86 -17.81
N CYS A 265 -14.84 -14.38 -18.74
CA CYS A 265 -13.63 -15.08 -19.12
C CYS A 265 -12.44 -14.36 -18.50
N THR A 266 -11.69 -15.08 -17.71
CA THR A 266 -10.37 -14.63 -17.26
C THR A 266 -9.34 -15.16 -18.25
N GLN A 267 -8.06 -15.20 -17.83
CA GLN A 267 -6.88 -15.35 -18.68
C GLN A 267 -6.96 -16.49 -19.70
N ALA A 268 -6.33 -16.26 -20.85
CA ALA A 268 -6.20 -17.24 -21.91
C ALA A 268 -4.78 -17.81 -21.90
N LEU A 269 -4.65 -19.08 -22.25
CA LEU A 269 -3.36 -19.76 -22.21
C LEU A 269 -3.05 -20.39 -23.55
N ALA A 270 -1.91 -20.04 -24.11
CA ALA A 270 -1.48 -20.61 -25.37
C ALA A 270 -1.07 -22.06 -25.15
N VAL A 271 -1.78 -22.98 -25.78
CA VAL A 271 -1.42 -24.40 -25.74
C VAL A 271 -0.17 -24.60 -26.58
N PRO A 272 0.81 -25.37 -26.11
CA PRO A 272 2.09 -25.45 -26.83
C PRO A 272 2.06 -26.18 -28.17
N LYS A 273 3.25 -26.33 -28.74
CA LYS A 273 3.41 -26.53 -30.18
C LYS A 273 2.83 -27.82 -30.79
N PRO A 274 2.96 -29.03 -30.21
CA PRO A 274 2.43 -30.20 -30.92
C PRO A 274 0.91 -30.29 -30.97
N ILE A 275 0.23 -29.69 -30.00
CA ILE A 275 -1.23 -29.69 -29.98
C ILE A 275 -1.84 -28.39 -30.50
N GLY A 276 -1.24 -27.27 -30.12
CA GLY A 276 -1.71 -25.96 -30.55
C GLY A 276 -2.97 -25.51 -29.85
N GLY A 277 -3.61 -24.47 -30.37
CA GLY A 277 -4.83 -23.98 -29.76
C GLY A 277 -4.67 -23.07 -28.57
N VAL A 278 -5.73 -22.94 -27.79
CA VAL A 278 -5.76 -22.07 -26.62
C VAL A 278 -6.80 -22.64 -25.65
N VAL A 279 -6.48 -22.61 -24.36
CA VAL A 279 -7.45 -22.88 -23.31
C VAL A 279 -7.81 -21.57 -22.64
N VAL A 280 -9.11 -21.29 -22.58
CA VAL A 280 -9.61 -20.03 -22.08
C VAL A 280 -10.29 -20.32 -20.75
N PHE A 281 -9.67 -19.90 -19.66
CA PHE A 281 -10.28 -20.06 -18.35
C PHE A 281 -11.48 -19.15 -18.22
N ALA A 282 -12.57 -19.69 -17.72
CA ALA A 282 -13.68 -18.87 -17.28
C ALA A 282 -13.85 -19.12 -15.79
N VAL A 283 -14.73 -18.33 -15.18
CA VAL A 283 -14.95 -18.42 -13.75
C VAL A 283 -15.60 -19.76 -13.40
N ASN A 284 -16.59 -20.18 -14.18
CA ASN A 284 -17.32 -21.40 -13.90
C ASN A 284 -17.16 -22.46 -14.97
N SER A 285 -16.40 -22.21 -16.02
CA SER A 285 -16.29 -23.18 -17.10
C SER A 285 -14.85 -23.22 -17.60
N LEU A 286 -14.63 -24.02 -18.62
CA LEU A 286 -13.29 -24.19 -19.18
C LEU A 286 -13.44 -24.62 -20.63
N LEU A 287 -12.76 -23.92 -21.52
CA LEU A 287 -12.90 -24.08 -22.95
C LEU A 287 -11.56 -24.40 -23.57
N TYR A 288 -11.59 -25.18 -24.65
CA TYR A 288 -10.45 -25.34 -25.52
C TYR A 288 -10.86 -24.89 -26.91
N LEU A 289 -10.04 -24.06 -27.54
CA LEU A 289 -10.39 -23.44 -28.81
C LEU A 289 -9.27 -23.61 -29.81
N ASN A 290 -9.65 -23.89 -31.05
CA ASN A 290 -8.68 -24.03 -32.14
C ASN A 290 -9.42 -23.68 -33.43
N GLN A 291 -8.68 -23.34 -34.49
CA GLN A 291 -9.38 -22.76 -35.63
C GLN A 291 -9.97 -23.82 -36.57
N SER A 292 -9.43 -25.03 -36.57
CA SER A 292 -10.00 -26.08 -37.38
C SER A 292 -10.99 -26.94 -36.62
N VAL A 293 -10.84 -27.01 -35.30
CA VAL A 293 -11.66 -27.89 -34.45
C VAL A 293 -12.91 -27.14 -34.03
N PRO A 294 -14.07 -27.79 -33.90
CA PRO A 294 -15.22 -27.16 -33.25
C PRO A 294 -14.93 -26.84 -31.80
N PRO A 295 -15.59 -25.83 -31.24
CA PRO A 295 -15.29 -25.42 -29.85
C PRO A 295 -15.69 -26.44 -28.80
N TYR A 296 -14.70 -27.03 -28.14
CA TYR A 296 -14.94 -27.93 -27.03
C TYR A 296 -14.84 -27.14 -25.73
N GLY A 297 -15.86 -27.27 -24.88
CA GLY A 297 -15.84 -26.57 -23.61
C GLY A 297 -16.71 -27.22 -22.56
N VAL A 298 -16.19 -27.38 -21.35
CA VAL A 298 -16.91 -28.01 -20.27
C VAL A 298 -17.17 -27.00 -19.18
N ALA A 299 -18.14 -27.30 -18.34
CA ALA A 299 -18.40 -26.52 -17.15
C ALA A 299 -17.75 -27.19 -15.95
N LEU A 300 -17.72 -26.46 -14.84
CA LEU A 300 -17.02 -26.95 -13.66
C LEU A 300 -17.94 -27.11 -12.46
N ASN A 301 -18.71 -26.08 -12.14
CA ASN A 301 -19.77 -26.16 -11.15
C ASN A 301 -21.07 -25.78 -11.81
N SER A 302 -22.19 -26.09 -11.17
CA SER A 302 -23.50 -25.79 -11.76
C SER A 302 -23.93 -24.37 -11.42
N LEU A 303 -23.12 -23.42 -11.87
CA LEU A 303 -23.52 -22.03 -11.95
C LEU A 303 -23.63 -21.60 -13.40
N THR A 304 -23.59 -22.55 -14.33
CA THR A 304 -23.92 -22.32 -15.72
C THR A 304 -25.35 -22.72 -16.04
N THR A 305 -26.28 -22.60 -15.10
CA THR A 305 -27.65 -22.98 -15.38
C THR A 305 -28.35 -21.95 -16.25
N GLY A 306 -28.51 -20.73 -15.74
CA GLY A 306 -29.22 -19.69 -16.45
C GLY A 306 -28.37 -18.53 -16.91
N THR A 307 -27.04 -18.63 -16.83
CA THR A 307 -26.18 -17.50 -17.10
C THR A 307 -25.40 -17.62 -18.40
N THR A 308 -25.34 -18.80 -18.99
CA THR A 308 -24.51 -19.03 -20.16
C THR A 308 -25.24 -19.97 -21.11
N ALA A 309 -25.43 -19.52 -22.34
CA ALA A 309 -26.02 -20.33 -23.39
C ALA A 309 -24.99 -20.98 -24.29
N PHE A 310 -23.71 -20.83 -23.96
CA PHE A 310 -22.67 -21.52 -24.71
C PHE A 310 -22.78 -23.01 -24.47
N PRO A 311 -22.61 -23.84 -25.50
CA PRO A 311 -22.77 -25.28 -25.32
C PRO A 311 -21.66 -25.92 -24.48
N LEU A 312 -22.00 -26.25 -23.24
CA LEU A 312 -21.04 -26.71 -22.26
C LEU A 312 -21.40 -28.11 -21.78
N ARG A 313 -20.40 -28.94 -21.60
CA ARG A 313 -20.57 -30.28 -21.04
C ARG A 313 -20.56 -30.20 -19.52
N THR A 314 -20.34 -31.34 -18.86
CA THR A 314 -20.21 -31.39 -17.41
C THR A 314 -19.00 -32.22 -17.07
N GLN A 315 -17.99 -31.59 -16.47
CA GLN A 315 -16.83 -32.32 -16.01
C GLN A 315 -17.17 -33.09 -14.74
N GLU A 316 -16.77 -34.35 -14.68
CA GLU A 316 -17.26 -35.25 -13.64
C GLU A 316 -16.32 -35.25 -12.44
N GLY A 317 -16.91 -35.36 -11.25
CA GLY A 317 -16.14 -35.43 -10.02
C GLY A 317 -15.43 -34.15 -9.66
N VAL A 318 -15.93 -33.02 -10.11
CA VAL A 318 -15.24 -31.73 -10.02
C VAL A 318 -16.25 -30.66 -9.66
N ARG A 319 -15.96 -29.88 -8.62
CA ARG A 319 -16.66 -28.62 -8.34
C ARG A 319 -15.63 -27.59 -7.86
N ILE A 320 -15.02 -26.88 -8.80
CA ILE A 320 -14.06 -25.84 -8.50
C ILE A 320 -14.31 -24.64 -9.41
N THR A 321 -13.64 -23.53 -9.10
CA THR A 321 -13.85 -22.30 -9.82
C THR A 321 -12.51 -21.68 -10.19
N LEU A 322 -12.44 -21.11 -11.38
CA LEU A 322 -11.20 -20.56 -11.92
C LEU A 322 -11.38 -19.07 -12.08
N ASP A 323 -11.19 -18.33 -10.99
CA ASP A 323 -11.41 -16.90 -11.08
C ASP A 323 -10.18 -16.08 -10.73
N CYS A 324 -9.36 -16.53 -9.79
CA CYS A 324 -7.99 -16.06 -9.67
C CYS A 324 -7.13 -17.31 -9.68
N ALA A 325 -6.83 -17.80 -10.89
CA ALA A 325 -6.07 -19.02 -11.04
C ALA A 325 -4.86 -18.73 -11.89
N GLN A 326 -3.71 -19.19 -11.44
CA GLN A 326 -2.46 -19.05 -12.17
C GLN A 326 -2.08 -20.41 -12.72
N ALA A 327 -1.69 -20.48 -13.98
CA ALA A 327 -1.48 -21.78 -14.57
C ALA A 327 -0.30 -21.75 -15.52
N THR A 328 0.24 -22.93 -15.79
CA THR A 328 1.40 -23.07 -16.63
C THR A 328 1.37 -24.45 -17.26
N PHE A 329 2.19 -24.65 -18.27
CA PHE A 329 2.27 -25.93 -18.97
C PHE A 329 3.53 -26.67 -18.57
N ILE A 330 3.32 -27.84 -18.00
CA ILE A 330 4.38 -28.73 -17.60
C ILE A 330 4.42 -29.65 -18.78
N SER A 331 5.60 -29.73 -19.40
CA SER A 331 5.79 -30.53 -20.60
C SER A 331 4.78 -29.98 -21.58
N TYR A 332 4.05 -30.87 -22.22
CA TYR A 332 2.99 -30.51 -23.14
C TYR A 332 1.82 -31.43 -22.80
N ASP A 333 0.60 -30.93 -23.01
CA ASP A 333 -0.66 -31.66 -22.74
C ASP A 333 -1.01 -31.89 -21.26
N LYS A 334 -0.31 -31.17 -20.39
CA LYS A 334 -0.52 -31.20 -18.95
C LYS A 334 -0.58 -29.76 -18.49
N MET A 335 -1.23 -29.48 -17.38
CA MET A 335 -1.32 -28.09 -16.94
C MET A 335 -1.59 -28.03 -15.45
N VAL A 336 -0.67 -27.40 -14.72
CA VAL A 336 -0.82 -27.21 -13.28
C VAL A 336 -1.54 -25.90 -13.05
N ILE A 337 -2.66 -25.94 -12.32
CA ILE A 337 -3.51 -24.79 -12.11
C ILE A 337 -3.59 -24.51 -10.62
N SER A 338 -2.92 -23.45 -10.17
CA SER A 338 -3.01 -23.03 -8.78
C SER A 338 -4.26 -22.17 -8.65
N LEU A 339 -5.29 -22.71 -8.03
CA LEU A 339 -6.55 -22.01 -7.87
C LEU A 339 -6.41 -20.92 -6.82
N LYS A 340 -7.51 -20.22 -6.56
CA LYS A 340 -7.62 -19.53 -5.28
C LYS A 340 -7.87 -20.59 -4.22
N GLY A 341 -7.45 -20.29 -2.99
CA GLY A 341 -7.41 -21.34 -2.00
C GLY A 341 -6.15 -22.17 -2.07
N GLY A 342 -5.25 -21.89 -2.99
CA GLY A 342 -3.95 -22.51 -3.02
C GLY A 342 -3.91 -23.94 -3.53
N GLU A 343 -5.03 -24.47 -3.99
CA GLU A 343 -5.10 -25.87 -4.37
C GLU A 343 -4.55 -26.06 -5.78
N ILE A 344 -3.85 -27.16 -5.98
CA ILE A 344 -3.12 -27.41 -7.21
C ILE A 344 -3.79 -28.55 -7.94
N TYR A 345 -4.25 -28.30 -9.16
CA TYR A 345 -4.79 -29.37 -9.99
C TYR A 345 -3.86 -29.60 -11.17
N VAL A 346 -3.93 -30.79 -11.74
CA VAL A 346 -3.18 -31.12 -12.94
C VAL A 346 -4.18 -31.50 -14.01
N LEU A 347 -4.38 -30.63 -14.98
CA LEU A 347 -5.24 -30.92 -16.11
C LEU A 347 -4.45 -31.57 -17.21
N THR A 348 -4.88 -32.75 -17.62
CA THR A 348 -4.34 -33.43 -18.79
C THR A 348 -5.30 -33.23 -19.96
N LEU A 349 -4.80 -32.72 -21.06
CA LEU A 349 -5.59 -32.58 -22.28
C LEU A 349 -5.64 -33.94 -22.95
N ILE A 350 -6.77 -34.63 -22.85
CA ILE A 350 -6.91 -35.96 -23.45
C ILE A 350 -6.93 -35.79 -24.96
N THR A 351 -5.91 -36.32 -25.62
CA THR A 351 -5.69 -36.08 -27.05
C THR A 351 -5.99 -37.34 -27.84
N ASP A 352 -6.70 -37.19 -28.94
CA ASP A 352 -6.96 -38.29 -29.86
C ASP A 352 -5.79 -38.43 -30.83
N GLY A 353 -6.00 -39.19 -31.91
CA GLY A 353 -4.94 -39.35 -32.89
C GLY A 353 -4.81 -38.16 -33.81
N MET A 354 -5.85 -37.35 -33.93
CA MET A 354 -5.88 -36.19 -34.83
C MET A 354 -5.16 -34.97 -34.25
N ARG A 355 -4.47 -35.13 -33.11
CA ARG A 355 -3.95 -34.02 -32.30
C ARG A 355 -5.05 -33.01 -31.96
N SER A 356 -6.25 -33.53 -31.72
CA SER A 356 -7.38 -32.77 -31.24
C SER A 356 -7.67 -33.18 -29.80
N VAL A 357 -8.63 -32.50 -29.18
CA VAL A 357 -8.93 -32.71 -27.77
C VAL A 357 -10.28 -33.38 -27.65
N ARG A 358 -10.30 -34.54 -27.00
CA ARG A 358 -11.56 -35.23 -26.71
C ARG A 358 -12.21 -34.68 -25.45
N ALA A 359 -11.52 -34.73 -24.32
CA ALA A 359 -12.09 -34.26 -23.07
C ALA A 359 -10.96 -33.82 -22.15
N PHE A 360 -11.33 -33.49 -20.92
CA PHE A 360 -10.43 -32.94 -19.92
C PHE A 360 -10.39 -33.88 -18.72
N HIS A 361 -9.25 -33.95 -18.05
CA HIS A 361 -9.11 -34.80 -16.87
C HIS A 361 -8.50 -34.02 -15.72
N PHE A 362 -9.18 -34.04 -14.59
CA PHE A 362 -8.80 -33.30 -13.40
C PHE A 362 -8.45 -34.26 -12.26
N ASP A 363 -7.50 -33.84 -11.42
CA ASP A 363 -7.22 -34.54 -10.18
C ASP A 363 -6.77 -33.54 -9.13
N LYS A 364 -7.09 -33.84 -7.88
CA LYS A 364 -6.81 -32.93 -6.77
C LYS A 364 -5.48 -33.31 -6.14
N ALA A 365 -4.44 -32.55 -6.45
CA ALA A 365 -3.14 -32.77 -5.87
C ALA A 365 -2.99 -31.91 -4.60
N ALA A 366 -1.76 -31.73 -4.14
CA ALA A 366 -1.51 -31.11 -2.85
C ALA A 366 -1.79 -29.60 -2.88
N ALA A 367 -2.22 -29.08 -1.74
CA ALA A 367 -2.50 -27.66 -1.62
C ALA A 367 -1.24 -26.90 -1.23
N SER A 368 -1.21 -25.62 -1.58
CA SER A 368 0.00 -24.82 -1.41
C SER A 368 -0.38 -23.36 -1.20
N VAL A 369 0.58 -22.46 -1.44
CA VAL A 369 0.43 -21.05 -1.12
C VAL A 369 -0.51 -20.36 -2.12
N LEU A 370 -1.17 -19.31 -1.66
CA LEU A 370 -2.02 -18.48 -2.50
C LEU A 370 -1.18 -17.67 -3.47
N THR A 371 -0.96 -18.18 -4.68
CA THR A 371 0.06 -17.63 -5.54
C THR A 371 -0.38 -16.32 -6.18
N THR A 372 0.61 -15.57 -6.65
CA THR A 372 0.40 -14.52 -7.63
C THR A 372 1.20 -14.76 -8.89
N SER A 373 1.96 -15.84 -8.96
CA SER A 373 2.70 -16.21 -10.14
C SER A 373 2.92 -17.71 -10.13
N MET A 374 3.49 -18.22 -11.22
CA MET A 374 3.63 -19.65 -11.44
C MET A 374 4.60 -19.93 -12.58
N VAL A 375 5.66 -20.70 -12.32
CA VAL A 375 6.70 -20.97 -13.31
C VAL A 375 7.18 -22.41 -13.16
N THR A 376 7.24 -23.15 -14.26
CA THR A 376 8.02 -24.38 -14.29
C THR A 376 9.49 -24.06 -14.46
N MET A 377 10.31 -24.58 -13.57
CA MET A 377 11.71 -24.36 -13.70
C MET A 377 12.09 -25.60 -14.45
N GLU A 378 13.04 -26.31 -13.90
CA GLU A 378 13.52 -27.55 -14.50
C GLU A 378 12.44 -28.61 -14.39
N PRO A 379 12.61 -29.75 -15.08
CA PRO A 379 11.55 -30.75 -14.94
C PRO A 379 11.48 -31.20 -13.48
N GLY A 380 10.28 -31.17 -12.93
CA GLY A 380 10.06 -31.48 -11.54
C GLY A 380 10.11 -30.32 -10.55
N TYR A 381 10.24 -29.06 -11.00
CA TYR A 381 10.26 -27.98 -10.04
C TYR A 381 9.31 -26.88 -10.47
N LEU A 382 8.58 -26.34 -9.50
CA LEU A 382 7.62 -25.27 -9.75
C LEU A 382 7.80 -24.18 -8.71
N PHE A 383 8.14 -22.97 -9.14
CA PHE A 383 8.16 -21.85 -8.22
C PHE A 383 6.76 -21.28 -8.14
N LEU A 384 6.36 -20.85 -6.95
CA LEU A 384 5.02 -20.33 -6.71
C LEU A 384 5.14 -18.94 -6.10
N GLY A 385 5.30 -17.93 -6.94
CA GLY A 385 5.51 -16.60 -6.44
C GLY A 385 4.27 -15.99 -5.86
N SER A 386 4.29 -15.66 -4.58
CA SER A 386 3.11 -15.13 -3.91
C SER A 386 3.44 -13.86 -3.15
N ARG A 387 2.57 -12.86 -3.29
CA ARG A 387 2.62 -11.69 -2.43
C ARG A 387 2.32 -12.04 -1.00
N LEU A 388 1.17 -12.66 -0.78
CA LEU A 388 0.69 -12.99 0.54
C LEU A 388 0.96 -14.45 0.83
N GLY A 389 1.90 -14.70 1.73
CA GLY A 389 2.42 -16.02 1.94
C GLY A 389 3.86 -16.16 1.47
N ASN A 390 4.53 -17.20 1.99
CA ASN A 390 5.90 -17.47 1.58
C ASN A 390 5.91 -18.08 0.20
N SER A 391 6.55 -17.42 -0.74
CA SER A 391 6.61 -17.93 -2.10
C SER A 391 7.62 -19.07 -2.17
N LEU A 392 7.14 -20.28 -2.42
CA LEU A 392 8.00 -21.45 -2.28
C LEU A 392 8.15 -22.21 -3.58
N LEU A 393 9.08 -23.15 -3.55
CA LEU A 393 9.44 -24.01 -4.66
C LEU A 393 8.98 -25.44 -4.41
N LEU A 394 8.36 -26.05 -5.42
CA LEU A 394 7.82 -27.39 -5.29
C LEU A 394 8.67 -28.41 -6.04
N LYS A 395 8.35 -29.67 -5.81
CA LYS A 395 8.93 -30.77 -6.56
C LYS A 395 7.86 -31.82 -6.78
N TYR A 396 7.69 -32.25 -8.03
CA TYR A 396 6.65 -33.21 -8.38
C TYR A 396 7.26 -34.40 -9.10
N THR A 397 6.78 -35.60 -8.77
CA THR A 397 7.07 -36.81 -9.53
C THR A 397 5.77 -37.57 -9.74
N GLU A 398 5.78 -38.48 -10.70
CA GLU A 398 4.59 -39.25 -11.00
C GLU A 398 4.39 -40.35 -9.96
N LYS A 399 3.15 -40.77 -9.82
CA LYS A 399 2.77 -41.79 -8.85
C LYS A 399 2.53 -43.12 -9.55
N LEU A 400 2.73 -44.21 -8.81
CA LEU A 400 2.65 -45.53 -9.39
C LEU A 400 1.46 -46.33 -8.85
N ALA A 459 1.10 -40.22 -14.89
CA ALA A 459 -0.05 -39.37 -15.13
C ALA A 459 -0.41 -38.57 -13.89
N THR A 460 -0.57 -39.26 -12.77
CA THR A 460 -0.94 -38.65 -11.50
C THR A 460 0.33 -38.21 -10.77
N TYR A 461 0.34 -36.97 -10.31
CA TYR A 461 1.51 -36.36 -9.68
C TYR A 461 1.30 -36.19 -8.18
N SER A 462 2.42 -36.00 -7.49
CA SER A 462 2.45 -35.72 -6.06
C SER A 462 3.52 -34.67 -5.81
N PHE A 463 3.17 -33.64 -5.05
CA PHE A 463 4.00 -32.45 -4.92
C PHE A 463 4.72 -32.45 -3.58
N GLU A 464 6.03 -32.19 -3.63
CA GLU A 464 6.87 -32.09 -2.44
C GLU A 464 7.44 -30.68 -2.36
N VAL A 465 7.70 -30.22 -1.15
CA VAL A 465 8.00 -28.82 -0.89
C VAL A 465 9.48 -28.69 -0.55
N CYS A 466 10.25 -28.23 -1.52
CA CYS A 466 11.69 -28.03 -1.36
C CYS A 466 12.24 -26.86 -0.54
N ASP A 467 11.74 -25.66 -0.81
CA ASP A 467 12.24 -24.46 -0.14
C ASP A 467 11.20 -23.36 -0.21
N SER A 468 11.24 -22.42 0.72
CA SER A 468 10.30 -21.31 0.72
C SER A 468 10.99 -19.99 1.01
N ILE A 469 10.66 -18.95 0.26
CA ILE A 469 11.21 -17.62 0.47
C ILE A 469 10.40 -16.82 1.48
N LEU A 470 11.04 -16.39 2.57
CA LEU A 470 10.32 -15.69 3.63
C LEU A 470 9.72 -14.40 3.10
N ASN A 471 8.55 -14.05 3.62
CA ASN A 471 7.73 -12.98 3.07
C ASN A 471 6.97 -12.34 4.22
N ILE A 472 7.18 -11.04 4.41
CA ILE A 472 6.28 -10.23 5.21
C ILE A 472 5.21 -9.75 4.25
N GLY A 473 3.97 -10.19 4.46
CA GLY A 473 2.94 -9.98 3.47
C GLY A 473 2.37 -8.59 3.47
N PRO A 474 1.12 -8.47 3.07
CA PRO A 474 0.45 -7.16 3.07
C PRO A 474 0.16 -6.68 4.48
N CYS A 475 1.11 -5.93 5.05
CA CYS A 475 1.08 -5.49 6.43
C CYS A 475 -0.13 -4.62 6.71
N ALA A 476 -1.13 -5.18 7.38
CA ALA A 476 -2.43 -4.53 7.50
C ALA A 476 -2.48 -3.59 8.70
N ASN A 477 -2.22 -4.11 9.88
CA ASN A 477 -2.04 -3.30 11.06
C ASN A 477 -0.84 -3.83 11.81
N ALA A 478 0.06 -2.96 12.22
CA ALA A 478 1.27 -3.37 12.91
C ALA A 478 1.47 -2.51 14.14
N ALA A 479 1.72 -3.15 15.27
CA ALA A 479 1.76 -2.48 16.57
C ALA A 479 3.13 -2.64 17.20
N VAL A 480 3.66 -1.53 17.71
CA VAL A 480 4.94 -1.49 18.39
C VAL A 480 4.77 -2.10 19.77
N GLY A 481 5.69 -2.97 20.16
CA GLY A 481 5.66 -3.59 21.47
C GLY A 481 7.06 -3.80 22.00
N GLU A 482 7.13 -4.29 23.22
CA GLU A 482 8.36 -4.45 23.97
C GLU A 482 8.76 -5.92 24.03
N PRO A 483 10.03 -6.27 23.92
CA PRO A 483 10.42 -7.68 24.07
C PRO A 483 10.35 -8.11 25.52
N ALA A 484 10.47 -9.42 25.72
CA ALA A 484 10.26 -10.01 27.03
C ALA A 484 11.55 -10.27 27.79
N PHE A 485 12.55 -10.87 27.14
CA PHE A 485 13.71 -11.44 27.81
C PHE A 485 15.01 -10.68 27.57
N LEU A 486 14.97 -9.35 27.57
CA LEU A 486 16.22 -8.61 27.56
C LEU A 486 16.93 -8.78 28.90
N SER A 487 18.22 -9.07 28.84
CA SER A 487 18.98 -9.51 30.00
C SER A 487 19.23 -8.38 30.98
N GLU A 488 19.48 -8.75 32.23
CA GLU A 488 19.62 -7.81 33.33
C GLU A 488 20.89 -6.98 33.26
N GLU A 489 21.87 -7.41 32.47
CA GLU A 489 23.07 -6.62 32.25
C GLU A 489 22.79 -5.37 31.42
N PHE A 490 21.76 -5.41 30.57
CA PHE A 490 21.46 -4.32 29.65
C PHE A 490 20.25 -3.51 30.10
N GLN A 491 19.82 -3.70 31.35
CA GLN A 491 18.47 -3.34 31.72
C GLN A 491 18.31 -1.83 31.90
N ASN A 492 19.38 -1.12 32.20
CA ASN A 492 19.32 0.31 32.46
C ASN A 492 19.93 1.13 31.32
N SER A 493 19.77 0.68 30.09
CA SER A 493 20.11 1.51 28.94
C SER A 493 19.08 2.63 28.82
N PRO A 494 19.49 3.84 28.44
CA PRO A 494 18.55 4.97 28.48
C PRO A 494 17.51 4.97 27.38
N GLU A 495 17.80 4.39 26.23
CA GLU A 495 16.82 4.40 25.16
C GLU A 495 15.73 3.36 25.41
N PRO A 496 14.55 3.54 24.81
CA PRO A 496 13.54 2.48 24.86
C PRO A 496 14.00 1.25 24.08
N ASP A 497 13.46 0.11 24.45
CA ASP A 497 13.84 -1.19 23.91
C ASP A 497 12.58 -1.87 23.42
N LEU A 498 12.41 -1.95 22.10
CA LEU A 498 11.11 -2.32 21.55
C LEU A 498 11.23 -2.91 20.15
N GLU A 499 10.19 -3.64 19.76
CA GLU A 499 10.17 -4.35 18.50
C GLU A 499 8.73 -4.51 18.02
N ILE A 500 8.53 -4.37 16.72
CA ILE A 500 7.20 -4.25 16.16
C ILE A 500 6.63 -5.62 15.84
N VAL A 501 5.31 -5.70 15.82
CA VAL A 501 4.58 -6.94 15.56
C VAL A 501 3.57 -6.67 14.45
N VAL A 502 3.69 -7.41 13.36
CA VAL A 502 3.08 -7.06 12.09
C VAL A 502 2.07 -8.12 11.72
N CYS A 503 0.83 -7.71 11.44
CA CYS A 503 -0.14 -8.61 10.84
C CYS A 503 0.17 -8.79 9.36
N SER A 504 0.93 -9.81 9.02
CA SER A 504 1.33 -10.05 7.65
C SER A 504 0.45 -11.11 7.00
N GLY A 505 0.53 -11.21 5.68
CA GLY A 505 -0.14 -12.26 4.95
C GLY A 505 -1.66 -12.11 4.92
N HIS A 506 -2.31 -13.12 4.32
CA HIS A 506 -3.75 -13.19 4.25
C HIS A 506 -4.23 -14.62 4.14
N GLY A 507 -5.28 -14.94 4.88
CA GLY A 507 -6.04 -16.15 4.60
C GLY A 507 -5.41 -17.33 5.26
N LYS A 508 -5.23 -18.39 4.48
CA LYS A 508 -4.55 -19.59 4.93
C LYS A 508 -3.11 -19.29 5.31
N ASN A 509 -2.48 -18.34 4.61
CA ASN A 509 -1.13 -17.91 4.91
C ASN A 509 -1.08 -16.75 5.88
N GLY A 510 -2.17 -16.50 6.59
CA GLY A 510 -2.19 -15.40 7.53
C GLY A 510 -1.30 -15.69 8.73
N ALA A 511 -0.66 -14.64 9.23
CA ALA A 511 0.39 -14.81 10.20
C ALA A 511 0.55 -13.51 10.98
N LEU A 512 1.28 -13.59 12.09
CA LEU A 512 1.88 -12.41 12.70
C LEU A 512 3.37 -12.45 12.43
N SER A 513 3.98 -11.27 12.37
CA SER A 513 5.40 -11.15 12.11
C SER A 513 6.04 -10.31 13.20
N VAL A 514 7.01 -10.90 13.90
CA VAL A 514 7.69 -10.21 15.00
C VAL A 514 9.00 -9.70 14.43
N LEU A 515 9.01 -8.43 14.02
CA LEU A 515 10.19 -7.84 13.42
C LEU A 515 11.03 -7.12 14.45
N GLN A 516 12.34 -7.14 14.24
CA GLN A 516 13.33 -6.49 15.10
C GLN A 516 14.47 -6.06 14.18
N LYS A 517 15.20 -5.00 14.52
CA LYS A 517 16.29 -4.56 13.64
C LYS A 517 17.73 -4.89 14.00
N SER A 518 18.08 -4.81 15.28
CA SER A 518 19.44 -5.09 15.74
C SER A 518 19.47 -6.39 16.53
N ILE A 519 20.63 -6.82 17.01
CA ILE A 519 20.58 -8.05 17.78
C ILE A 519 20.84 -7.77 19.26
N ARG A 520 19.92 -8.20 20.11
CA ARG A 520 20.07 -8.11 21.54
C ARG A 520 20.57 -9.43 22.07
N PRO A 521 21.82 -9.55 22.49
CA PRO A 521 22.34 -10.85 22.92
C PRO A 521 21.83 -11.24 24.30
N GLN A 522 21.73 -12.53 24.52
CA GLN A 522 21.53 -13.07 25.86
C GLN A 522 22.90 -13.23 26.50
N VAL A 523 23.12 -12.50 27.59
CA VAL A 523 24.37 -12.60 28.34
C VAL A 523 24.17 -13.62 29.44
N VAL A 524 25.00 -14.65 29.45
CA VAL A 524 24.87 -15.72 30.44
C VAL A 524 25.85 -15.58 31.59
N THR A 525 27.02 -14.96 31.38
CA THR A 525 28.02 -14.79 32.43
C THR A 525 28.88 -13.60 32.04
N THR A 526 29.05 -12.66 32.96
CA THR A 526 29.88 -11.50 32.70
C THR A 526 31.08 -11.48 33.65
N PHE A 527 32.10 -10.73 33.26
CA PHE A 527 33.26 -10.47 34.11
C PHE A 527 33.57 -8.98 34.07
N GLU A 528 34.70 -8.63 34.68
CA GLU A 528 35.32 -7.31 34.56
C GLU A 528 36.82 -7.57 34.51
N LEU A 529 37.38 -7.55 33.29
CA LEU A 529 38.82 -7.77 33.10
C LEU A 529 39.45 -6.52 32.51
N PRO A 530 40.08 -5.68 33.32
CA PRO A 530 40.61 -4.42 32.81
C PRO A 530 41.93 -4.63 32.06
N GLY A 531 42.36 -3.59 31.38
CA GLY A 531 43.68 -3.59 30.76
C GLY A 531 43.80 -4.34 29.46
N CYS A 532 43.35 -5.60 29.45
CA CYS A 532 43.41 -6.43 28.26
C CYS A 532 42.42 -5.95 27.21
N TYR A 533 42.90 -5.82 25.98
CA TYR A 533 42.15 -5.22 24.88
C TYR A 533 41.87 -6.16 23.73
N ASP A 534 42.81 -7.03 23.38
CA ASP A 534 42.62 -8.07 22.38
C ASP A 534 42.20 -9.36 23.04
N MET A 535 41.71 -10.27 22.21
CA MET A 535 41.21 -11.54 22.68
C MET A 535 41.22 -12.55 21.54
N TRP A 536 41.34 -13.82 21.91
CA TRP A 536 41.32 -14.91 20.95
C TRP A 536 40.78 -16.14 21.66
N THR A 537 40.06 -16.97 20.91
CA THR A 537 39.65 -18.28 21.38
C THR A 537 40.15 -19.32 20.40
N VAL A 538 40.93 -20.28 20.89
CA VAL A 538 41.41 -21.36 20.05
C VAL A 538 40.80 -22.66 20.55
N ILE A 539 40.88 -23.68 19.72
CA ILE A 539 40.30 -24.99 20.01
C ILE A 539 41.42 -25.92 20.45
N ALA A 540 41.25 -26.54 21.61
CA ALA A 540 42.18 -27.51 22.11
C ALA A 540 41.44 -28.80 22.50
N PRO A 541 42.04 -29.97 22.25
CA PRO A 541 41.39 -31.24 22.64
C PRO A 541 41.46 -31.47 24.15
N ARG A 570 34.37 -30.26 19.42
CA ARG A 570 35.35 -29.23 19.08
C ARG A 570 35.09 -27.92 19.84
N ARG A 571 34.98 -28.05 21.15
CA ARG A 571 34.77 -26.92 22.04
C ARG A 571 36.04 -26.09 22.13
N HIS A 572 35.88 -24.83 22.51
CA HIS A 572 37.04 -23.95 22.63
C HIS A 572 37.71 -24.16 23.98
N GLY A 573 39.03 -24.31 23.94
CA GLY A 573 39.78 -24.61 25.13
C GLY A 573 40.36 -23.40 25.81
N PHE A 574 40.93 -22.50 25.04
CA PHE A 574 41.76 -21.43 25.60
C PHE A 574 41.22 -20.07 25.21
N LEU A 575 41.14 -19.16 26.17
CA LEU A 575 40.85 -17.76 25.94
C LEU A 575 42.11 -16.96 26.22
N ILE A 576 42.62 -16.29 25.20
CA ILE A 576 43.96 -15.71 25.22
C ILE A 576 43.80 -14.19 25.14
N LEU A 577 44.23 -13.49 26.18
CA LEU A 577 44.09 -12.04 26.27
C LEU A 577 45.46 -11.39 26.25
N SER A 578 45.60 -10.37 25.41
CA SER A 578 46.84 -9.59 25.32
C SER A 578 46.66 -8.30 26.10
N ARG A 579 47.53 -8.09 27.09
CA ARG A 579 47.58 -6.83 27.81
C ARG A 579 48.66 -5.95 27.19
N GLU A 580 48.83 -4.74 27.73
CA GLU A 580 49.93 -3.90 27.28
C GLU A 580 51.26 -4.29 27.89
N ASP A 581 51.26 -5.19 28.87
CA ASP A 581 52.48 -5.61 29.54
C ASP A 581 52.67 -7.12 29.58
N SER A 582 51.60 -7.89 29.71
CA SER A 582 51.68 -9.33 29.88
C SER A 582 50.55 -9.97 29.07
N THR A 583 50.26 -11.23 29.37
CA THR A 583 49.26 -12.00 28.63
C THR A 583 48.44 -12.82 29.60
N MET A 584 47.12 -12.73 29.50
CA MET A 584 46.24 -13.60 30.26
C MET A 584 45.86 -14.81 29.45
N ILE A 585 45.77 -15.96 30.12
CA ILE A 585 45.29 -17.20 29.52
C ILE A 585 44.15 -17.69 30.39
N LEU A 586 43.10 -18.21 29.78
CA LEU A 586 42.01 -18.80 30.54
C LEU A 586 41.76 -20.23 30.08
N GLN A 587 41.50 -21.11 31.04
CA GLN A 587 41.10 -22.48 30.76
C GLN A 587 39.58 -22.54 30.78
N THR A 588 39.00 -23.25 29.82
CA THR A 588 37.56 -23.43 29.78
C THR A 588 37.21 -24.84 30.21
N GLY A 589 35.93 -25.18 30.11
CA GLY A 589 35.49 -26.51 30.45
C GLY A 589 34.21 -26.52 31.27
N GLN A 590 34.28 -27.10 32.46
CA GLN A 590 33.15 -27.04 33.38
C GLN A 590 32.96 -25.60 33.87
N GLU A 591 33.96 -25.07 34.56
CA GLU A 591 34.00 -23.67 34.96
C GLU A 591 35.20 -23.02 34.30
N ILE A 592 34.97 -21.90 33.64
CA ILE A 592 36.06 -21.13 33.04
C ILE A 592 36.90 -20.48 34.11
N MET A 593 38.20 -20.71 34.07
CA MET A 593 39.07 -20.35 35.17
C MET A 593 40.48 -20.10 34.64
N GLU A 594 41.17 -19.16 35.28
CA GLU A 594 42.41 -18.60 34.75
C GLU A 594 43.55 -19.60 34.86
N LEU A 595 44.36 -19.68 33.81
CA LEU A 595 45.40 -20.68 33.69
C LEU A 595 46.73 -20.10 34.13
N ASP A 596 47.59 -20.95 34.71
CA ASP A 596 48.80 -20.50 35.38
C ASP A 596 50.10 -21.01 34.78
N THR A 597 50.08 -22.13 34.05
CA THR A 597 51.31 -22.84 33.71
C THR A 597 51.96 -22.28 32.44
N SER A 598 53.01 -22.94 31.97
CA SER A 598 53.77 -22.51 30.82
C SER A 598 53.11 -22.98 29.52
N GLY A 599 53.85 -22.94 28.43
CA GLY A 599 53.24 -22.96 27.11
C GLY A 599 53.30 -21.57 26.53
N PHE A 600 52.21 -20.84 26.68
CA PHE A 600 52.15 -19.44 26.27
C PHE A 600 53.14 -18.61 27.08
N ALA A 601 53.65 -17.55 26.46
CA ALA A 601 54.54 -16.63 27.16
C ALA A 601 53.73 -15.47 27.72
N THR A 602 53.63 -15.40 29.05
CA THR A 602 52.97 -14.29 29.71
C THR A 602 53.96 -13.19 30.09
N GLN A 603 55.17 -13.23 29.54
CA GLN A 603 56.17 -12.21 29.85
C GLN A 603 56.00 -10.96 28.99
N GLY A 604 55.11 -11.00 28.01
CA GLY A 604 54.82 -9.84 27.19
C GLY A 604 53.45 -9.93 26.55
N PRO A 605 53.19 -9.04 25.61
CA PRO A 605 51.93 -9.13 24.85
C PRO A 605 52.05 -10.12 23.71
N THR A 606 50.89 -10.59 23.24
CA THR A 606 50.81 -11.46 22.09
C THR A 606 50.09 -10.73 20.97
N VAL A 607 50.74 -10.67 19.81
CA VAL A 607 50.14 -10.04 18.65
C VAL A 607 48.96 -10.82 18.09
N PHE A 608 49.11 -12.14 17.96
CA PHE A 608 48.04 -12.98 17.44
C PHE A 608 48.16 -14.44 17.87
N ALA A 609 47.03 -15.06 18.20
CA ALA A 609 47.00 -16.46 18.58
C ALA A 609 45.95 -17.17 17.73
N GLY A 610 46.30 -18.29 17.11
CA GLY A 610 45.36 -19.02 16.30
C GLY A 610 45.74 -20.46 16.02
N ASN A 611 44.77 -21.26 15.60
CA ASN A 611 45.03 -22.66 15.27
C ASN A 611 45.73 -22.78 13.93
N ILE A 612 46.54 -23.82 13.81
CA ILE A 612 47.17 -24.21 12.56
C ILE A 612 46.89 -25.70 12.40
N GLY A 613 47.03 -26.20 11.19
CA GLY A 613 46.60 -27.56 10.90
C GLY A 613 45.09 -27.60 10.84
N ASP A 614 44.49 -28.57 11.51
CA ASP A 614 43.03 -28.59 11.69
C ASP A 614 42.73 -28.88 13.15
N ASN A 615 42.71 -27.80 13.95
CA ASN A 615 42.30 -27.79 15.36
C ASN A 615 43.18 -28.69 16.24
N ARG A 616 44.38 -29.01 15.78
CA ARG A 616 45.27 -29.90 16.49
C ARG A 616 46.50 -29.19 17.04
N TYR A 617 46.92 -28.11 16.38
CA TYR A 617 48.15 -27.41 16.74
C TYR A 617 47.86 -25.92 16.83
N ILE A 618 48.38 -25.29 17.87
CA ILE A 618 48.06 -23.90 18.18
C ILE A 618 49.33 -23.08 17.95
N VAL A 619 49.17 -21.89 17.38
CA VAL A 619 50.27 -20.97 17.12
C VAL A 619 49.95 -19.65 17.79
N GLN A 620 50.84 -19.15 18.62
CA GLN A 620 50.81 -17.74 18.97
C GLN A 620 52.09 -17.08 18.49
N VAL A 621 52.03 -15.76 18.37
CA VAL A 621 53.17 -14.96 17.95
C VAL A 621 53.32 -13.80 18.92
N SER A 622 54.50 -13.65 19.46
CA SER A 622 54.96 -12.52 20.25
C SER A 622 55.71 -11.55 19.36
N PRO A 623 55.86 -10.28 19.75
CA PRO A 623 56.59 -9.33 18.89
C PRO A 623 58.07 -9.60 18.73
N LEU A 624 58.65 -10.55 19.48
CA LEU A 624 60.02 -11.00 19.26
C LEU A 624 60.09 -12.40 18.68
N GLY A 625 59.28 -13.33 19.19
CA GLY A 625 59.39 -14.72 18.80
C GLY A 625 58.05 -15.30 18.39
N ILE A 626 58.12 -16.51 17.83
CA ILE A 626 56.99 -17.18 17.18
C ILE A 626 56.88 -18.57 17.79
N ARG A 627 55.73 -18.89 18.36
CA ARG A 627 55.59 -20.07 19.20
C ARG A 627 54.56 -21.05 18.65
N LEU A 628 54.98 -22.28 18.40
CA LEU A 628 54.03 -23.36 18.20
C LEU A 628 53.55 -23.86 19.55
N LEU A 629 52.55 -24.73 19.49
CA LEU A 629 52.07 -25.42 20.65
C LEU A 629 51.21 -26.55 20.14
N GLU A 630 51.38 -27.72 20.73
CA GLU A 630 50.60 -28.88 20.35
C GLU A 630 49.48 -29.11 21.38
N GLY A 631 49.26 -28.09 22.20
CA GLY A 631 48.33 -28.10 23.29
C GLY A 631 48.93 -27.12 24.28
N VAL A 632 48.78 -27.38 25.57
CA VAL A 632 49.36 -26.50 26.56
C VAL A 632 50.89 -26.44 26.43
N ASN A 633 51.52 -27.59 26.18
CA ASN A 633 52.98 -27.65 26.03
C ASN A 633 53.51 -27.04 24.73
N GLN A 634 54.62 -26.30 24.83
CA GLN A 634 55.23 -25.65 23.69
C GLN A 634 56.03 -26.64 22.87
N LEU A 635 55.81 -26.65 21.56
CA LEU A 635 56.53 -27.57 20.71
C LEU A 635 57.93 -27.07 20.42
N HIS A 636 58.05 -25.96 19.69
CA HIS A 636 59.34 -25.30 19.50
C HIS A 636 59.10 -23.82 19.17
N PHE A 637 60.19 -23.09 18.98
CA PHE A 637 60.21 -21.63 19.05
C PHE A 637 61.11 -21.09 17.96
N ILE A 638 60.67 -20.01 17.30
CA ILE A 638 61.47 -19.34 16.29
C ILE A 638 61.47 -17.85 16.56
N PRO A 639 62.62 -17.22 16.74
CA PRO A 639 62.67 -15.76 16.92
C PRO A 639 62.70 -15.05 15.57
N VAL A 640 62.73 -13.72 15.64
CA VAL A 640 62.76 -12.89 14.44
C VAL A 640 64.06 -12.08 14.35
N ALA A 644 61.94 -3.79 14.31
CA ALA A 644 60.86 -4.37 13.55
C ALA A 644 59.79 -4.96 14.46
N PRO A 645 58.85 -4.12 14.92
CA PRO A 645 57.75 -4.64 15.74
C PRO A 645 56.73 -5.35 14.88
N ILE A 646 56.49 -6.63 15.19
CA ILE A 646 55.44 -7.38 14.51
C ILE A 646 54.09 -6.85 14.95
N VAL A 647 53.28 -6.46 13.97
CA VAL A 647 52.02 -5.79 14.26
C VAL A 647 50.80 -6.66 13.99
N GLN A 648 50.90 -7.64 13.08
CA GLN A 648 49.78 -8.54 12.83
C GLN A 648 50.32 -9.80 12.17
N CYS A 649 49.50 -10.85 12.22
CA CYS A 649 49.85 -12.13 11.61
C CYS A 649 48.70 -12.63 10.76
N ALA A 650 49.03 -13.53 9.84
CA ALA A 650 48.06 -14.14 8.95
C ALA A 650 48.17 -15.64 9.12
N VAL A 651 47.36 -16.22 10.00
CA VAL A 651 47.39 -17.67 10.11
C VAL A 651 46.31 -18.22 9.19
N ALA A 652 46.67 -18.65 7.98
CA ALA A 652 45.67 -19.20 7.08
C ALA A 652 46.00 -20.60 6.60
N ASP A 653 45.08 -21.54 6.80
CA ASP A 653 45.27 -22.93 6.40
C ASP A 653 46.58 -23.42 7.00
N PRO A 654 47.48 -23.96 6.17
CA PRO A 654 48.79 -24.44 6.65
C PRO A 654 49.90 -23.39 6.58
N TYR A 655 49.61 -22.16 6.18
CA TYR A 655 50.63 -21.11 6.05
C TYR A 655 50.54 -19.98 7.07
N VAL A 656 51.68 -19.49 7.54
CA VAL A 656 51.66 -18.37 8.48
C VAL A 656 52.53 -17.26 7.93
N VAL A 657 51.92 -16.13 7.60
CA VAL A 657 52.63 -14.96 7.10
C VAL A 657 52.67 -13.92 8.22
N ILE A 658 53.87 -13.46 8.53
CA ILE A 658 54.12 -12.57 9.67
C ILE A 658 54.76 -11.29 9.15
N MET A 659 54.18 -10.16 9.52
CA MET A 659 54.59 -8.87 8.98
C MET A 659 54.92 -7.90 10.10
N SER A 660 56.09 -7.28 10.01
CA SER A 660 56.54 -6.31 11.00
C SER A 660 56.00 -4.92 10.64
N ALA A 661 56.53 -3.88 11.28
CA ALA A 661 55.98 -2.54 11.15
C ALA A 661 56.57 -1.75 10.00
N GLU A 662 57.81 -2.01 9.61
CA GLU A 662 58.44 -1.28 8.52
C GLU A 662 58.13 -1.86 7.15
N GLY A 663 57.30 -2.89 7.06
CA GLY A 663 56.94 -3.46 5.79
C GLY A 663 57.65 -4.73 5.41
N HIS A 664 58.25 -5.43 6.38
CA HIS A 664 58.93 -6.68 6.12
C HIS A 664 57.92 -7.82 6.24
N VAL A 665 57.99 -8.79 5.33
CA VAL A 665 57.05 -9.89 5.29
C VAL A 665 57.81 -11.21 5.27
N THR A 666 57.50 -12.09 6.21
CA THR A 666 58.01 -13.46 6.24
C THR A 666 56.82 -14.42 6.16
N MET A 667 57.08 -15.67 5.79
CA MET A 667 56.04 -16.68 5.65
C MET A 667 56.49 -18.00 6.26
N PHE A 668 55.56 -18.68 6.93
CA PHE A 668 55.76 -20.03 7.45
C PHE A 668 54.85 -21.04 6.75
N LEU A 669 54.99 -22.29 7.19
CA LEU A 669 54.34 -23.45 6.58
C LEU A 669 54.54 -24.65 7.49
N LEU A 670 53.48 -25.43 7.70
CA LEU A 670 53.63 -26.69 8.43
C LEU A 670 54.31 -27.74 7.55
N LYS A 671 55.38 -28.32 8.07
CA LYS A 671 56.02 -29.49 7.47
C LYS A 671 56.19 -30.53 8.55
N SER A 672 55.75 -31.76 8.27
CA SER A 672 55.83 -32.84 9.23
C SER A 672 57.27 -33.31 9.38
N ASP A 673 57.51 -34.07 10.46
CA ASP A 673 58.84 -34.55 10.76
C ASP A 673 58.74 -35.86 11.55
N HIS A 680 55.69 -32.30 12.86
CA HIS A 680 55.21 -30.94 12.62
C HIS A 680 56.24 -29.92 13.09
N ARG A 681 56.57 -28.99 12.21
CA ARG A 681 57.63 -28.03 12.45
C ARG A 681 57.47 -26.93 11.42
N LEU A 682 57.36 -25.68 11.89
CA LEU A 682 57.15 -24.57 10.98
C LEU A 682 58.44 -24.22 10.25
N ALA A 683 58.32 -23.94 8.95
CA ALA A 683 59.46 -23.73 8.08
C ALA A 683 59.45 -22.30 7.56
N LEU A 684 60.56 -21.60 7.71
CA LEU A 684 60.68 -20.26 7.16
C LEU A 684 60.88 -20.31 5.66
N HIS A 685 60.01 -19.61 4.93
CA HIS A 685 60.16 -19.39 3.50
C HIS A 685 59.74 -17.95 3.24
N LYS A 686 60.69 -17.03 3.29
CA LYS A 686 60.40 -15.61 3.12
C LYS A 686 60.02 -15.34 1.67
N PRO A 687 58.95 -14.60 1.40
CA PRO A 687 58.44 -14.44 0.03
C PRO A 687 59.38 -13.66 -0.84
N PRO A 688 59.68 -14.15 -2.05
CA PRO A 688 60.45 -13.34 -3.00
C PRO A 688 59.60 -12.20 -3.53
N LEU A 689 59.82 -11.01 -3.00
CA LEU A 689 59.05 -9.83 -3.38
C LEU A 689 59.98 -8.67 -3.64
N HIS A 690 59.64 -7.88 -4.64
CA HIS A 690 60.38 -6.66 -4.97
C HIS A 690 59.49 -5.50 -4.51
N HIS A 691 59.84 -4.92 -3.37
CA HIS A 691 58.99 -3.92 -2.72
C HIS A 691 59.19 -2.58 -3.41
N GLN A 692 58.25 -2.22 -4.28
CA GLN A 692 58.25 -0.87 -4.82
C GLN A 692 57.80 0.14 -3.77
N SER A 693 56.91 -0.25 -2.87
CA SER A 693 56.58 0.59 -1.72
C SER A 693 56.21 -0.31 -0.55
N LYS A 694 55.94 0.32 0.59
CA LYS A 694 55.80 -0.40 1.85
C LYS A 694 54.45 -1.10 1.94
N VAL A 695 54.49 -2.38 2.28
CA VAL A 695 53.27 -3.14 2.51
C VAL A 695 52.64 -2.67 3.81
N ILE A 696 51.34 -2.40 3.77
CA ILE A 696 50.62 -1.85 4.92
C ILE A 696 49.83 -2.91 5.65
N THR A 697 49.13 -3.79 4.94
CA THR A 697 48.30 -4.79 5.60
C THR A 697 48.21 -6.04 4.74
N LEU A 698 47.61 -7.09 5.30
CA LEU A 698 47.62 -8.40 4.68
C LEU A 698 46.33 -9.16 4.95
N CYS A 699 46.16 -10.25 4.21
CA CYS A 699 45.09 -11.22 4.41
C CYS A 699 45.51 -12.52 3.72
N LEU A 700 44.89 -13.62 4.15
CA LEU A 700 45.05 -14.91 3.50
C LEU A 700 43.69 -15.56 3.36
N TYR A 701 43.59 -16.46 2.39
CA TYR A 701 42.30 -17.00 1.99
C TYR A 701 42.51 -18.22 1.11
N ARG A 702 41.60 -19.19 1.25
CA ARG A 702 41.58 -20.45 0.50
C ARG A 702 40.17 -20.70 -0.08
N ASP A 703 40.08 -21.55 -1.11
CA ASP A 703 38.87 -21.77 -1.90
C ASP A 703 38.30 -23.15 -1.64
N LEU A 704 37.40 -23.28 -0.66
CA LEU A 704 36.74 -24.55 -0.47
C LEU A 704 35.80 -24.86 -1.63
N SER A 705 34.89 -23.95 -1.94
CA SER A 705 34.14 -23.96 -3.19
C SER A 705 34.41 -22.60 -3.82
N GLY A 706 35.50 -22.50 -4.56
CA GLY A 706 35.94 -21.19 -4.99
C GLY A 706 35.85 -20.92 -6.47
N MET A 707 36.07 -19.67 -6.82
CA MET A 707 36.05 -19.22 -8.21
C MET A 707 37.41 -18.71 -8.64
N PHE A 708 38.39 -18.69 -7.77
CA PHE A 708 39.69 -18.13 -8.10
C PHE A 708 40.42 -19.17 -8.92
N THR A 709 40.22 -19.16 -10.23
CA THR A 709 40.68 -20.27 -11.07
C THR A 709 42.14 -20.11 -11.47
N THR A 710 42.46 -19.09 -12.24
CA THR A 710 43.80 -18.98 -12.81
C THR A 710 44.54 -17.80 -12.23
N PRO A 781 41.05 -26.62 -3.04
CA PRO A 781 41.54 -25.58 -2.14
C PRO A 781 42.89 -25.00 -2.56
N THR A 782 42.88 -23.74 -3.00
CA THR A 782 44.08 -23.06 -3.44
C THR A 782 44.26 -21.79 -2.63
N HIS A 783 45.47 -21.55 -2.15
CA HIS A 783 45.74 -20.50 -1.18
C HIS A 783 46.11 -19.21 -1.89
N TRP A 784 45.69 -18.08 -1.31
CA TRP A 784 45.90 -16.78 -1.92
C TRP A 784 46.33 -15.78 -0.87
N CYS A 785 47.28 -14.91 -1.21
CA CYS A 785 47.75 -13.86 -0.32
C CYS A 785 47.38 -12.50 -0.88
N LEU A 786 46.75 -11.68 -0.05
CA LEU A 786 46.34 -10.33 -0.43
C LEU A 786 47.21 -9.32 0.29
N LEU A 787 47.64 -8.28 -0.41
CA LEU A 787 48.73 -7.45 0.02
C LEU A 787 48.52 -6.03 -0.49
N VAL A 788 48.41 -5.07 0.43
CA VAL A 788 48.12 -3.68 0.07
C VAL A 788 49.35 -2.86 0.41
N ARG A 789 49.94 -2.25 -0.62
CA ARG A 789 51.14 -1.43 -0.47
C ARG A 789 50.77 0.01 -0.16
N GLU A 790 51.75 0.82 0.21
CA GLU A 790 51.43 2.19 0.62
C GLU A 790 51.29 3.15 -0.53
N ASN A 791 51.66 2.76 -1.76
CA ASN A 791 51.50 3.67 -2.88
C ASN A 791 50.05 3.81 -3.31
N GLY A 792 49.20 2.87 -2.93
CA GLY A 792 47.79 2.95 -3.25
C GLY A 792 47.34 1.85 -4.17
N THR A 793 47.97 0.69 -4.08
CA THR A 793 47.66 -0.43 -4.95
C THR A 793 47.29 -1.66 -4.12
N MET A 794 46.64 -2.61 -4.80
CA MET A 794 46.23 -3.87 -4.22
C MET A 794 46.75 -5.02 -5.08
N GLU A 795 47.37 -6.01 -4.45
CA GLU A 795 48.03 -7.09 -5.17
C GLU A 795 47.65 -8.43 -4.54
N ILE A 796 46.92 -9.26 -5.28
CA ILE A 796 46.60 -10.62 -4.86
C ILE A 796 47.71 -11.53 -5.34
N TYR A 797 48.17 -12.41 -4.46
CA TYR A 797 49.28 -13.31 -4.74
C TYR A 797 48.85 -14.76 -4.62
N GLN A 798 49.26 -15.58 -5.59
CA GLN A 798 49.15 -17.03 -5.44
C GLN A 798 50.21 -17.50 -4.47
N LEU A 799 49.81 -18.29 -3.49
CA LEU A 799 50.62 -18.44 -2.27
C LEU A 799 51.79 -19.43 -2.29
N PRO A 800 51.73 -20.63 -2.91
CA PRO A 800 52.94 -21.49 -2.89
C PRO A 800 54.12 -20.93 -3.65
N ASP A 801 53.91 -20.40 -4.85
CA ASP A 801 54.87 -19.54 -5.53
C ASP A 801 54.60 -18.11 -5.03
N TRP A 802 55.13 -17.08 -5.66
CA TRP A 802 54.77 -15.71 -5.29
C TRP A 802 54.66 -14.81 -6.51
N ARG A 803 53.95 -15.28 -7.53
CA ARG A 803 53.77 -14.45 -8.71
C ARG A 803 52.54 -13.56 -8.55
N LEU A 804 52.63 -12.37 -9.14
CA LEU A 804 51.53 -11.41 -9.13
C LEU A 804 50.40 -11.92 -10.00
N VAL A 805 49.18 -11.88 -9.47
CA VAL A 805 48.02 -12.40 -10.18
C VAL A 805 47.00 -11.31 -10.46
N PHE A 806 46.76 -10.41 -9.51
CA PHE A 806 45.71 -9.41 -9.64
C PHE A 806 46.26 -8.06 -9.17
N LEU A 807 45.88 -6.99 -9.85
CA LEU A 807 46.49 -5.69 -9.56
C LEU A 807 45.53 -4.55 -9.85
N VAL A 808 45.17 -3.80 -8.81
CA VAL A 808 44.38 -2.58 -8.96
C VAL A 808 45.30 -1.41 -8.68
N LYS A 809 45.43 -0.48 -9.64
CA LYS A 809 46.43 0.56 -9.49
C LYS A 809 45.99 1.72 -8.61
N ASN A 810 44.68 1.93 -8.45
CA ASN A 810 44.20 2.98 -7.55
C ASN A 810 43.19 2.34 -6.61
N PHE A 811 43.69 1.69 -5.59
CA PHE A 811 42.83 0.95 -4.67
C PHE A 811 42.12 1.76 -3.57
N PRO A 812 42.76 2.65 -2.79
CA PRO A 812 42.08 3.18 -1.60
C PRO A 812 41.01 4.22 -1.88
N VAL A 813 40.62 4.43 -3.13
CA VAL A 813 39.55 5.39 -3.43
C VAL A 813 38.20 4.80 -3.04
N GLY A 814 37.89 3.61 -3.52
CA GLY A 814 36.58 3.05 -3.24
C GLY A 814 35.76 2.85 -4.49
N GLN A 815 36.42 2.48 -5.57
CA GLN A 815 35.80 2.35 -6.88
C GLN A 815 34.78 1.22 -6.89
N ARG A 816 33.90 1.24 -7.89
CA ARG A 816 32.74 0.35 -7.85
C ARG A 816 33.09 -1.05 -8.35
N VAL A 817 33.76 -1.15 -9.49
CA VAL A 817 34.20 -2.43 -10.02
C VAL A 817 35.70 -2.34 -10.25
N LEU A 818 36.44 -3.32 -9.76
CA LEU A 818 37.88 -3.36 -9.97
C LEU A 818 38.22 -4.23 -11.18
N VAL A 819 39.46 -4.09 -11.64
CA VAL A 819 39.96 -4.86 -12.77
C VAL A 819 41.47 -4.94 -12.65
N ASP A 820 42.06 -6.01 -13.17
CA ASP A 820 43.50 -6.18 -13.08
C ASP A 820 44.25 -5.21 -14.00
N SER A 821 45.50 -4.93 -13.62
CA SER A 821 46.37 -3.92 -14.23
C SER A 821 45.68 -2.56 -14.36
N PRO A 844 42.75 6.98 1.57
CA PRO A 844 44.13 6.57 1.84
C PRO A 844 44.31 6.01 3.25
N LEU A 845 45.50 5.48 3.55
CA LEU A 845 45.82 4.84 4.84
C LEU A 845 44.84 3.70 5.12
N VAL A 846 45.02 2.63 4.35
CA VAL A 846 44.30 1.40 4.57
C VAL A 846 44.66 0.84 5.93
N LYS A 847 43.66 0.55 6.75
CA LYS A 847 43.91 -0.02 8.06
C LYS A 847 43.97 -1.55 8.01
N GLU A 848 42.87 -2.17 7.58
CA GLU A 848 42.69 -3.60 7.72
C GLU A 848 41.94 -4.14 6.51
N VAL A 849 42.36 -5.29 6.01
CA VAL A 849 41.78 -5.91 4.83
C VAL A 849 41.57 -7.38 5.14
N LEU A 850 40.36 -7.88 4.88
CA LEU A 850 40.03 -9.27 5.14
C LEU A 850 39.25 -9.87 3.97
N LEU A 851 39.81 -10.91 3.35
CA LEU A 851 39.08 -11.76 2.42
C LEU A 851 38.55 -12.98 3.16
N VAL A 852 37.24 -13.20 3.06
CA VAL A 852 36.60 -14.39 3.62
C VAL A 852 35.55 -14.89 2.65
N ALA A 853 35.34 -16.19 2.64
CA ALA A 853 34.23 -16.80 1.92
C ALA A 853 33.04 -16.95 2.85
N LEU A 854 31.86 -16.87 2.28
CA LEU A 854 30.65 -16.97 3.10
C LEU A 854 29.59 -17.72 2.31
N GLY A 855 28.83 -18.57 3.01
CA GLY A 855 27.76 -19.30 2.35
C GLY A 855 27.92 -20.80 2.37
N SER A 856 27.23 -21.49 1.46
CA SER A 856 27.28 -22.95 1.41
C SER A 856 28.61 -23.41 0.85
N ARG A 857 29.29 -24.27 1.60
CA ARG A 857 30.62 -24.81 1.26
C ARG A 857 31.67 -23.73 1.05
N GLN A 858 31.50 -22.58 1.71
CA GLN A 858 32.35 -21.40 1.58
C GLN A 858 32.44 -20.96 0.11
N SER A 859 31.29 -20.61 -0.46
CA SER A 859 31.16 -20.45 -1.91
C SER A 859 31.65 -19.09 -2.39
N ARG A 860 31.01 -18.03 -1.94
CA ARG A 860 31.32 -16.76 -2.58
C ARG A 860 32.16 -15.89 -1.67
N PRO A 861 33.24 -15.30 -2.17
CA PRO A 861 34.13 -14.52 -1.33
C PRO A 861 33.81 -13.04 -1.29
N TYR A 862 34.08 -12.44 -0.14
CA TYR A 862 33.81 -11.04 0.12
C TYR A 862 35.08 -10.36 0.61
N LEU A 863 35.47 -9.29 -0.05
CA LEU A 863 36.53 -8.41 0.43
C LEU A 863 35.94 -7.45 1.44
N LEU A 864 36.69 -7.14 2.49
CA LEU A 864 36.26 -6.15 3.48
C LEU A 864 37.47 -5.32 3.85
N VAL A 865 37.40 -4.01 3.64
CA VAL A 865 38.54 -3.13 3.91
C VAL A 865 38.12 -2.05 4.91
N HIS A 866 39.12 -1.30 5.37
CA HIS A 866 38.93 -0.24 6.37
C HIS A 866 39.78 0.94 5.92
N VAL A 867 39.18 1.91 5.23
CA VAL A 867 39.90 3.00 4.60
C VAL A 867 39.30 4.32 5.08
N ASP A 868 40.06 5.05 5.91
CA ASP A 868 39.74 6.41 6.41
C ASP A 868 38.35 6.52 7.01
N GLN A 869 38.13 5.73 8.07
CA GLN A 869 36.90 5.72 8.86
C GLN A 869 35.68 5.40 8.02
N GLU A 870 35.85 4.56 7.01
CA GLU A 870 34.76 4.28 6.08
C GLU A 870 34.85 2.83 5.64
N LEU A 871 33.90 2.02 6.06
CA LEU A 871 33.80 0.64 5.63
C LEU A 871 33.35 0.58 4.19
N LEU A 872 34.02 -0.23 3.39
CA LEU A 872 33.53 -0.48 2.04
C LEU A 872 33.90 -1.90 1.67
N ILE A 873 32.89 -2.74 1.41
CA ILE A 873 33.11 -4.14 1.18
C ILE A 873 32.76 -4.47 -0.26
N TYR A 874 33.49 -5.45 -0.82
CA TYR A 874 33.33 -5.82 -2.21
C TYR A 874 32.91 -7.28 -2.29
N GLU A 875 32.11 -7.60 -3.31
CA GLU A 875 31.79 -8.98 -3.64
C GLU A 875 32.88 -9.56 -4.53
N ALA A 876 32.59 -10.71 -5.12
CA ALA A 876 33.42 -11.24 -6.19
C ALA A 876 32.51 -11.98 -7.15
N PHE A 877 32.79 -11.85 -8.44
CA PHE A 877 32.04 -12.52 -9.48
C PHE A 877 33.01 -12.95 -10.55
N PRO A 878 32.77 -14.07 -11.22
CA PRO A 878 33.73 -14.54 -12.23
C PRO A 878 33.64 -13.72 -13.50
N HIS A 879 34.79 -13.50 -14.13
CA HIS A 879 34.85 -12.73 -15.36
C HIS A 879 36.14 -13.03 -16.10
N ASP A 880 36.03 -13.55 -17.32
CA ASP A 880 37.19 -13.72 -18.20
C ASP A 880 37.78 -12.38 -18.63
N GLY A 886 46.08 -15.65 -17.65
CA GLY A 886 47.14 -15.87 -16.68
C GLY A 886 46.95 -15.07 -15.41
N ASN A 887 45.78 -14.44 -15.29
CA ASN A 887 45.39 -13.68 -14.11
C ASN A 887 44.19 -14.34 -13.47
N LEU A 888 43.71 -13.75 -12.37
CA LEU A 888 42.44 -14.17 -11.82
C LEU A 888 41.32 -13.84 -12.78
N LYS A 889 40.37 -14.76 -12.88
CA LYS A 889 39.16 -14.50 -13.65
C LYS A 889 38.06 -13.96 -12.76
N VAL A 890 38.37 -12.96 -11.93
CA VAL A 890 37.39 -12.36 -11.03
C VAL A 890 37.51 -10.85 -11.07
N ARG A 891 36.43 -10.18 -10.70
CA ARG A 891 36.42 -8.76 -10.43
C ARG A 891 35.57 -8.55 -9.19
N PHE A 892 35.71 -7.39 -8.57
CA PHE A 892 35.08 -7.14 -7.28
C PHE A 892 34.08 -6.00 -7.43
N LYS A 893 32.80 -6.28 -7.19
CA LYS A 893 31.75 -5.26 -7.23
C LYS A 893 31.46 -4.75 -5.82
N LYS A 894 31.32 -3.44 -5.69
CA LYS A 894 31.02 -2.81 -4.42
C LYS A 894 29.54 -2.92 -4.10
N VAL A 895 29.22 -3.12 -2.83
CA VAL A 895 27.82 -3.24 -2.41
C VAL A 895 27.48 -2.11 -1.43
N PRO A 896 26.22 -1.68 -1.32
CA PRO A 896 25.88 -0.56 -0.43
C PRO A 896 26.03 -0.84 1.05
N HIS A 897 25.76 0.19 1.87
CA HIS A 897 25.94 0.09 3.31
C HIS A 897 24.96 1.01 4.03
N ASN A 898 25.02 0.92 5.35
CA ASN A 898 24.37 1.89 6.23
C ASN A 898 25.23 2.12 7.47
N ILE A 899 26.56 1.99 7.36
CA ILE A 899 27.48 1.87 8.48
C ILE A 899 28.64 2.83 8.31
N ASN A 900 29.01 3.54 9.38
CA ASN A 900 30.15 4.43 9.37
C ASN A 900 31.05 4.16 10.57
N PHE A 901 32.36 4.31 10.35
CA PHE A 901 33.37 4.06 11.38
C PHE A 901 33.83 5.37 12.03
N ARG A 902 32.92 6.16 12.56
CA ARG A 902 33.34 7.44 13.10
C ARG A 902 32.97 7.61 14.58
N GLY A 926 49.34 -2.03 20.15
CA GLY A 926 49.56 -2.52 18.80
C GLY A 926 48.31 -2.48 17.94
N ARG A 927 48.35 -3.15 16.79
CA ARG A 927 47.19 -3.20 15.92
C ARG A 927 46.13 -4.14 16.49
N VAL A 928 44.88 -3.74 16.34
CA VAL A 928 43.72 -4.52 16.76
C VAL A 928 42.90 -4.81 15.53
N ALA A 929 42.53 -6.08 15.36
CA ALA A 929 41.67 -6.47 14.25
C ALA A 929 40.24 -6.00 14.49
N ARG A 930 39.56 -5.61 13.42
CA ARG A 930 38.16 -5.21 13.47
C ARG A 930 37.25 -6.14 12.70
N PHE A 931 37.77 -6.91 11.76
CA PHE A 931 36.96 -7.79 10.91
C PHE A 931 37.21 -9.21 11.40
N ARG A 932 36.28 -9.73 12.18
CA ARG A 932 36.51 -10.98 12.88
C ARG A 932 35.58 -12.05 12.34
N TYR A 933 36.14 -12.89 11.46
CA TYR A 933 35.39 -13.96 10.81
C TYR A 933 35.03 -15.04 11.81
N PHE A 934 33.76 -15.40 11.85
CA PHE A 934 33.30 -16.48 12.71
C PHE A 934 32.64 -17.55 11.87
N GLU A 935 32.88 -18.80 12.22
CA GLU A 935 32.20 -19.94 11.63
C GLU A 935 31.34 -20.60 12.69
N ASP A 936 30.07 -20.81 12.38
CA ASP A 936 29.13 -21.63 13.14
C ASP A 936 28.90 -21.06 14.55
N ILE A 937 28.36 -19.86 14.56
CA ILE A 937 27.68 -19.30 15.73
C ILE A 937 26.18 -19.43 15.45
N TYR A 938 25.52 -20.31 16.21
CA TYR A 938 24.12 -20.67 16.03
C TYR A 938 23.85 -21.18 14.62
N GLY A 939 24.82 -21.88 14.04
CA GLY A 939 24.78 -22.30 12.65
C GLY A 939 25.20 -21.26 11.64
N TYR A 940 25.11 -19.98 11.99
CA TYR A 940 25.34 -18.89 11.06
C TYR A 940 26.83 -18.63 10.92
N SER A 941 27.28 -18.45 9.69
CA SER A 941 28.66 -18.11 9.41
C SER A 941 28.73 -16.67 8.92
N GLY A 942 29.88 -16.04 9.10
CA GLY A 942 30.04 -14.69 8.61
C GLY A 942 31.08 -13.93 9.40
N VAL A 943 30.94 -12.61 9.37
CA VAL A 943 31.92 -11.68 9.91
C VAL A 943 31.25 -10.87 11.01
N PHE A 944 31.93 -10.67 12.12
CA PHE A 944 31.58 -9.61 13.04
C PHE A 944 32.51 -8.44 12.75
N ILE A 945 31.95 -7.24 12.72
CA ILE A 945 32.69 -6.03 12.40
C ILE A 945 32.72 -5.15 13.63
N CYS A 946 33.89 -4.99 14.22
CA CYS A 946 34.03 -4.21 15.45
C CYS A 946 34.24 -2.75 15.13
N GLY A 947 33.74 -1.89 16.02
CA GLY A 947 33.92 -0.46 15.85
C GLY A 947 33.03 0.35 16.75
N PRO A 948 32.77 1.60 16.34
CA PRO A 948 31.85 2.45 17.12
C PRO A 948 30.40 2.07 16.91
N SER A 949 30.10 1.31 15.87
CA SER A 949 28.77 0.73 15.66
C SER A 949 28.99 -0.68 15.15
N PRO A 950 28.75 -1.69 15.99
CA PRO A 950 29.00 -3.07 15.58
C PRO A 950 27.99 -3.54 14.55
N HIS A 951 28.40 -4.48 13.71
CA HIS A 951 27.53 -5.03 12.67
C HIS A 951 27.88 -6.48 12.41
N TRP A 952 26.93 -7.36 12.71
CA TRP A 952 27.01 -8.77 12.36
C TRP A 952 26.78 -8.92 10.86
N LEU A 953 27.75 -9.48 10.16
CA LEU A 953 27.63 -9.73 8.73
C LEU A 953 27.33 -11.21 8.55
N LEU A 954 26.18 -11.54 7.97
CA LEU A 954 25.77 -12.93 7.84
C LEU A 954 25.45 -13.25 6.39
N VAL A 955 25.94 -14.39 5.92
CA VAL A 955 25.51 -14.96 4.66
C VAL A 955 25.21 -16.43 4.89
N THR A 956 23.96 -16.82 4.71
CA THR A 956 23.51 -18.19 4.84
C THR A 956 23.62 -18.87 3.47
N GLY A 957 22.99 -20.04 3.32
CA GLY A 957 22.95 -20.69 2.03
C GLY A 957 22.10 -19.99 0.98
N ARG A 958 21.31 -19.02 1.42
CA ARG A 958 20.48 -18.22 0.53
C ARG A 958 21.38 -17.43 -0.37
N GLY A 959 22.52 -16.98 0.15
CA GLY A 959 23.49 -16.20 -0.61
C GLY A 959 23.26 -14.71 -0.55
N ALA A 960 22.30 -14.30 0.27
CA ALA A 960 21.96 -12.89 0.44
C ALA A 960 22.74 -12.26 1.58
N LEU A 961 23.27 -11.06 1.35
CA LEU A 961 24.05 -10.37 2.36
C LEU A 961 23.13 -9.77 3.41
N ARG A 962 23.50 -9.97 4.68
CA ARG A 962 22.67 -9.56 5.81
C ARG A 962 23.54 -8.80 6.79
N LEU A 963 23.28 -7.51 6.93
CA LEU A 963 23.96 -6.69 7.91
C LEU A 963 23.02 -6.44 9.08
N HIS A 964 23.41 -6.88 10.26
CA HIS A 964 22.60 -6.65 11.44
C HIS A 964 23.41 -5.82 12.41
N PRO A 965 22.94 -4.65 12.82
CA PRO A 965 23.70 -3.87 13.79
C PRO A 965 23.59 -4.45 15.19
N MET A 966 24.28 -3.86 16.16
CA MET A 966 24.11 -4.28 17.54
C MET A 966 24.33 -3.05 18.41
N ALA A 967 23.25 -2.37 18.76
CA ALA A 967 23.32 -1.06 19.35
C ALA A 967 23.33 -1.06 20.86
N ILE A 968 22.79 -2.11 21.48
CA ILE A 968 22.82 -2.21 22.93
C ILE A 968 24.25 -2.43 23.37
N ASP A 969 24.60 -1.88 24.54
CA ASP A 969 25.85 -2.09 25.26
C ASP A 969 27.03 -1.44 24.53
N GLY A 970 26.76 -0.39 23.76
CA GLY A 970 27.79 0.52 23.30
C GLY A 970 28.69 -0.03 22.24
N PRO A 971 29.77 0.68 21.93
CA PRO A 971 30.74 0.18 20.97
C PRO A 971 31.52 -0.98 21.55
N VAL A 972 32.00 -1.85 20.65
CA VAL A 972 32.63 -3.11 21.03
C VAL A 972 34.06 -3.09 20.52
N ASP A 973 35.02 -3.40 21.39
CA ASP A 973 36.42 -3.37 21.06
C ASP A 973 36.90 -4.66 20.39
N SER A 974 36.56 -5.80 20.96
CA SER A 974 37.04 -7.08 20.45
C SER A 974 35.94 -8.12 20.56
N PHE A 975 36.22 -9.30 20.00
CA PHE A 975 35.19 -10.31 19.75
C PHE A 975 35.89 -11.61 19.41
N ALA A 976 35.23 -12.74 19.72
CA ALA A 976 35.74 -14.05 19.37
C ALA A 976 34.59 -15.05 19.42
N PRO A 977 34.60 -16.07 18.57
CA PRO A 977 33.62 -17.15 18.70
C PRO A 977 33.93 -17.99 19.93
N PHE A 978 32.91 -18.63 20.48
CA PHE A 978 33.09 -19.31 21.75
C PHE A 978 32.09 -20.46 21.87
N HIS A 979 32.63 -21.67 22.04
CA HIS A 979 31.83 -22.87 22.21
C HIS A 979 32.30 -23.59 23.47
N ASN A 980 31.39 -23.82 24.41
CA ASN A 980 31.74 -24.29 25.74
C ASN A 980 30.68 -25.30 26.15
N VAL A 981 30.59 -25.60 27.45
CA VAL A 981 29.59 -26.55 27.93
C VAL A 981 28.33 -25.81 28.32
N ASN A 982 28.42 -24.94 29.33
CA ASN A 982 27.26 -24.18 29.77
C ASN A 982 26.89 -23.07 28.80
N CYS A 983 27.84 -22.63 27.97
CA CYS A 983 27.57 -21.80 26.83
C CYS A 983 27.57 -22.67 25.59
N PRO A 984 26.48 -22.77 24.86
CA PRO A 984 26.49 -23.47 23.56
C PRO A 984 27.23 -22.69 22.48
N ARG A 985 27.01 -23.03 21.22
CA ARG A 985 27.54 -22.27 20.10
C ARG A 985 27.17 -20.79 20.26
N GLY A 986 28.17 -19.98 20.55
CA GLY A 986 27.95 -18.65 21.02
C GLY A 986 29.14 -17.80 20.76
N PHE A 987 29.22 -16.69 21.48
CA PHE A 987 30.18 -15.65 21.16
C PHE A 987 30.57 -14.91 22.41
N LEU A 988 31.51 -13.99 22.26
CA LEU A 988 32.32 -13.55 23.39
C LEU A 988 32.99 -12.24 23.01
N TYR A 989 32.64 -11.16 23.69
CA TYR A 989 33.13 -9.85 23.29
C TYR A 989 33.48 -9.00 24.50
N PHE A 990 34.21 -7.92 24.23
CA PHE A 990 34.52 -6.89 25.20
C PHE A 990 33.67 -5.66 25.00
N ASN A 991 32.99 -5.25 26.07
CA ASN A 991 32.41 -3.94 26.18
C ASN A 991 33.53 -2.89 26.22
N ARG A 992 33.17 -1.63 25.98
CA ARG A 992 34.15 -0.56 26.05
C ARG A 992 34.61 -0.31 27.48
N GLN A 993 33.78 -0.62 28.47
CA GLN A 993 34.14 -0.47 29.87
C GLN A 993 34.88 -1.67 30.44
N GLY A 994 35.39 -2.55 29.59
CA GLY A 994 36.18 -3.68 30.04
C GLY A 994 35.38 -4.73 30.78
N GLU A 995 34.32 -5.23 30.15
CA GLU A 995 33.49 -6.27 30.72
C GLU A 995 33.37 -7.40 29.71
N LEU A 996 34.04 -8.52 29.99
CA LEU A 996 33.88 -9.69 29.16
C LEU A 996 32.49 -10.28 29.38
N ARG A 997 31.83 -10.68 28.30
CA ARG A 997 30.44 -11.14 28.38
C ARG A 997 30.29 -12.44 27.60
N ILE A 998 30.09 -13.55 28.30
CA ILE A 998 29.75 -14.81 27.64
C ILE A 998 28.33 -14.69 27.12
N SER A 999 28.12 -15.00 25.85
CA SER A 999 26.80 -14.75 25.28
C SER A 999 26.41 -15.78 24.23
N VAL A 1000 25.10 -15.95 24.09
CA VAL A 1000 24.46 -16.80 23.11
C VAL A 1000 23.39 -15.96 22.43
N LEU A 1001 23.27 -16.09 21.10
CA LEU A 1001 22.20 -15.40 20.38
C LEU A 1001 20.84 -15.89 20.86
N PRO A 1002 19.84 -15.02 20.94
CA PRO A 1002 18.49 -15.48 21.35
C PRO A 1002 17.87 -16.33 20.25
N ALA A 1003 17.34 -17.48 20.66
CA ALA A 1003 17.08 -18.55 19.73
C ALA A 1003 15.72 -18.48 19.06
N TYR A 1004 14.92 -17.46 19.33
CA TYR A 1004 13.58 -17.44 18.78
C TYR A 1004 13.47 -16.71 17.46
N LEU A 1005 14.49 -15.97 17.05
CA LEU A 1005 14.41 -15.21 15.82
C LEU A 1005 15.06 -15.99 14.68
N SER A 1006 15.09 -15.38 13.50
CA SER A 1006 15.63 -15.99 12.30
C SER A 1006 16.40 -14.93 11.55
N TYR A 1007 17.72 -15.00 11.60
CA TYR A 1007 18.59 -13.93 11.15
C TYR A 1007 18.91 -14.02 9.67
N ASP A 1008 18.19 -14.84 8.92
CA ASP A 1008 18.40 -14.98 7.49
C ASP A 1008 17.69 -13.89 6.70
N ALA A 1009 16.72 -13.24 7.29
CA ALA A 1009 15.88 -12.24 6.67
C ALA A 1009 16.48 -10.85 6.86
N PRO A 1010 16.07 -9.84 6.06
CA PRO A 1010 16.70 -8.51 6.18
C PRO A 1010 16.50 -7.85 7.53
N TRP A 1011 15.40 -8.09 8.18
CA TRP A 1011 15.43 -7.90 9.61
C TRP A 1011 15.32 -9.26 10.29
N PRO A 1012 15.90 -9.44 11.48
CA PRO A 1012 15.66 -10.66 12.24
C PRO A 1012 14.20 -10.78 12.63
N VAL A 1013 13.53 -11.80 12.12
CA VAL A 1013 12.08 -11.90 12.23
C VAL A 1013 11.67 -13.31 12.59
N ARG A 1014 10.69 -13.41 13.48
CA ARG A 1014 9.99 -14.64 13.80
C ARG A 1014 8.61 -14.55 13.15
N LYS A 1015 8.31 -15.51 12.29
CA LYS A 1015 7.06 -15.52 11.54
C LYS A 1015 6.11 -16.48 12.25
N ILE A 1016 5.03 -15.96 12.81
CA ILE A 1016 4.14 -16.74 13.67
C ILE A 1016 2.91 -17.13 12.86
N PRO A 1017 2.76 -18.40 12.46
CA PRO A 1017 1.63 -18.77 11.61
C PRO A 1017 0.33 -18.83 12.40
N LEU A 1018 -0.71 -18.23 11.84
CA LEU A 1018 -2.03 -18.30 12.46
C LEU A 1018 -3.00 -19.17 11.69
N ARG A 1019 -2.79 -19.34 10.38
CA ARG A 1019 -3.68 -20.04 9.46
C ARG A 1019 -5.09 -19.46 9.47
N CYS A 1020 -5.17 -18.13 9.59
CA CYS A 1020 -6.37 -17.32 9.58
C CYS A 1020 -5.93 -15.88 9.42
N THR A 1021 -6.82 -15.05 8.87
CA THR A 1021 -6.43 -13.72 8.43
C THR A 1021 -6.23 -12.79 9.62
N ALA A 1022 -4.99 -12.35 9.84
CA ALA A 1022 -4.71 -11.40 10.90
C ALA A 1022 -5.17 -10.01 10.45
N HIS A 1023 -6.13 -9.44 11.17
CA HIS A 1023 -6.63 -8.13 10.80
C HIS A 1023 -5.99 -7.00 11.61
N TYR A 1024 -5.90 -7.16 12.93
CA TYR A 1024 -5.41 -6.10 13.80
C TYR A 1024 -4.51 -6.72 14.87
N VAL A 1025 -3.76 -5.88 15.54
CA VAL A 1025 -2.90 -6.31 16.65
C VAL A 1025 -2.70 -5.11 17.56
N ALA A 1026 -2.63 -5.35 18.87
CA ALA A 1026 -2.65 -4.27 19.84
C ALA A 1026 -1.89 -4.70 21.08
N TYR A 1027 -0.73 -4.09 21.32
CA TYR A 1027 0.04 -4.37 22.53
C TYR A 1027 -0.68 -3.79 23.72
N HIS A 1028 -0.90 -4.62 24.74
CA HIS A 1028 -1.39 -4.13 26.02
C HIS A 1028 -0.20 -4.04 26.96
N VAL A 1029 0.03 -2.87 27.55
CA VAL A 1029 1.23 -2.69 28.36
C VAL A 1029 1.09 -3.41 29.69
N GLU A 1030 0.00 -3.14 30.42
CA GLU A 1030 -0.31 -3.89 31.62
C GLU A 1030 -0.57 -5.33 31.25
N SER A 1031 0.17 -6.24 31.89
CA SER A 1031 0.18 -7.69 31.74
C SER A 1031 0.76 -8.16 30.40
N LYS A 1032 1.15 -7.24 29.51
CA LYS A 1032 2.16 -7.46 28.48
C LYS A 1032 1.81 -8.58 27.49
N VAL A 1033 0.69 -8.42 26.77
CA VAL A 1033 0.25 -9.37 25.77
C VAL A 1033 -0.27 -8.63 24.55
N TYR A 1034 -0.56 -9.40 23.49
CA TYR A 1034 -1.07 -8.87 22.23
C TYR A 1034 -2.48 -9.39 21.99
N ALA A 1035 -3.34 -8.53 21.45
CA ALA A 1035 -4.73 -8.87 21.15
C ALA A 1035 -4.94 -8.78 19.65
N VAL A 1036 -5.28 -9.90 19.02
CA VAL A 1036 -5.32 -10.04 17.57
C VAL A 1036 -6.73 -10.42 17.14
N ALA A 1037 -7.33 -9.64 16.26
CA ALA A 1037 -8.58 -10.02 15.61
C ALA A 1037 -8.27 -10.83 14.36
N THR A 1038 -8.87 -12.01 14.26
CA THR A 1038 -8.62 -12.90 13.14
C THR A 1038 -9.93 -13.30 12.48
N SER A 1039 -9.82 -14.13 11.43
CA SER A 1039 -10.99 -14.57 10.70
C SER A 1039 -10.70 -15.86 9.95
N THR A 1040 -11.63 -16.80 10.07
CA THR A 1040 -11.59 -18.01 9.27
C THR A 1040 -12.79 -18.01 8.34
N ASN A 1041 -12.67 -18.74 7.23
CA ASN A 1041 -13.70 -18.76 6.21
C ASN A 1041 -14.53 -20.03 6.31
N THR A 1042 -15.78 -19.87 6.63
CA THR A 1042 -16.74 -20.95 6.67
C THR A 1042 -17.73 -20.80 5.52
N PRO A 1043 -18.30 -21.89 5.01
CA PRO A 1043 -19.30 -21.76 3.94
C PRO A 1043 -20.58 -21.12 4.44
N CYS A 1044 -21.04 -20.13 3.70
CA CYS A 1044 -22.29 -19.46 4.05
C CYS A 1044 -23.46 -20.36 3.73
N ALA A 1045 -24.50 -20.25 4.54
CA ALA A 1045 -25.69 -21.09 4.34
C ALA A 1045 -27.01 -20.36 4.47
N ARG A 1046 -27.05 -19.14 4.99
CA ARG A 1046 -28.31 -18.43 5.17
C ARG A 1046 -28.23 -17.06 4.52
N ILE A 1047 -29.40 -16.45 4.32
CA ILE A 1047 -29.53 -15.13 3.69
C ILE A 1047 -30.47 -14.29 4.55
N PRO A 1048 -30.00 -13.22 5.19
CA PRO A 1048 -30.89 -12.41 6.03
C PRO A 1048 -31.80 -11.53 5.21
N ARG A 1049 -33.02 -11.34 5.72
CA ARG A 1049 -33.98 -10.44 5.13
C ARG A 1049 -34.49 -9.49 6.20
N MET A 1050 -35.47 -8.67 5.84
CA MET A 1050 -36.10 -7.73 6.76
C MET A 1050 -37.56 -7.63 6.36
N THR A 1051 -38.46 -8.14 7.22
CA THR A 1051 -39.88 -8.22 6.89
C THR A 1051 -40.73 -7.24 7.67
N GLY A 1052 -40.12 -6.26 8.33
CA GLY A 1052 -40.85 -5.23 9.04
C GLY A 1052 -41.11 -5.52 10.49
N GLU A 1053 -41.10 -6.79 10.90
CA GLU A 1053 -41.29 -7.16 12.28
C GLU A 1053 -40.11 -7.90 12.89
N GLU A 1054 -39.34 -8.64 12.09
CA GLU A 1054 -38.19 -9.40 12.55
C GLU A 1054 -37.33 -9.72 11.34
N LYS A 1055 -36.22 -10.38 11.58
CA LYS A 1055 -35.37 -10.87 10.49
C LYS A 1055 -35.73 -12.31 10.17
N GLU A 1056 -35.83 -12.61 8.89
CA GLU A 1056 -36.13 -13.95 8.42
C GLU A 1056 -34.98 -14.43 7.54
N PHE A 1057 -34.28 -15.44 8.01
CA PHE A 1057 -33.22 -16.07 7.25
C PHE A 1057 -33.82 -16.98 6.18
N GLU A 1058 -33.16 -17.02 5.02
CA GLU A 1058 -33.54 -17.94 3.96
C GLU A 1058 -32.41 -18.93 3.73
N THR A 1059 -32.75 -20.21 3.73
CA THR A 1059 -31.75 -21.24 3.55
C THR A 1059 -31.39 -21.37 2.07
N ILE A 1060 -30.09 -21.28 1.77
CA ILE A 1060 -29.60 -21.56 0.43
C ILE A 1060 -29.79 -23.06 0.18
N GLU A 1061 -30.51 -23.39 -0.88
CA GLU A 1061 -30.75 -24.78 -1.24
C GLU A 1061 -30.53 -24.92 -2.73
N ARG A 1062 -29.40 -25.50 -3.12
CA ARG A 1062 -29.03 -25.70 -4.50
C ARG A 1062 -28.71 -27.18 -4.72
N ASP A 1063 -28.16 -27.47 -5.90
CA ASP A 1063 -27.68 -28.81 -6.22
C ASP A 1063 -26.46 -29.14 -5.39
N GLU A 1064 -26.13 -30.44 -5.32
CA GLU A 1064 -24.91 -30.86 -4.64
C GLU A 1064 -23.64 -30.49 -5.40
N ARG A 1065 -23.77 -30.12 -6.67
CA ARG A 1065 -22.66 -29.66 -7.50
C ARG A 1065 -22.76 -28.14 -7.52
N TYR A 1066 -22.22 -27.50 -6.49
CA TYR A 1066 -22.42 -26.08 -6.25
C TYR A 1066 -21.42 -25.57 -5.24
N ILE A 1067 -20.61 -24.60 -5.61
CA ILE A 1067 -19.65 -24.06 -4.66
C ILE A 1067 -20.35 -23.07 -3.76
N HIS A 1068 -19.83 -22.89 -2.60
CA HIS A 1068 -20.55 -22.12 -1.61
C HIS A 1068 -19.88 -20.78 -1.37
N PRO A 1069 -20.68 -19.75 -1.10
CA PRO A 1069 -20.11 -18.44 -0.75
C PRO A 1069 -19.41 -18.49 0.60
N GLN A 1070 -18.41 -17.63 0.74
CA GLN A 1070 -17.56 -17.63 1.93
C GLN A 1070 -18.19 -16.72 2.97
N GLN A 1071 -18.43 -17.24 4.16
CA GLN A 1071 -18.79 -16.44 5.31
C GLN A 1071 -17.60 -16.38 6.24
N GLU A 1072 -17.37 -15.22 6.83
CA GLU A 1072 -16.21 -14.99 7.69
C GLU A 1072 -16.68 -14.86 9.13
N ALA A 1073 -16.10 -15.65 10.02
CA ALA A 1073 -16.39 -15.54 11.45
C ALA A 1073 -15.18 -14.97 12.15
N PHE A 1074 -15.36 -13.86 12.86
CA PHE A 1074 -14.21 -13.25 13.49
C PHE A 1074 -14.07 -13.71 14.92
N SER A 1075 -12.85 -13.67 15.43
CA SER A 1075 -12.57 -14.01 16.81
C SER A 1075 -11.31 -13.26 17.23
N ILE A 1076 -11.27 -12.84 18.49
CA ILE A 1076 -10.15 -12.06 19.00
C ILE A 1076 -9.25 -12.98 19.81
N GLN A 1077 -8.02 -13.15 19.35
CA GLN A 1077 -7.05 -14.05 19.98
C GLN A 1077 -6.42 -13.33 21.16
N LEU A 1078 -5.40 -13.94 21.76
CA LEU A 1078 -4.58 -13.27 22.77
C LEU A 1078 -3.21 -13.91 22.73
N ILE A 1079 -2.21 -13.18 22.24
CA ILE A 1079 -0.89 -13.73 21.96
C ILE A 1079 0.05 -13.32 23.08
N SER A 1080 0.89 -14.26 23.53
CA SER A 1080 1.83 -14.05 24.62
C SER A 1080 3.23 -13.80 24.07
N PRO A 1081 3.91 -12.72 24.47
CA PRO A 1081 5.27 -12.48 23.98
C PRO A 1081 6.33 -13.36 24.60
N VAL A 1082 6.05 -14.03 25.71
CA VAL A 1082 7.04 -14.87 26.37
C VAL A 1082 7.40 -16.06 25.48
N SER A 1083 6.42 -16.90 25.19
CA SER A 1083 6.48 -17.83 24.08
C SER A 1083 5.28 -17.53 23.22
N TRP A 1084 5.47 -17.47 21.91
CA TRP A 1084 4.48 -16.85 21.05
C TRP A 1084 3.28 -17.74 20.75
N GLU A 1085 3.08 -18.80 21.52
CA GLU A 1085 1.85 -19.56 21.49
C GLU A 1085 0.68 -18.67 21.88
N ALA A 1086 -0.44 -18.89 21.20
CA ALA A 1086 -1.68 -18.23 21.60
C ALA A 1086 -2.14 -18.76 22.95
N ILE A 1087 -2.53 -17.85 23.83
CA ILE A 1087 -2.97 -18.19 25.18
C ILE A 1087 -4.26 -19.00 25.10
N PRO A 1088 -4.29 -20.21 25.65
CA PRO A 1088 -5.51 -21.01 25.60
C PRO A 1088 -6.57 -20.43 26.52
N ASN A 1089 -7.82 -20.70 26.18
CA ASN A 1089 -9.02 -20.34 26.95
C ASN A 1089 -9.19 -18.82 27.06
N ALA A 1090 -8.59 -18.07 26.13
CA ALA A 1090 -8.75 -16.63 26.03
C ALA A 1090 -9.00 -16.32 24.57
N ARG A 1091 -10.26 -16.35 24.18
CA ARG A 1091 -10.65 -16.02 22.82
C ARG A 1091 -12.08 -15.50 22.87
N ILE A 1092 -12.26 -14.21 22.63
CA ILE A 1092 -13.58 -13.64 22.43
C ILE A 1092 -14.01 -13.98 21.01
N GLU A 1093 -15.18 -14.60 20.89
CA GLU A 1093 -15.75 -14.91 19.59
C GLU A 1093 -17.00 -14.06 19.39
N LEU A 1094 -17.24 -13.65 18.16
CA LEU A 1094 -18.26 -12.66 17.86
C LEU A 1094 -19.54 -13.32 17.38
N GLN A 1095 -20.48 -12.53 16.87
CA GLN A 1095 -21.79 -13.01 16.48
C GLN A 1095 -21.70 -13.76 15.16
N GLU A 1096 -22.84 -14.10 14.57
CA GLU A 1096 -22.85 -14.97 13.41
C GLU A 1096 -22.46 -14.25 12.13
N TRP A 1097 -22.49 -12.93 12.13
CA TRP A 1097 -22.23 -12.17 10.90
C TRP A 1097 -21.31 -11.00 11.15
N GLU A 1098 -20.55 -11.02 12.24
CA GLU A 1098 -19.99 -9.79 12.78
C GLU A 1098 -18.54 -9.62 12.33
N HIS A 1099 -18.14 -8.37 12.14
CA HIS A 1099 -16.85 -8.02 11.56
C HIS A 1099 -16.19 -6.93 12.39
N VAL A 1100 -15.00 -7.24 12.92
CA VAL A 1100 -14.18 -6.22 13.56
C VAL A 1100 -13.73 -5.22 12.51
N THR A 1101 -14.13 -3.97 12.68
CA THR A 1101 -13.68 -2.91 11.79
C THR A 1101 -12.48 -2.14 12.34
N CYS A 1102 -12.25 -2.18 13.66
CA CYS A 1102 -11.10 -1.50 14.24
C CYS A 1102 -10.75 -2.13 15.58
N MET A 1103 -9.46 -2.18 15.88
CA MET A 1103 -8.96 -2.46 17.22
C MET A 1103 -7.82 -1.52 17.53
N LYS A 1104 -7.92 -0.83 18.66
CA LYS A 1104 -6.82 -0.02 19.16
C LYS A 1104 -6.68 -0.25 20.65
N THR A 1105 -5.61 0.30 21.21
CA THR A 1105 -5.36 0.26 22.64
C THR A 1105 -5.74 1.63 23.20
N VAL A 1106 -6.82 1.69 23.93
CA VAL A 1106 -7.44 2.95 24.30
C VAL A 1106 -7.15 3.27 25.77
N SER A 1107 -6.60 4.46 26.02
CA SER A 1107 -6.30 4.91 27.39
C SER A 1107 -7.49 5.71 27.92
N LEU A 1108 -8.38 5.01 28.62
CA LEU A 1108 -9.48 5.68 29.27
C LEU A 1108 -9.10 6.05 30.70
N ARG A 1109 -9.62 7.17 31.17
CA ARG A 1109 -9.24 7.65 32.49
C ARG A 1109 -9.94 6.85 33.57
N SER A 1110 -9.35 6.85 34.76
CA SER A 1110 -9.82 6.00 35.84
C SER A 1110 -9.47 6.61 37.18
N GLU A 1111 -10.16 6.14 38.21
CA GLU A 1111 -9.91 6.52 39.59
C GLU A 1111 -9.14 5.48 40.36
N GLU A 1112 -8.46 4.57 39.67
CA GLU A 1112 -7.81 3.43 40.31
C GLU A 1112 -6.30 3.65 40.46
N THR A 1113 -5.61 3.95 39.36
CA THR A 1113 -4.16 4.02 39.40
C THR A 1113 -3.68 5.40 39.83
N VAL A 1114 -2.35 5.56 39.87
CA VAL A 1114 -1.76 6.81 40.31
C VAL A 1114 -1.84 7.86 39.21
N SER A 1115 -1.95 7.44 37.96
CA SER A 1115 -2.25 8.33 36.86
C SER A 1115 -3.76 8.31 36.64
N GLY A 1116 -4.21 8.79 35.48
CA GLY A 1116 -5.61 8.65 35.13
C GLY A 1116 -5.87 7.41 34.29
N LEU A 1117 -4.98 7.13 33.35
CA LEU A 1117 -5.23 6.20 32.26
C LEU A 1117 -5.13 4.76 32.74
N LYS A 1118 -5.83 3.89 32.01
CA LYS A 1118 -5.88 2.45 32.26
C LYS A 1118 -5.52 1.50 31.12
N GLY A 1119 -5.22 2.02 29.93
CA GLY A 1119 -4.84 1.16 28.82
C GLY A 1119 -5.72 -0.01 28.36
N TYR A 1120 -7.02 0.22 28.17
CA TYR A 1120 -7.94 -0.82 27.71
C TYR A 1120 -7.80 -1.18 26.22
N VAL A 1121 -8.34 -2.33 25.83
CA VAL A 1121 -8.37 -2.72 24.43
C VAL A 1121 -9.82 -2.59 23.97
N ALA A 1122 -10.05 -1.75 22.97
CA ALA A 1122 -11.39 -1.43 22.54
C ALA A 1122 -11.53 -1.76 21.06
N ALA A 1123 -12.59 -2.50 20.74
CA ALA A 1123 -12.83 -2.97 19.39
C ALA A 1123 -14.21 -2.54 18.96
N GLY A 1124 -14.31 -1.92 17.79
CA GLY A 1124 -15.58 -1.58 17.19
C GLY A 1124 -15.91 -2.57 16.10
N THR A 1125 -17.15 -3.04 16.10
CA THR A 1125 -17.49 -4.16 15.24
C THR A 1125 -18.97 -4.13 14.88
N CYS A 1126 -19.28 -4.47 13.62
CA CYS A 1126 -20.62 -4.33 13.07
C CYS A 1126 -20.90 -5.47 12.11
N LEU A 1127 -22.18 -5.63 11.76
CA LEU A 1127 -22.70 -6.83 11.10
C LEU A 1127 -22.94 -6.57 9.62
N MET A 1128 -22.29 -7.36 8.77
CA MET A 1128 -22.50 -7.26 7.32
C MET A 1128 -23.47 -8.34 6.88
N GLN A 1129 -24.70 -7.95 6.61
CA GLN A 1129 -25.73 -8.87 6.15
C GLN A 1129 -26.36 -8.36 4.87
N GLY A 1130 -25.55 -7.96 3.90
CA GLY A 1130 -26.06 -7.49 2.63
C GLY A 1130 -26.61 -6.07 2.71
N GLU A 1131 -26.88 -5.50 1.53
CA GLU A 1131 -27.31 -4.12 1.47
C GLU A 1131 -28.75 -3.91 1.88
N GLU A 1132 -29.59 -4.93 1.82
CA GLU A 1132 -31.00 -4.76 2.16
C GLU A 1132 -31.28 -4.81 3.65
N VAL A 1133 -30.26 -4.92 4.49
CA VAL A 1133 -30.42 -5.01 5.93
C VAL A 1133 -29.63 -3.88 6.56
N THR A 1134 -30.24 -3.18 7.51
CA THR A 1134 -29.62 -2.03 8.16
C THR A 1134 -28.41 -2.47 8.98
N CYS A 1135 -27.24 -1.91 8.67
CA CYS A 1135 -26.01 -2.27 9.36
C CYS A 1135 -25.94 -1.57 10.70
N ARG A 1136 -25.86 -2.35 11.78
CA ARG A 1136 -25.68 -1.81 13.12
C ARG A 1136 -24.44 -2.44 13.74
N GLY A 1137 -23.94 -1.79 14.79
CA GLY A 1137 -22.67 -2.21 15.35
C GLY A 1137 -22.61 -2.26 16.86
N ARG A 1138 -21.43 -2.52 17.40
CA ARG A 1138 -21.30 -2.84 18.81
C ARG A 1138 -19.90 -2.48 19.27
N ILE A 1139 -19.78 -1.65 20.30
CA ILE A 1139 -18.50 -1.24 20.87
C ILE A 1139 -18.13 -2.21 21.96
N LEU A 1140 -16.91 -2.75 21.90
CA LEU A 1140 -16.46 -3.82 22.78
C LEU A 1140 -15.18 -3.40 23.48
N ILE A 1141 -15.27 -3.11 24.78
CA ILE A 1141 -14.14 -2.65 25.59
C ILE A 1141 -13.64 -3.79 26.45
N MET A 1142 -12.35 -4.10 26.35
CA MET A 1142 -11.74 -5.27 26.96
C MET A 1142 -10.55 -4.84 27.81
N ASP A 1143 -10.27 -5.59 28.86
CA ASP A 1143 -9.12 -5.34 29.71
C ASP A 1143 -8.53 -6.68 30.11
N VAL A 1144 -7.22 -6.79 30.01
CA VAL A 1144 -6.50 -8.01 30.36
C VAL A 1144 -6.30 -8.03 31.87
N ILE A 1145 -6.64 -9.14 32.50
CA ILE A 1145 -6.61 -9.27 33.95
C ILE A 1145 -5.83 -10.51 34.33
N GLU A 1146 -4.84 -10.33 35.19
CA GLU A 1146 -4.10 -11.46 35.73
C GLU A 1146 -4.97 -12.23 36.72
N VAL A 1147 -4.96 -13.55 36.60
CA VAL A 1147 -5.66 -14.45 37.51
C VAL A 1147 -4.67 -15.50 38.00
N VAL A 1148 -5.17 -16.43 38.80
CA VAL A 1148 -4.32 -17.58 39.16
C VAL A 1148 -4.21 -18.52 37.96
N PRO A 1149 -3.02 -19.05 37.68
CA PRO A 1149 -2.86 -19.83 36.45
C PRO A 1149 -3.39 -21.25 36.58
N GLU A 1150 -3.84 -21.77 35.45
CA GLU A 1150 -4.18 -23.18 35.35
C GLU A 1150 -2.91 -24.02 35.50
N PRO A 1151 -2.95 -25.10 36.29
CA PRO A 1151 -1.72 -25.86 36.57
C PRO A 1151 -1.18 -26.59 35.34
N GLY A 1152 0.12 -26.44 35.12
CA GLY A 1152 0.77 -26.96 33.94
C GLY A 1152 0.81 -26.01 32.78
N GLN A 1153 0.17 -24.85 32.89
CA GLN A 1153 0.10 -23.87 31.81
C GLN A 1153 0.42 -22.50 32.39
N PRO A 1154 1.68 -22.09 32.36
CA PRO A 1154 2.03 -20.78 32.94
C PRO A 1154 1.56 -19.61 32.09
N LEU A 1155 1.20 -19.84 30.83
CA LEU A 1155 0.72 -18.77 29.98
C LEU A 1155 -0.71 -18.36 30.32
N THR A 1156 -1.46 -19.21 31.02
CA THR A 1156 -2.87 -18.98 31.27
C THR A 1156 -3.14 -18.14 32.50
N LYS A 1157 -2.19 -17.31 32.91
CA LYS A 1157 -2.44 -16.37 33.98
C LYS A 1157 -3.20 -15.13 33.51
N ASN A 1158 -3.32 -14.93 32.20
CA ASN A 1158 -3.99 -13.78 31.63
C ASN A 1158 -5.26 -14.21 30.92
N LYS A 1159 -6.28 -13.35 30.97
CA LYS A 1159 -7.58 -13.66 30.39
C LYS A 1159 -8.33 -12.35 30.20
N PHE A 1160 -9.13 -12.28 29.14
CA PHE A 1160 -9.95 -11.09 28.92
C PHE A 1160 -11.03 -10.96 29.98
N LYS A 1161 -11.31 -9.72 30.36
CA LYS A 1161 -12.56 -9.39 31.02
C LYS A 1161 -13.20 -8.24 30.25
N VAL A 1162 -14.42 -8.45 29.80
CA VAL A 1162 -15.11 -7.46 28.99
C VAL A 1162 -15.92 -6.56 29.92
N LEU A 1163 -15.56 -5.29 29.96
CA LEU A 1163 -16.32 -4.32 30.74
C LEU A 1163 -17.60 -3.94 30.01
N TYR A 1164 -17.53 -3.79 28.70
CA TYR A 1164 -18.62 -3.16 27.96
C TYR A 1164 -18.86 -3.89 26.65
N GLU A 1165 -20.12 -4.24 26.40
CA GLU A 1165 -20.52 -4.83 25.11
C GLU A 1165 -21.99 -4.46 24.90
N LYS A 1166 -22.24 -3.39 24.16
CA LYS A 1166 -23.60 -2.94 23.88
C LYS A 1166 -23.71 -2.56 22.42
N GLU A 1167 -24.83 -2.93 21.81
CA GLU A 1167 -25.06 -2.64 20.40
C GLU A 1167 -25.43 -1.17 20.23
N GLN A 1168 -24.74 -0.48 19.33
CA GLN A 1168 -24.89 0.96 19.18
C GLN A 1168 -26.06 1.26 18.25
N LYS A 1169 -26.20 2.52 17.87
CA LYS A 1169 -27.24 2.94 16.92
C LYS A 1169 -26.62 3.14 15.54
N GLY A 1170 -26.11 2.06 14.98
CA GLY A 1170 -25.51 2.11 13.67
C GLY A 1170 -24.15 1.44 13.65
N PRO A 1171 -23.46 1.52 12.52
CA PRO A 1171 -22.15 0.87 12.41
C PRO A 1171 -21.09 1.61 13.21
N VAL A 1172 -20.21 0.86 13.85
CA VAL A 1172 -19.05 1.44 14.51
C VAL A 1172 -17.85 1.21 13.62
N THR A 1173 -17.17 2.30 13.26
CA THR A 1173 -16.17 2.26 12.22
C THR A 1173 -14.76 2.60 12.67
N ALA A 1174 -14.58 3.46 13.67
CA ALA A 1174 -13.25 3.77 14.16
C ALA A 1174 -13.33 4.21 15.61
N LEU A 1175 -12.22 4.15 16.32
CA LEU A 1175 -12.21 4.52 17.72
C LEU A 1175 -10.97 5.30 18.10
N CYS A 1176 -11.08 6.07 19.18
CA CYS A 1176 -9.96 6.86 19.67
C CYS A 1176 -10.07 7.25 21.13
N HIS A 1177 -8.96 7.76 21.66
CA HIS A 1177 -8.93 8.23 23.02
C HIS A 1177 -8.48 9.68 22.99
N CYS A 1178 -9.13 10.53 23.77
CA CYS A 1178 -8.79 11.94 23.84
C CYS A 1178 -8.85 12.39 25.29
N ASN A 1179 -7.69 12.41 25.95
CA ASN A 1179 -7.54 12.78 27.37
C ASN A 1179 -8.43 11.94 28.28
N GLY A 1180 -8.60 10.67 27.91
CA GLY A 1180 -9.43 9.78 28.67
C GLY A 1180 -10.87 9.72 28.23
N HIS A 1181 -11.14 10.01 26.96
CA HIS A 1181 -12.48 9.93 26.40
C HIS A 1181 -12.44 9.08 25.15
N LEU A 1182 -13.19 8.00 25.13
CA LEU A 1182 -13.27 7.17 23.95
C LEU A 1182 -14.02 7.92 22.86
N VAL A 1183 -13.43 8.05 21.69
CA VAL A 1183 -14.03 8.78 20.57
C VAL A 1183 -14.40 7.77 19.51
N SER A 1184 -15.69 7.64 19.23
CA SER A 1184 -16.19 6.66 18.28
C SER A 1184 -16.95 7.36 17.15
N ALA A 1185 -16.97 6.69 16.00
CA ALA A 1185 -17.60 7.21 14.78
C ALA A 1185 -18.73 6.28 14.38
N ILE A 1186 -19.96 6.63 14.74
CA ILE A 1186 -21.13 5.84 14.37
C ILE A 1186 -21.77 6.49 13.16
N GLY A 1187 -21.63 5.85 12.00
CA GLY A 1187 -22.30 6.32 10.79
C GLY A 1187 -21.76 7.61 10.23
N GLN A 1188 -22.61 8.64 10.14
CA GLN A 1188 -22.18 9.98 9.78
C GLN A 1188 -22.00 10.88 10.99
N LYS A 1189 -21.90 10.31 12.18
CA LYS A 1189 -21.66 11.09 13.38
C LYS A 1189 -20.46 10.52 14.12
N ILE A 1190 -19.66 11.41 14.70
CA ILE A 1190 -18.48 11.02 15.45
C ILE A 1190 -18.76 11.34 16.90
N PHE A 1191 -19.07 10.33 17.69
CA PHE A 1191 -19.40 10.58 19.08
C PHE A 1191 -18.14 10.66 19.91
N LEU A 1192 -18.31 11.00 21.18
CA LEU A 1192 -17.20 11.07 22.13
C LEU A 1192 -17.73 10.60 23.47
N TRP A 1193 -17.42 9.38 23.82
CA TRP A 1193 -17.98 8.73 24.99
C TRP A 1193 -17.10 8.94 26.21
N SER A 1194 -17.73 9.02 27.37
CA SER A 1194 -17.03 9.05 28.65
C SER A 1194 -17.40 7.79 29.41
N LEU A 1195 -16.42 6.94 29.67
CA LEU A 1195 -16.67 5.68 30.36
C LEU A 1195 -16.83 5.96 31.84
N ARG A 1196 -17.99 5.59 32.38
CA ARG A 1196 -18.27 5.61 33.79
C ARG A 1196 -17.70 4.34 34.42
N ALA A 1197 -18.17 3.98 35.61
CA ALA A 1197 -17.71 2.75 36.24
C ALA A 1197 -18.15 1.52 35.45
N SER A 1198 -19.27 1.62 34.73
CA SER A 1198 -19.78 0.44 34.03
C SER A 1198 -20.19 0.71 32.58
N GLU A 1199 -20.58 1.94 32.25
CA GLU A 1199 -21.20 2.24 30.96
C GLU A 1199 -20.54 3.43 30.30
N LEU A 1200 -20.69 3.50 28.97
CA LEU A 1200 -20.28 4.66 28.19
C LEU A 1200 -21.43 5.66 28.14
N THR A 1201 -21.14 6.90 28.50
CA THR A 1201 -22.09 7.99 28.38
C THR A 1201 -21.54 9.01 27.40
N GLY A 1202 -22.39 9.48 26.48
CA GLY A 1202 -21.93 10.39 25.46
C GLY A 1202 -21.76 11.81 25.97
N MET A 1203 -20.85 12.54 25.35
CA MET A 1203 -20.64 13.95 25.68
C MET A 1203 -20.85 14.88 24.50
N ALA A 1204 -20.30 14.57 23.33
CA ALA A 1204 -20.37 15.51 22.21
C ALA A 1204 -20.28 14.77 20.89
N PHE A 1205 -20.68 15.46 19.81
CA PHE A 1205 -20.53 14.95 18.46
C PHE A 1205 -20.61 16.09 17.46
N ILE A 1206 -20.30 15.76 16.21
CA ILE A 1206 -20.63 16.58 15.06
C ILE A 1206 -21.07 15.65 13.94
N ASP A 1207 -21.61 16.25 12.88
CA ASP A 1207 -21.99 15.51 11.68
C ASP A 1207 -20.80 15.51 10.73
N THR A 1208 -20.26 14.32 10.45
CA THR A 1208 -19.10 14.19 9.59
C THR A 1208 -19.50 13.69 8.20
N GLN A 1209 -18.49 13.39 7.38
CA GLN A 1209 -18.70 12.93 6.01
C GLN A 1209 -19.04 11.46 5.96
N LEU A 1210 -18.89 10.84 4.78
CA LEU A 1210 -19.48 9.54 4.44
C LEU A 1210 -19.09 8.37 5.33
N TYR A 1211 -17.85 7.94 5.27
CA TYR A 1211 -17.45 6.74 6.01
C TYR A 1211 -16.09 7.04 6.63
N ILE A 1212 -16.10 7.52 7.86
CA ILE A 1212 -14.85 7.75 8.58
C ILE A 1212 -14.26 6.40 8.95
N HIS A 1213 -13.13 6.03 8.35
CA HIS A 1213 -12.56 4.73 8.62
C HIS A 1213 -11.27 4.74 9.41
N GLN A 1214 -10.56 5.86 9.48
CA GLN A 1214 -9.41 6.01 10.36
C GLN A 1214 -9.56 7.26 11.19
N MET A 1215 -9.23 7.16 12.46
CA MET A 1215 -9.05 8.30 13.33
C MET A 1215 -7.86 8.04 14.23
N ILE A 1216 -6.94 8.99 14.31
CA ILE A 1216 -5.99 9.06 15.42
C ILE A 1216 -6.05 10.48 15.96
N SER A 1217 -5.52 10.66 17.16
CA SER A 1217 -5.70 11.94 17.81
C SER A 1217 -4.56 12.19 18.78
N VAL A 1218 -4.23 13.46 18.99
CA VAL A 1218 -3.38 13.79 20.12
C VAL A 1218 -3.79 15.14 20.72
N LYS A 1219 -4.04 15.13 22.03
CA LYS A 1219 -4.17 16.30 22.88
C LYS A 1219 -5.32 17.20 22.40
N ASN A 1220 -6.51 16.63 22.54
CA ASN A 1220 -7.83 17.17 22.14
C ASN A 1220 -7.90 17.65 20.68
N PHE A 1221 -7.13 17.04 19.78
CA PHE A 1221 -7.27 17.27 18.34
C PHE A 1221 -7.46 15.92 17.66
N ILE A 1222 -8.64 15.68 17.12
CA ILE A 1222 -8.92 14.42 16.44
C ILE A 1222 -8.76 14.62 14.95
N LEU A 1223 -7.98 13.77 14.32
CA LEU A 1223 -7.87 13.77 12.87
C LEU A 1223 -8.63 12.57 12.33
N ALA A 1224 -9.57 12.82 11.43
CA ALA A 1224 -10.42 11.78 10.89
C ALA A 1224 -10.02 11.53 9.45
N ALA A 1225 -10.56 10.46 8.86
CA ALA A 1225 -10.17 10.07 7.51
C ALA A 1225 -11.34 9.39 6.84
N ASP A 1226 -11.72 9.89 5.69
CA ASP A 1226 -12.89 9.41 4.96
C ASP A 1226 -12.46 8.50 3.81
N VAL A 1227 -13.42 7.69 3.35
CA VAL A 1227 -13.18 6.81 2.21
C VAL A 1227 -12.93 7.60 0.94
N MET A 1228 -13.84 8.52 0.61
CA MET A 1228 -13.72 9.28 -0.63
C MET A 1228 -13.29 10.72 -0.42
N LYS A 1229 -13.79 11.40 0.62
CA LYS A 1229 -13.66 12.85 0.64
C LYS A 1229 -12.27 13.32 1.09
N SER A 1230 -11.95 13.14 2.36
CA SER A 1230 -10.95 14.05 2.90
C SER A 1230 -10.30 13.56 4.18
N ILE A 1231 -9.54 14.44 4.81
CA ILE A 1231 -9.33 14.37 6.23
C ILE A 1231 -10.03 15.57 6.86
N SER A 1232 -10.47 15.41 8.10
CA SER A 1232 -11.32 16.41 8.74
C SER A 1232 -10.85 16.52 10.18
N LEU A 1233 -9.99 17.49 10.47
CA LEU A 1233 -9.39 17.53 11.80
C LEU A 1233 -10.36 18.20 12.76
N LEU A 1234 -10.43 17.65 13.96
CA LEU A 1234 -11.41 18.08 14.94
C LEU A 1234 -10.69 18.69 16.12
N ARG A 1235 -11.47 19.13 17.10
CA ARG A 1235 -10.96 19.81 18.27
C ARG A 1235 -12.04 19.73 19.31
N TYR A 1236 -11.63 19.65 20.56
CA TYR A 1236 -12.56 19.36 21.65
C TYR A 1236 -12.20 20.21 22.86
N GLN A 1237 -12.90 21.32 23.03
CA GLN A 1237 -12.88 21.98 24.33
C GLN A 1237 -13.53 21.06 25.34
N GLU A 1238 -13.00 21.03 26.56
CA GLU A 1238 -13.53 20.10 27.53
C GLU A 1238 -14.31 20.79 28.63
N GLU A 1239 -14.09 22.09 28.81
CA GLU A 1239 -14.83 22.86 29.82
C GLU A 1239 -16.31 22.94 29.46
N SER A 1240 -16.61 23.17 28.19
CA SER A 1240 -17.94 22.89 27.65
C SER A 1240 -17.88 21.59 26.87
N LYS A 1241 -18.94 20.79 26.97
CA LYS A 1241 -18.99 19.50 26.30
C LYS A 1241 -19.29 19.73 24.81
N THR A 1242 -18.29 20.19 24.07
CA THR A 1242 -18.48 20.56 22.68
C THR A 1242 -17.35 20.05 21.81
N LEU A 1243 -17.71 19.41 20.71
CA LEU A 1243 -16.78 18.94 19.72
C LEU A 1243 -17.00 19.78 18.46
N SER A 1244 -15.93 20.13 17.78
CA SER A 1244 -16.04 21.05 16.67
C SER A 1244 -15.10 20.67 15.55
N LEU A 1245 -15.37 21.23 14.38
CA LEU A 1245 -14.53 21.07 13.20
C LEU A 1245 -13.63 22.28 13.07
N VAL A 1246 -12.34 22.04 12.85
CA VAL A 1246 -11.42 23.13 12.62
C VAL A 1246 -11.26 23.40 11.14
N SER A 1247 -10.72 22.43 10.42
CA SER A 1247 -10.39 22.61 9.01
C SER A 1247 -10.53 21.26 8.32
N ARG A 1248 -10.43 21.28 7.01
CA ARG A 1248 -10.64 20.07 6.23
C ARG A 1248 -10.02 20.22 4.86
N ASP A 1249 -9.63 19.10 4.28
CA ASP A 1249 -9.17 19.09 2.91
C ASP A 1249 -10.39 19.27 2.01
N ALA A 1250 -10.42 20.37 1.25
CA ALA A 1250 -11.59 20.66 0.44
C ALA A 1250 -11.69 19.79 -0.81
N LYS A 1251 -10.63 19.09 -1.17
CA LYS A 1251 -10.63 18.25 -2.35
C LYS A 1251 -11.18 16.87 -2.04
N PRO A 1252 -11.56 16.09 -3.06
CA PRO A 1252 -11.80 14.66 -2.82
C PRO A 1252 -10.49 13.89 -2.85
N LEU A 1253 -10.35 12.94 -1.92
CA LEU A 1253 -9.10 12.20 -1.79
C LEU A 1253 -9.36 10.90 -1.05
N GLU A 1254 -8.79 9.81 -1.55
CA GLU A 1254 -9.12 8.48 -1.09
C GLU A 1254 -8.07 7.98 -0.10
N VAL A 1255 -8.20 8.41 1.15
CA VAL A 1255 -7.23 8.19 2.21
C VAL A 1255 -7.16 6.71 2.57
N TYR A 1256 -5.94 6.16 2.69
CA TYR A 1256 -5.83 4.90 3.41
C TYR A 1256 -5.75 5.12 4.91
N SER A 1257 -4.72 5.80 5.39
CA SER A 1257 -4.59 6.05 6.82
C SER A 1257 -3.82 7.32 7.06
N VAL A 1258 -4.08 7.92 8.22
CA VAL A 1258 -3.53 9.21 8.59
C VAL A 1258 -2.52 9.06 9.73
N ASP A 1259 -1.74 10.11 9.92
CA ASP A 1259 -0.69 10.13 10.95
C ASP A 1259 -0.48 11.58 11.39
N PHE A 1260 0.49 11.79 12.28
CA PHE A 1260 0.88 13.08 12.82
C PHE A 1260 2.39 13.25 12.68
N MET A 1261 2.84 13.97 11.65
CA MET A 1261 4.22 14.40 11.57
C MET A 1261 4.50 15.44 12.65
N VAL A 1262 5.54 15.22 13.44
CA VAL A 1262 5.89 16.10 14.56
C VAL A 1262 7.27 16.68 14.31
N ASP A 1263 7.36 18.00 14.38
CA ASP A 1263 8.57 18.79 14.37
C ASP A 1263 8.60 19.49 15.73
N ASN A 1264 9.49 20.49 15.88
CA ASN A 1264 9.58 21.23 17.15
C ASN A 1264 8.25 21.86 17.53
N ALA A 1265 7.72 22.72 16.67
CA ALA A 1265 6.40 23.29 16.88
C ALA A 1265 5.44 22.98 15.75
N GLN A 1266 5.93 22.44 14.63
CA GLN A 1266 5.09 22.19 13.47
C GLN A 1266 4.53 20.78 13.55
N LEU A 1267 3.20 20.68 13.55
CA LEU A 1267 2.50 19.40 13.58
C LEU A 1267 1.92 19.13 12.21
N GLY A 1268 2.55 18.22 11.47
CA GLY A 1268 2.03 17.83 10.18
C GLY A 1268 1.02 16.72 10.25
N PHE A 1269 0.27 16.54 9.17
CA PHE A 1269 -0.85 15.61 9.09
C PHE A 1269 -0.58 14.66 7.94
N LEU A 1270 0.19 13.61 8.19
CA LEU A 1270 0.64 12.73 7.13
C LEU A 1270 -0.48 11.82 6.66
N VAL A 1271 -0.78 11.86 5.37
CA VAL A 1271 -1.86 11.08 4.78
C VAL A 1271 -1.42 10.31 3.53
N SER A 1272 -1.86 9.06 3.41
CA SER A 1272 -1.53 8.22 2.27
C SER A 1272 -2.67 8.12 1.24
N ASP A 1273 -2.31 8.08 -0.03
CA ASP A 1273 -3.30 8.06 -1.12
C ASP A 1273 -3.45 6.78 -1.95
N ARG A 1274 -4.69 6.29 -2.11
CA ARG A 1274 -4.95 5.14 -2.95
C ARG A 1274 -4.16 5.25 -4.23
N ASP A 1275 -3.13 6.09 -4.21
CA ASP A 1275 -2.36 6.38 -5.39
C ASP A 1275 -0.88 6.20 -5.06
N ARG A 1276 -0.58 5.52 -3.95
CA ARG A 1276 0.81 5.31 -3.54
C ARG A 1276 1.57 6.62 -3.34
N ASN A 1277 0.96 7.54 -2.61
CA ASN A 1277 1.49 8.88 -2.35
C ASN A 1277 1.61 9.10 -0.86
N LEU A 1278 2.30 10.17 -0.50
CA LEU A 1278 2.30 10.69 0.86
C LEU A 1278 2.19 12.20 0.79
N MET A 1279 1.41 12.75 1.70
CA MET A 1279 1.19 14.18 1.70
C MET A 1279 0.90 14.67 3.10
N VAL A 1280 1.39 15.87 3.39
CA VAL A 1280 1.38 16.43 4.73
C VAL A 1280 0.59 17.71 4.68
N TYR A 1281 -0.55 17.74 5.35
CA TYR A 1281 -1.37 18.93 5.42
C TYR A 1281 -1.03 19.67 6.70
N MET A 1282 -1.11 20.99 6.66
CA MET A 1282 -0.93 21.81 7.85
C MET A 1282 -2.06 22.81 7.96
N TYR A 1283 -2.38 23.15 9.21
CA TYR A 1283 -3.39 24.17 9.49
C TYR A 1283 -2.68 25.50 9.69
N LEU A 1284 -2.77 26.38 8.69
CA LEU A 1284 -2.09 27.67 8.68
C LEU A 1284 -3.11 28.78 8.51
N PRO A 1285 -3.55 29.42 9.60
CA PRO A 1285 -4.59 30.45 9.46
C PRO A 1285 -4.06 31.77 8.92
N GLU A 1286 -2.83 32.15 9.25
CA GLU A 1286 -2.29 33.39 8.72
C GLU A 1286 -1.93 33.31 7.25
N ALA A 1287 -1.87 32.11 6.68
CA ALA A 1287 -1.71 31.98 5.24
C ALA A 1287 -2.97 32.48 4.53
N LYS A 1288 -2.78 32.98 3.31
CA LYS A 1288 -3.87 33.55 2.55
C LYS A 1288 -4.25 32.75 1.33
N GLU A 1289 -3.43 31.78 0.92
CA GLU A 1289 -3.83 30.85 -0.12
C GLU A 1289 -4.82 29.82 0.40
N SER A 1290 -4.83 29.58 1.71
CA SER A 1290 -5.98 28.95 2.31
C SER A 1290 -7.03 30.00 2.59
N PHE A 1291 -8.14 29.57 3.15
CA PHE A 1291 -9.12 30.54 3.61
C PHE A 1291 -8.93 30.65 5.11
N GLY A 1292 -9.68 31.55 5.74
CA GLY A 1292 -9.45 31.80 7.15
C GLY A 1292 -9.90 30.65 8.01
N GLY A 1293 -8.93 29.83 8.43
CA GLY A 1293 -9.15 28.68 9.28
C GLY A 1293 -10.15 27.66 8.78
N MET A 1294 -10.22 27.41 7.47
CA MET A 1294 -11.15 26.40 6.98
C MET A 1294 -10.52 25.37 6.07
N ARG A 1295 -9.53 25.76 5.29
CA ARG A 1295 -8.94 24.88 4.29
C ARG A 1295 -7.55 24.43 4.73
N LEU A 1296 -7.28 23.13 4.63
CA LEU A 1296 -5.93 22.64 4.85
C LEU A 1296 -5.12 22.79 3.59
N LEU A 1297 -3.81 22.81 3.76
CA LEU A 1297 -2.88 23.03 2.66
C LEU A 1297 -1.81 21.96 2.71
N ARG A 1298 -1.61 21.25 1.61
CA ARG A 1298 -0.51 20.30 1.60
C ARG A 1298 0.81 21.02 1.46
N ARG A 1299 1.81 20.55 2.20
CA ARG A 1299 3.10 21.20 2.22
C ARG A 1299 4.24 20.31 1.75
N ALA A 1300 4.05 19.00 1.71
CA ALA A 1300 5.08 18.10 1.25
C ALA A 1300 4.40 17.00 0.45
N ASP A 1301 4.94 16.69 -0.71
CA ASP A 1301 4.35 15.66 -1.56
C ASP A 1301 5.42 14.68 -1.96
N PHE A 1302 5.05 13.40 -2.04
CA PHE A 1302 6.03 12.37 -2.27
C PHE A 1302 5.31 11.12 -2.75
N HIS A 1303 5.81 10.50 -3.80
CA HIS A 1303 5.19 9.30 -4.37
C HIS A 1303 5.94 8.08 -3.86
N VAL A 1304 5.51 7.52 -2.73
CA VAL A 1304 6.02 6.22 -2.33
C VAL A 1304 5.51 5.17 -3.30
N GLY A 1305 6.26 4.11 -3.48
CA GLY A 1305 5.81 3.16 -4.48
C GLY A 1305 4.70 2.24 -4.02
N ALA A 1306 4.29 2.31 -2.77
CA ALA A 1306 3.44 1.28 -2.23
C ALA A 1306 2.48 1.88 -1.22
N HIS A 1307 1.38 1.16 -1.02
CA HIS A 1307 0.32 1.59 -0.15
C HIS A 1307 0.74 1.53 1.32
N VAL A 1308 0.11 2.36 2.15
CA VAL A 1308 0.48 2.47 3.57
C VAL A 1308 -0.78 2.40 4.41
N ASN A 1309 -0.80 1.50 5.38
CA ASN A 1309 -1.87 1.46 6.38
C ASN A 1309 -1.43 1.76 7.80
N THR A 1310 -0.16 1.56 8.13
CA THR A 1310 0.29 1.61 9.50
C THR A 1310 1.21 2.80 9.73
N PHE A 1311 1.22 3.30 10.96
CA PHE A 1311 2.05 4.44 11.31
C PHE A 1311 2.46 4.35 12.77
N TRP A 1312 3.75 4.52 13.04
CA TRP A 1312 4.35 4.40 14.36
C TRP A 1312 5.13 5.68 14.56
N ARG A 1313 5.12 6.25 15.75
CA ARG A 1313 5.96 7.40 16.04
C ARG A 1313 6.93 7.02 17.14
N THR A 1314 8.21 7.31 16.94
CA THR A 1314 9.21 7.15 17.97
C THR A 1314 10.29 8.23 17.83
N PRO A 1315 10.68 8.81 18.96
CA PRO A 1315 11.67 9.89 19.04
C PRO A 1315 13.03 9.41 18.67
N CYS A 1316 13.78 10.22 17.94
CA CYS A 1316 15.13 9.86 17.53
C CYS A 1316 16.12 9.79 18.68
N ARG A 1317 17.06 8.85 18.60
CA ARG A 1317 18.06 8.65 19.63
C ARG A 1317 18.80 9.94 19.97
N TRP A 1330 18.00 17.69 16.31
CA TRP A 1330 16.84 16.85 16.56
C TRP A 1330 16.40 16.98 17.99
N GLU A 1331 16.07 18.20 18.38
CA GLU A 1331 15.75 18.51 19.77
C GLU A 1331 14.45 17.85 20.20
N ASN A 1332 13.40 18.00 19.40
CA ASN A 1332 12.07 17.60 19.84
C ASN A 1332 11.28 16.98 18.68
N LYS A 1333 11.99 16.45 17.68
CA LYS A 1333 11.35 15.90 16.50
C LYS A 1333 11.17 14.40 16.64
N HIS A 1334 10.12 13.88 16.03
CA HIS A 1334 9.81 12.46 16.02
C HIS A 1334 9.94 11.87 14.64
N ILE A 1335 10.17 10.56 14.58
CA ILE A 1335 10.24 9.82 13.34
C ILE A 1335 8.93 9.07 13.18
N THR A 1336 8.11 9.48 12.22
CA THR A 1336 6.81 8.84 12.04
C THR A 1336 7.01 7.72 11.03
N TRP A 1337 7.27 6.54 11.53
CA TRP A 1337 7.54 5.36 10.73
C TRP A 1337 6.29 4.87 10.02
N PHE A 1338 6.47 4.05 8.99
CA PHE A 1338 5.36 3.35 8.36
C PHE A 1338 5.84 2.10 7.66
N ALA A 1339 4.93 1.12 7.55
CA ALA A 1339 5.21 -0.16 6.92
C ALA A 1339 4.40 -0.25 5.64
N THR A 1340 5.09 -0.25 4.49
CA THR A 1340 4.41 -0.25 3.21
C THR A 1340 3.73 -1.59 2.98
N LEU A 1341 2.60 -1.54 2.28
CA LEU A 1341 1.74 -2.71 2.13
C LEU A 1341 2.33 -3.73 1.18
N ASP A 1342 3.42 -3.39 0.51
CA ASP A 1342 4.09 -4.33 -0.35
C ASP A 1342 5.10 -5.14 0.46
N GLY A 1343 5.10 -4.95 1.78
CA GLY A 1343 6.00 -5.62 2.71
C GLY A 1343 7.26 -4.91 3.19
N GLY A 1344 7.48 -3.67 2.75
CA GLY A 1344 8.63 -2.90 3.18
C GLY A 1344 8.32 -2.00 4.38
N ILE A 1345 9.32 -1.31 4.92
CA ILE A 1345 9.09 -0.39 6.03
C ILE A 1345 9.88 0.88 5.75
N GLY A 1346 9.21 2.04 5.84
CA GLY A 1346 9.83 3.32 5.56
C GLY A 1346 9.80 4.25 6.76
N LEU A 1347 10.27 5.46 6.53
CA LEU A 1347 10.38 6.47 7.57
C LEU A 1347 9.97 7.82 7.02
N LEU A 1348 9.73 8.77 7.91
CA LEU A 1348 9.78 10.20 7.58
C LEU A 1348 10.48 10.95 8.70
N LEU A 1349 11.60 11.55 8.37
CA LEU A 1349 12.42 12.26 9.33
C LEU A 1349 12.36 13.74 9.05
N PRO A 1350 11.75 14.56 9.90
CA PRO A 1350 11.69 15.99 9.64
C PRO A 1350 13.04 16.66 9.81
N MET A 1351 13.37 17.56 8.89
CA MET A 1351 14.64 18.26 8.94
C MET A 1351 14.43 19.76 8.95
N GLN A 1352 15.51 20.48 9.26
CA GLN A 1352 15.53 21.93 9.15
C GLN A 1352 15.70 22.34 7.69
N GLU A 1353 15.39 23.61 7.42
CA GLU A 1353 15.47 24.10 6.05
C GLU A 1353 16.90 24.23 5.58
N LYS A 1354 17.81 24.59 6.47
CA LYS A 1354 19.20 24.80 6.09
C LYS A 1354 19.88 23.50 5.70
N THR A 1355 19.62 22.43 6.43
CA THR A 1355 20.15 21.12 6.08
C THR A 1355 19.45 20.56 4.86
N TYR A 1356 18.19 20.94 4.66
CA TYR A 1356 17.40 20.45 3.53
C TYR A 1356 17.97 20.90 2.20
N ARG A 1357 18.21 22.19 2.05
CA ARG A 1357 18.56 22.71 0.74
C ARG A 1357 20.01 22.49 0.37
N ARG A 1358 20.87 22.01 1.29
CA ARG A 1358 22.15 21.47 0.86
C ARG A 1358 22.00 20.09 0.25
N LEU A 1359 20.91 19.40 0.56
CA LEU A 1359 20.66 18.08 0.01
C LEU A 1359 19.72 18.11 -1.18
N LEU A 1360 18.86 19.11 -1.28
CA LEU A 1360 18.08 19.28 -2.51
C LEU A 1360 18.98 19.65 -3.67
N MET A 1361 20.05 20.42 -3.42
CA MET A 1361 21.04 20.65 -4.47
C MET A 1361 21.83 19.41 -4.77
N LEU A 1362 21.94 18.49 -3.80
CA LEU A 1362 22.60 17.21 -4.05
C LEU A 1362 21.73 16.32 -4.90
N GLN A 1363 20.43 16.22 -4.56
CA GLN A 1363 19.53 15.31 -5.26
C GLN A 1363 19.33 15.71 -6.72
N ASN A 1364 19.30 17.01 -6.99
CA ASN A 1364 19.15 17.46 -8.37
C ASN A 1364 20.41 17.20 -9.19
N ALA A 1365 21.54 16.96 -8.53
CA ALA A 1365 22.74 16.56 -9.25
C ALA A 1365 22.88 15.05 -9.31
N LEU A 1366 22.41 14.34 -8.28
CA LEU A 1366 22.44 12.89 -8.31
C LEU A 1366 21.46 12.32 -9.32
N THR A 1367 20.35 13.01 -9.56
CA THR A 1367 19.37 12.53 -10.53
C THR A 1367 19.91 12.60 -11.94
N THR A 1368 20.58 13.69 -12.29
CA THR A 1368 21.05 13.90 -13.65
C THR A 1368 22.26 13.03 -13.97
N MET A 1369 23.28 13.07 -13.13
CA MET A 1369 24.62 12.62 -13.50
C MET A 1369 24.92 11.19 -13.08
N LEU A 1370 23.92 10.32 -12.98
CA LEU A 1370 24.19 8.92 -12.68
C LEU A 1370 23.32 8.02 -13.53
N PRO A 1371 23.89 6.97 -14.12
CA PRO A 1371 23.09 6.05 -14.95
C PRO A 1371 22.21 5.12 -14.13
N HIS A 1372 20.98 5.53 -13.87
CA HIS A 1372 20.07 4.75 -13.05
C HIS A 1372 19.62 3.49 -13.78
N HIS A 1373 19.08 2.54 -13.01
CA HIS A 1373 18.64 1.26 -13.55
C HIS A 1373 17.40 1.42 -14.41
N ALA A 1374 17.37 0.67 -15.52
CA ALA A 1374 16.31 0.67 -16.53
C ALA A 1374 16.06 2.05 -17.14
N GLY A 1375 17.05 2.93 -17.13
CA GLY A 1375 16.92 4.25 -17.70
C GLY A 1375 15.93 5.17 -17.03
N LEU A 1376 15.53 4.87 -15.81
CA LEU A 1376 14.43 5.56 -15.18
C LEU A 1376 14.83 6.95 -14.70
N ASN A 1377 13.81 7.73 -14.36
CA ASN A 1377 13.97 9.08 -13.83
C ASN A 1377 13.62 9.02 -12.35
N PRO A 1378 14.57 9.21 -11.45
CA PRO A 1378 14.23 9.18 -10.02
C PRO A 1378 13.44 10.39 -9.56
N ARG A 1379 13.32 11.41 -10.39
CA ARG A 1379 12.53 12.58 -10.02
C ARG A 1379 11.07 12.40 -10.38
N ALA A 1380 10.80 11.96 -11.60
CA ALA A 1380 9.42 11.78 -12.05
C ALA A 1380 8.75 10.61 -11.37
N PHE A 1381 9.53 9.64 -10.88
CA PHE A 1381 8.95 8.57 -10.08
C PHE A 1381 8.47 9.10 -8.75
N ARG A 1382 9.15 10.09 -8.19
CA ARG A 1382 8.78 10.65 -6.90
C ARG A 1382 8.00 11.95 -7.04
N MET A 1383 7.37 12.17 -8.19
CA MET A 1383 6.41 13.26 -8.35
C MET A 1383 5.02 12.77 -8.00
N LEU A 1384 4.18 13.70 -7.56
CA LEU A 1384 2.91 13.35 -6.96
C LEU A 1384 1.89 12.90 -7.99
N HIS A 1385 1.46 11.65 -7.86
CA HIS A 1385 0.29 10.99 -8.44
C HIS A 1385 0.35 10.81 -9.95
N VAL A 1386 1.38 11.29 -10.63
CA VAL A 1386 1.38 11.34 -12.10
C VAL A 1386 1.78 10.01 -12.72
N ASP A 1387 1.93 8.97 -11.92
CA ASP A 1387 2.34 7.64 -12.39
C ASP A 1387 1.12 6.75 -12.55
N ASN A 1393 0.41 22.41 -7.77
CA ASN A 1393 -0.28 21.14 -7.83
C ASN A 1393 0.53 20.08 -7.10
N ALA A 1394 1.84 20.20 -7.18
CA ALA A 1394 2.78 19.29 -6.51
C ALA A 1394 3.78 20.14 -5.74
N VAL A 1395 3.65 20.15 -4.42
CA VAL A 1395 4.58 20.87 -3.56
C VAL A 1395 5.54 19.83 -2.97
N ARG A 1396 6.62 19.54 -3.69
CA ARG A 1396 7.54 18.52 -3.24
C ARG A 1396 8.50 19.13 -2.21
N ASN A 1397 8.55 18.50 -1.04
CA ASN A 1397 9.49 18.93 -0.01
C ASN A 1397 10.11 17.76 0.73
N VAL A 1398 10.00 16.54 0.21
CA VAL A 1398 10.55 15.36 0.85
C VAL A 1398 11.68 14.85 -0.03
N LEU A 1399 12.82 14.56 0.57
CA LEU A 1399 14.01 14.12 -0.16
C LEU A 1399 14.00 12.61 -0.34
N ASP A 1400 14.56 12.17 -1.46
CA ASP A 1400 14.60 10.75 -1.77
C ASP A 1400 15.81 10.17 -1.07
N GLY A 1401 15.61 9.69 0.16
CA GLY A 1401 16.71 9.13 0.93
C GLY A 1401 17.21 7.80 0.45
N GLU A 1402 16.59 7.21 -0.57
CA GLU A 1402 17.15 6.07 -1.26
C GLU A 1402 17.94 6.46 -2.49
N LEU A 1403 17.93 7.74 -2.85
CA LEU A 1403 18.81 8.30 -3.86
C LEU A 1403 19.98 9.04 -3.26
N LEU A 1404 19.78 9.69 -2.11
CA LEU A 1404 20.88 10.26 -1.35
C LEU A 1404 21.79 9.19 -0.81
N ASN A 1405 21.28 7.96 -0.66
CA ASN A 1405 22.11 6.84 -0.26
C ASN A 1405 23.01 6.38 -1.40
N ARG A 1406 22.75 6.83 -2.63
CA ARG A 1406 23.70 6.61 -3.70
C ARG A 1406 24.75 7.68 -3.78
N TYR A 1407 24.81 8.57 -2.79
CA TYR A 1407 25.99 9.40 -2.64
C TYR A 1407 27.06 8.71 -1.83
N LEU A 1408 26.67 7.79 -0.96
CA LEU A 1408 27.64 7.05 -0.17
C LEU A 1408 28.32 5.99 -1.02
N TYR A 1409 27.63 5.52 -2.06
CA TYR A 1409 28.13 4.45 -2.90
C TYR A 1409 29.15 4.93 -3.90
N LEU A 1410 29.21 6.24 -4.15
CA LEU A 1410 30.19 6.79 -5.08
C LEU A 1410 31.59 6.71 -4.50
N SER A 1411 32.56 6.51 -5.38
CA SER A 1411 33.95 6.52 -4.95
C SER A 1411 34.36 7.92 -4.55
N THR A 1412 35.38 8.01 -3.69
CA THR A 1412 35.73 9.30 -3.12
C THR A 1412 36.46 10.20 -4.10
N MET A 1413 36.87 9.69 -5.26
CA MET A 1413 37.24 10.59 -6.35
C MET A 1413 36.02 11.17 -7.02
N GLU A 1414 35.00 10.34 -7.24
CA GLU A 1414 33.74 10.81 -7.80
C GLU A 1414 32.86 11.46 -6.76
N ARG A 1415 33.13 11.24 -5.48
CA ARG A 1415 32.35 11.89 -4.44
C ARG A 1415 32.68 13.37 -4.37
N SER A 1416 33.91 13.72 -4.71
CA SER A 1416 34.39 15.09 -4.62
C SER A 1416 34.07 15.92 -5.85
N GLU A 1417 33.59 15.31 -6.93
CA GLU A 1417 33.23 16.10 -8.10
C GLU A 1417 31.84 16.67 -7.97
N LEU A 1418 30.91 15.92 -7.38
CA LEU A 1418 29.57 16.45 -7.18
C LEU A 1418 29.55 17.53 -6.10
N ALA A 1419 30.45 17.45 -5.13
CA ALA A 1419 30.52 18.50 -4.13
C ALA A 1419 31.07 19.79 -4.70
N LYS A 1420 31.96 19.70 -5.68
CA LYS A 1420 32.49 20.90 -6.30
C LYS A 1420 31.55 21.43 -7.38
N LYS A 1421 30.68 20.57 -7.90
CA LYS A 1421 29.71 21.07 -8.87
C LYS A 1421 28.49 21.67 -8.21
N ILE A 1422 28.26 21.44 -6.93
CA ILE A 1422 27.17 22.10 -6.22
C ILE A 1422 27.68 23.09 -5.19
N GLY A 1423 28.96 23.09 -4.87
CA GLY A 1423 29.56 24.16 -4.10
C GLY A 1423 29.75 23.90 -2.64
N THR A 1424 30.31 22.74 -2.28
CA THR A 1424 30.64 22.45 -0.90
C THR A 1424 31.80 21.46 -0.87
N THR A 1425 32.20 21.06 0.33
CA THR A 1425 33.21 20.05 0.52
C THR A 1425 32.52 18.70 0.77
N PRO A 1426 33.15 17.59 0.37
CA PRO A 1426 32.53 16.28 0.60
C PRO A 1426 32.42 15.88 2.05
N ASP A 1427 33.18 16.51 2.95
CA ASP A 1427 33.11 16.11 4.35
C ASP A 1427 31.88 16.68 5.05
N ILE A 1428 31.31 17.75 4.51
CA ILE A 1428 30.08 18.30 5.09
C ILE A 1428 28.89 17.42 4.74
N ILE A 1429 28.82 16.94 3.50
CA ILE A 1429 27.66 16.14 3.08
C ILE A 1429 27.65 14.81 3.79
N LEU A 1430 28.83 14.22 4.03
CA LEU A 1430 28.91 12.99 4.82
C LEU A 1430 28.53 13.23 6.26
N ASP A 1431 28.73 14.44 6.79
CA ASP A 1431 28.17 14.76 8.09
C ASP A 1431 26.71 15.16 8.00
N ASP A 1432 26.23 15.48 6.80
CA ASP A 1432 24.81 15.74 6.64
C ASP A 1432 24.02 14.45 6.52
N LEU A 1433 24.54 13.49 5.76
CA LEU A 1433 23.78 12.27 5.48
C LEU A 1433 23.83 11.29 6.64
N LEU A 1434 25.01 11.08 7.20
CA LEU A 1434 25.18 10.03 8.19
C LEU A 1434 24.57 10.37 9.54
N GLU A 1435 24.23 11.63 9.79
CA GLU A 1435 23.42 11.95 10.95
C GLU A 1435 21.96 11.55 10.77
N THR A 1436 21.50 11.37 9.54
CA THR A 1436 20.16 10.85 9.32
C THR A 1436 20.10 9.34 9.42
N ASP A 1437 21.24 8.67 9.59
CA ASP A 1437 21.22 7.24 9.82
C ASP A 1437 21.50 6.90 11.28
N ARG A 1438 22.15 7.82 12.00
CA ARG A 1438 22.42 7.61 13.41
C ARG A 1438 21.16 7.77 14.24
N VAL A 1439 20.34 8.77 13.90
CA VAL A 1439 19.15 9.09 14.68
C VAL A 1439 18.03 8.09 14.44
N THR A 1440 18.12 7.31 13.37
CA THR A 1440 17.06 6.41 12.96
C THR A 1440 17.42 4.95 13.19
N ALA A 1441 18.04 4.66 14.33
CA ALA A 1441 18.50 3.31 14.63
C ALA A 1441 17.61 2.60 15.63
N HIS A 1442 16.29 2.79 15.52
CA HIS A 1442 15.38 2.13 16.44
C HIS A 1442 15.09 0.70 16.02
N PHE A 1443 14.15 0.11 16.76
CA PHE A 1443 13.53 -1.19 16.51
C PHE A 1443 14.52 -2.34 16.57
N THR B 57 -53.73 17.22 7.00
CA THR B 57 -52.57 17.97 7.46
C THR B 57 -51.64 17.00 8.16
N PHE B 58 -50.34 17.12 7.90
CA PHE B 58 -49.36 16.25 8.54
C PHE B 58 -48.46 17.07 9.45
N ASP B 59 -48.82 17.09 10.73
CA ASP B 59 -48.06 17.89 11.69
C ASP B 59 -47.07 17.03 12.48
N GLY B 60 -47.09 15.71 12.27
CA GLY B 60 -46.16 14.82 12.92
C GLY B 60 -46.58 14.37 14.30
N LYS B 61 -47.85 14.54 14.67
CA LYS B 61 -48.32 14.20 16.01
C LYS B 61 -49.22 12.97 16.02
N ARG B 62 -49.70 12.52 14.87
CA ARG B 62 -50.56 11.34 14.79
C ARG B 62 -49.67 10.11 14.69
N MET B 63 -49.91 9.14 15.57
CA MET B 63 -49.02 7.99 15.66
C MET B 63 -49.26 7.01 14.52
N ARG B 64 -48.32 6.06 14.39
CA ARG B 64 -48.41 5.02 13.38
C ARG B 64 -47.56 3.84 13.82
N LYS B 65 -47.91 2.65 13.33
CA LYS B 65 -47.19 1.45 13.72
C LYS B 65 -45.82 1.41 13.08
N ALA B 66 -44.85 0.83 13.79
CA ALA B 66 -43.47 0.81 13.34
C ALA B 66 -43.32 -0.09 12.12
N VAL B 67 -42.44 0.31 11.21
CA VAL B 67 -42.15 -0.45 10.01
C VAL B 67 -40.65 -0.33 9.73
N ASN B 68 -40.07 -1.41 9.22
CA ASN B 68 -38.67 -1.43 8.82
C ASN B 68 -38.62 -1.16 7.32
N ARG B 69 -38.23 0.05 6.95
CA ARG B 69 -38.26 0.47 5.57
C ARG B 69 -37.22 -0.26 4.74
N LYS B 70 -37.47 -0.29 3.44
CA LYS B 70 -36.53 -0.91 2.53
C LYS B 70 -35.29 -0.06 2.65
N THR B 71 -34.12 -0.70 2.62
CA THR B 71 -32.89 0.04 2.77
C THR B 71 -31.94 -0.34 1.67
N ILE B 72 -31.10 0.60 1.28
CA ILE B 72 -30.08 0.33 0.30
C ILE B 72 -28.88 0.87 1.05
N ASP B 73 -28.46 0.06 2.10
CA ASP B 73 -27.43 0.52 3.04
C ASP B 73 -26.07 0.31 2.41
N TYR B 74 -25.30 1.37 2.29
CA TYR B 74 -23.99 1.29 1.65
C TYR B 74 -22.89 0.83 2.58
N ASN B 75 -23.17 0.64 3.87
CA ASN B 75 -22.12 0.28 4.80
C ASN B 75 -21.54 -1.14 4.64
N PRO B 76 -22.30 -2.22 4.43
CA PRO B 76 -21.64 -3.52 4.26
C PRO B 76 -20.88 -3.67 2.94
N SER B 77 -20.99 -2.72 2.02
CA SER B 77 -20.15 -2.80 0.84
C SER B 77 -18.84 -2.08 1.02
N VAL B 78 -18.82 -0.99 1.80
CA VAL B 78 -17.57 -0.26 2.02
C VAL B 78 -16.64 -1.07 2.92
N ILE B 79 -17.20 -1.73 3.93
CA ILE B 79 -16.42 -2.56 4.85
C ILE B 79 -15.84 -3.75 4.12
N LYS B 80 -16.60 -4.31 3.17
CA LYS B 80 -16.04 -5.36 2.33
C LYS B 80 -14.97 -4.80 1.41
N TYR B 81 -15.09 -3.55 0.99
CA TYR B 81 -14.04 -2.95 0.18
C TYR B 81 -12.78 -2.69 0.99
N LEU B 82 -12.91 -2.24 2.23
CA LEU B 82 -11.73 -1.96 3.03
C LEU B 82 -11.02 -3.23 3.46
N GLU B 83 -11.72 -4.36 3.51
CA GLU B 83 -11.06 -5.62 3.85
C GLU B 83 -10.40 -6.27 2.64
N ASN B 84 -10.97 -6.10 1.45
CA ASN B 84 -10.31 -6.62 0.26
C ASN B 84 -9.08 -5.80 -0.10
N ARG B 85 -9.20 -4.47 0.00
CA ARG B 85 -8.16 -3.47 -0.30
C ARG B 85 -6.77 -3.86 0.13
N ILE B 86 -6.64 -4.51 1.29
CA ILE B 86 -5.34 -4.86 1.83
C ILE B 86 -4.66 -5.95 0.99
N TRP B 87 -5.36 -7.05 0.75
CA TRP B 87 -4.74 -8.14 0.02
C TRP B 87 -5.02 -8.12 -1.47
N GLN B 88 -5.90 -7.24 -1.95
CA GLN B 88 -5.97 -6.98 -3.38
C GLN B 88 -4.81 -6.08 -3.76
N ARG B 89 -4.56 -5.96 -5.05
CA ARG B 89 -3.69 -4.87 -5.51
C ARG B 89 -4.30 -4.06 -6.64
N ASP B 90 -5.16 -4.67 -7.44
CA ASP B 90 -5.81 -4.03 -8.58
C ASP B 90 -7.20 -4.63 -8.68
N GLN B 91 -7.79 -4.53 -9.86
CA GLN B 91 -8.95 -5.34 -10.19
C GLN B 91 -8.54 -6.72 -10.69
N ARG B 92 -7.30 -6.84 -11.20
CA ARG B 92 -6.81 -8.08 -11.76
C ARG B 92 -6.53 -9.14 -10.71
N ASP B 93 -6.63 -8.78 -9.44
CA ASP B 93 -6.52 -9.72 -8.34
C ASP B 93 -7.88 -10.09 -7.76
N MET B 94 -8.95 -9.45 -8.21
CA MET B 94 -10.23 -9.57 -7.53
C MET B 94 -10.90 -10.91 -7.78
N ARG B 95 -11.38 -11.51 -6.69
CA ARG B 95 -12.26 -12.68 -6.75
C ARG B 95 -13.61 -12.27 -7.33
N ALA B 96 -14.06 -12.98 -8.34
CA ALA B 96 -15.22 -12.54 -9.10
C ALA B 96 -16.52 -12.87 -8.36
N ILE B 97 -17.44 -11.92 -8.40
CA ILE B 97 -18.78 -12.16 -7.87
C ILE B 97 -19.49 -13.12 -8.80
N GLN B 98 -20.09 -14.15 -8.23
CA GLN B 98 -20.72 -15.11 -9.11
C GLN B 98 -22.24 -14.96 -9.05
N PRO B 99 -22.91 -15.03 -10.18
CA PRO B 99 -24.33 -14.68 -10.21
C PRO B 99 -25.22 -15.70 -9.53
N ASP B 100 -25.30 -15.58 -8.20
CA ASP B 100 -26.24 -16.33 -7.40
C ASP B 100 -26.63 -15.43 -6.24
N ALA B 101 -27.77 -15.73 -5.63
CA ALA B 101 -28.28 -14.92 -4.53
C ALA B 101 -27.60 -15.20 -3.20
N GLY B 102 -26.57 -16.03 -3.18
CA GLY B 102 -25.84 -16.29 -1.95
C GLY B 102 -24.56 -15.50 -1.85
N TYR B 103 -24.19 -14.82 -2.93
CA TYR B 103 -22.98 -14.02 -3.00
C TYR B 103 -23.27 -12.55 -2.73
N TYR B 104 -24.16 -12.28 -1.78
CA TYR B 104 -24.57 -10.91 -1.48
C TYR B 104 -23.55 -10.13 -0.69
N ASN B 105 -22.70 -10.79 0.10
CA ASN B 105 -21.69 -10.06 0.87
C ASN B 105 -20.55 -9.52 0.01
N ASP B 106 -20.37 -10.02 -1.20
CA ASP B 106 -19.15 -9.79 -1.95
C ASP B 106 -19.23 -8.57 -2.86
N LEU B 107 -20.29 -7.78 -2.75
CA LEU B 107 -20.38 -6.53 -3.52
C LEU B 107 -19.45 -5.49 -2.94
N VAL B 108 -18.75 -4.77 -3.81
CA VAL B 108 -17.92 -3.64 -3.40
C VAL B 108 -18.51 -2.41 -4.07
N PRO B 109 -18.34 -1.20 -3.54
CA PRO B 109 -18.94 -0.03 -4.16
C PRO B 109 -18.18 0.34 -5.43
N PRO B 110 -18.68 1.27 -6.25
CA PRO B 110 -17.98 1.57 -7.51
C PRO B 110 -16.60 2.19 -7.38
N ILE B 111 -16.13 2.52 -6.19
CA ILE B 111 -14.70 2.79 -6.02
C ILE B 111 -13.93 1.49 -6.16
N GLY B 112 -14.51 0.40 -5.69
CA GLY B 112 -13.85 -0.89 -5.72
C GLY B 112 -13.62 -1.45 -7.10
N MET B 113 -14.69 -1.78 -7.82
CA MET B 113 -14.53 -2.24 -9.19
C MET B 113 -14.47 -1.02 -10.10
N LEU B 114 -13.26 -0.51 -10.27
CA LEU B 114 -13.05 0.78 -10.91
C LEU B 114 -13.19 0.70 -12.41
N ASN B 115 -12.52 -0.26 -13.04
CA ASN B 115 -13.01 -0.69 -14.33
C ASN B 115 -14.12 -1.70 -14.13
N ASN B 116 -14.59 -2.26 -15.23
CA ASN B 116 -15.95 -2.75 -15.39
C ASN B 116 -16.91 -1.69 -14.87
N PRO B 117 -17.09 -0.57 -15.57
CA PRO B 117 -17.99 0.47 -15.09
C PRO B 117 -19.46 0.17 -15.32
N MET B 118 -19.78 -0.97 -15.94
CA MET B 118 -21.14 -1.46 -16.09
C MET B 118 -21.79 -1.83 -14.76
N ASN B 119 -20.98 -1.89 -13.70
CA ASN B 119 -21.40 -1.96 -12.31
C ASN B 119 -22.59 -1.07 -12.00
N ALA B 120 -22.40 0.24 -12.11
CA ALA B 120 -23.38 1.22 -11.67
C ALA B 120 -24.31 1.59 -12.81
N VAL B 121 -24.81 0.58 -13.49
CA VAL B 121 -25.94 0.76 -14.38
C VAL B 121 -27.13 0.43 -13.51
N THR B 122 -27.63 1.45 -12.82
CA THR B 122 -28.57 1.24 -11.75
C THR B 122 -29.96 1.02 -12.33
N THR B 123 -30.32 -0.25 -12.51
CA THR B 123 -31.61 -0.61 -13.07
C THR B 123 -32.48 -1.41 -12.13
N LYS B 124 -32.22 -1.36 -10.83
CA LYS B 124 -33.11 -1.96 -9.85
C LYS B 124 -33.88 -0.84 -9.15
N PHE B 125 -35.20 -0.96 -9.17
CA PHE B 125 -36.07 0.02 -8.55
C PHE B 125 -36.01 -0.08 -7.03
N VAL B 126 -36.08 1.06 -6.36
CA VAL B 126 -36.15 1.05 -4.91
C VAL B 126 -37.47 1.61 -4.41
N ARG B 127 -37.72 2.90 -4.66
CA ARG B 127 -38.85 3.55 -4.01
C ARG B 127 -39.23 4.82 -4.75
N THR B 128 -40.53 4.99 -4.99
CA THR B 128 -41.08 6.27 -5.44
C THR B 128 -41.36 7.14 -4.23
N SER B 129 -40.62 8.23 -4.10
CA SER B 129 -40.85 9.17 -3.02
C SER B 129 -41.69 10.32 -3.56
N THR B 130 -42.98 10.31 -3.24
CA THR B 130 -43.92 11.34 -3.69
C THR B 130 -44.34 12.19 -2.51
N ASN B 131 -44.86 13.39 -2.81
CA ASN B 131 -45.35 14.26 -1.77
C ASN B 131 -46.84 13.99 -1.54
N LYS B 132 -47.44 14.77 -0.66
CA LYS B 132 -48.87 14.70 -0.43
C LYS B 132 -49.64 15.74 -1.22
N VAL B 133 -48.99 16.84 -1.60
CA VAL B 133 -49.65 17.87 -2.39
C VAL B 133 -49.50 17.60 -3.88
N LYS B 134 -48.60 16.68 -4.26
CA LYS B 134 -48.39 16.22 -5.63
C LYS B 134 -48.00 17.36 -6.59
N CYS B 135 -46.83 17.94 -6.35
CA CYS B 135 -46.40 18.95 -7.29
C CYS B 135 -45.28 18.43 -8.18
N PRO B 136 -45.22 18.84 -9.45
CA PRO B 136 -44.17 18.33 -10.34
C PRO B 136 -42.81 18.92 -9.99
N VAL B 137 -41.82 18.06 -9.84
CA VAL B 137 -40.52 18.48 -9.34
C VAL B 137 -39.62 18.79 -10.52
N PHE B 138 -38.63 19.64 -10.29
CA PHE B 138 -37.73 20.03 -11.37
C PHE B 138 -36.28 19.66 -11.11
N VAL B 139 -35.71 20.09 -9.99
CA VAL B 139 -34.34 19.74 -9.66
C VAL B 139 -34.32 18.92 -8.39
N VAL B 140 -33.51 17.87 -8.39
CA VAL B 140 -33.26 17.06 -7.21
C VAL B 140 -31.75 16.88 -7.11
N ARG B 141 -31.19 17.21 -5.95
CA ARG B 141 -29.76 17.08 -5.72
C ARG B 141 -29.51 16.45 -4.35
N TRP B 142 -28.42 15.72 -4.24
CA TRP B 142 -28.01 15.13 -2.97
C TRP B 142 -27.23 16.13 -2.13
N THR B 143 -27.45 16.07 -0.82
CA THR B 143 -26.56 16.72 0.12
C THR B 143 -25.18 16.08 0.00
N PRO B 144 -24.09 16.86 -0.06
CA PRO B 144 -22.79 16.31 -0.49
C PRO B 144 -22.16 15.30 0.46
N GLU B 145 -22.70 15.12 1.66
CA GLU B 145 -22.32 14.00 2.50
C GLU B 145 -23.23 12.80 2.27
N GLY B 146 -24.17 12.89 1.34
CA GLY B 146 -25.03 11.77 1.03
C GLY B 146 -26.11 11.51 2.06
N ARG B 147 -26.32 12.45 2.98
CA ARG B 147 -27.19 12.18 4.11
C ARG B 147 -28.66 12.25 3.73
N ARG B 148 -29.01 13.14 2.81
CA ARG B 148 -30.43 13.37 2.52
C ARG B 148 -30.57 13.97 1.14
N LEU B 149 -31.75 13.76 0.53
CA LEU B 149 -32.12 14.34 -0.75
C LEU B 149 -33.09 15.50 -0.56
N VAL B 150 -32.63 16.69 -0.82
CA VAL B 150 -33.51 17.82 -1.02
C VAL B 150 -34.09 17.71 -2.43
N THR B 151 -35.32 18.20 -2.59
CA THR B 151 -36.06 18.07 -3.84
C THR B 151 -36.78 19.38 -4.14
N GLY B 152 -36.52 19.93 -5.33
CA GLY B 152 -37.16 21.19 -5.71
C GLY B 152 -38.41 21.03 -6.55
N ALA B 153 -39.56 21.34 -5.96
CA ALA B 153 -40.84 21.12 -6.60
C ALA B 153 -41.28 22.37 -7.35
N SER B 154 -42.53 22.37 -7.83
CA SER B 154 -43.06 23.52 -8.54
C SER B 154 -43.61 24.58 -7.60
N SER B 155 -43.93 24.21 -6.36
CA SER B 155 -44.43 25.17 -5.39
C SER B 155 -43.32 25.76 -4.53
N GLY B 156 -42.06 25.58 -4.92
CA GLY B 156 -40.96 26.12 -4.15
C GLY B 156 -40.63 25.36 -2.89
N GLU B 157 -41.18 24.17 -2.72
CA GLU B 157 -41.00 23.41 -1.50
C GLU B 157 -39.76 22.54 -1.60
N PHE B 158 -39.00 22.47 -0.52
CA PHE B 158 -37.84 21.61 -0.40
C PHE B 158 -38.22 20.41 0.45
N THR B 159 -38.58 19.32 -0.17
CA THR B 159 -38.93 18.10 0.56
C THR B 159 -37.65 17.30 0.73
N LEU B 160 -37.14 17.26 1.96
CA LEU B 160 -35.88 16.59 2.24
C LEU B 160 -36.16 15.12 2.49
N TRP B 161 -35.68 14.26 1.60
CA TRP B 161 -35.87 12.83 1.70
C TRP B 161 -34.66 12.21 2.39
N ASN B 162 -34.90 11.21 3.22
CA ASN B 162 -33.82 10.54 3.93
C ASN B 162 -32.97 9.73 2.95
N GLY B 163 -31.74 9.42 3.36
CA GLY B 163 -30.75 8.94 2.42
C GLY B 163 -30.50 7.45 2.38
N LEU B 164 -30.89 6.73 3.42
CA LEU B 164 -30.79 5.27 3.44
C LEU B 164 -32.17 4.62 3.39
N THR B 165 -33.01 4.93 4.35
CA THR B 165 -34.39 4.51 4.37
C THR B 165 -35.17 5.75 4.02
N PHE B 166 -35.76 5.79 2.84
CA PHE B 166 -36.01 7.04 2.13
C PHE B 166 -37.31 7.71 2.55
N ASN B 167 -37.64 7.66 3.84
CA ASN B 167 -38.95 7.99 4.36
C ASN B 167 -39.39 9.43 4.06
N PHE B 168 -38.87 10.37 4.84
CA PHE B 168 -39.18 11.80 4.79
C PHE B 168 -38.37 12.46 5.89
N GLU B 169 -37.88 13.68 5.71
CA GLU B 169 -37.28 14.37 6.85
C GLU B 169 -37.97 15.68 7.16
N THR B 170 -38.07 16.59 6.21
CA THR B 170 -38.71 17.88 6.45
C THR B 170 -39.12 18.48 5.12
N ILE B 171 -40.04 19.43 5.19
CA ILE B 171 -40.47 20.20 4.04
C ILE B 171 -40.27 21.67 4.36
N LEU B 172 -39.87 22.44 3.36
CA LEU B 172 -39.70 23.88 3.49
C LEU B 172 -40.68 24.58 2.56
N GLN B 173 -40.59 25.90 2.51
CA GLN B 173 -41.20 26.65 1.42
C GLN B 173 -40.18 27.73 1.06
N ALA B 174 -39.31 27.39 0.12
CA ALA B 174 -38.18 28.25 -0.19
C ALA B 174 -38.60 29.45 -1.02
N HIS B 175 -39.16 29.20 -2.20
CA HIS B 175 -39.39 30.22 -3.19
C HIS B 175 -40.88 30.46 -3.39
N ASP B 176 -41.19 31.53 -4.11
CA ASP B 176 -42.55 31.82 -4.54
C ASP B 176 -42.79 31.36 -5.96
N SER B 177 -42.02 30.41 -6.43
CA SER B 177 -41.96 30.08 -7.85
C SER B 177 -41.51 28.63 -7.97
N PRO B 178 -41.64 28.04 -9.16
CA PRO B 178 -40.95 26.76 -9.41
C PRO B 178 -39.44 26.91 -9.32
N VAL B 179 -38.82 26.04 -8.52
CA VAL B 179 -37.38 26.00 -8.38
C VAL B 179 -36.78 25.46 -9.68
N ARG B 180 -35.80 26.15 -10.23
CA ARG B 180 -35.25 25.76 -11.51
C ARG B 180 -33.78 25.35 -11.45
N ALA B 181 -33.03 25.85 -10.48
CA ALA B 181 -31.61 25.55 -10.39
C ALA B 181 -31.26 25.28 -8.94
N MET B 182 -30.32 24.37 -8.74
CA MET B 182 -29.91 23.98 -7.39
C MET B 182 -28.52 23.40 -7.46
N THR B 183 -27.55 24.08 -6.87
CA THR B 183 -26.19 23.60 -6.81
C THR B 183 -25.68 23.68 -5.39
N TRP B 184 -24.90 22.69 -5.00
CA TRP B 184 -24.16 22.73 -3.75
C TRP B 184 -22.77 23.30 -3.98
N SER B 185 -22.14 23.72 -2.91
CA SER B 185 -20.81 24.30 -2.97
C SER B 185 -19.76 23.22 -3.25
N HIS B 186 -18.52 23.64 -3.52
CA HIS B 186 -17.47 22.64 -3.63
C HIS B 186 -16.97 22.17 -2.28
N ASN B 187 -17.40 22.80 -1.20
CA ASN B 187 -17.35 22.26 0.14
C ASN B 187 -18.79 22.03 0.61
N ASP B 188 -18.95 21.69 1.88
CA ASP B 188 -20.28 21.43 2.42
C ASP B 188 -21.02 22.71 2.82
N MET B 189 -20.53 23.87 2.42
CA MET B 189 -21.00 25.11 3.03
C MET B 189 -22.32 25.57 2.44
N TRP B 190 -22.36 25.87 1.15
CA TRP B 190 -23.44 26.68 0.61
C TRP B 190 -24.27 25.92 -0.41
N MET B 191 -25.48 26.43 -0.64
CA MET B 191 -26.38 25.87 -1.65
C MET B 191 -27.11 26.99 -2.34
N LEU B 192 -26.87 27.15 -3.63
CA LEU B 192 -27.54 28.14 -4.46
C LEU B 192 -28.84 27.57 -4.98
N THR B 193 -29.92 28.32 -4.87
CA THR B 193 -31.19 27.94 -5.44
C THR B 193 -31.82 29.14 -6.13
N ALA B 194 -32.17 28.97 -7.39
CA ALA B 194 -32.87 29.99 -8.16
C ALA B 194 -34.30 29.53 -8.38
N ASP B 195 -35.14 30.45 -8.84
CA ASP B 195 -36.53 30.08 -9.08
C ASP B 195 -37.03 30.74 -10.36
N HIS B 196 -38.31 30.55 -10.63
CA HIS B 196 -38.93 31.03 -11.85
C HIS B 196 -39.22 32.52 -11.81
N GLY B 197 -39.26 33.11 -10.62
CA GLY B 197 -39.43 34.54 -10.51
C GLY B 197 -38.14 35.26 -10.90
N GLY B 198 -37.03 34.76 -10.38
CA GLY B 198 -35.73 35.30 -10.72
C GLY B 198 -34.84 35.53 -9.52
N TYR B 199 -35.26 35.04 -8.35
CA TYR B 199 -34.55 35.29 -7.12
C TYR B 199 -33.54 34.18 -6.85
N VAL B 200 -32.40 34.54 -6.28
CA VAL B 200 -31.32 33.60 -5.99
C VAL B 200 -31.01 33.67 -4.52
N LYS B 201 -31.20 32.55 -3.82
CA LYS B 201 -30.97 32.51 -2.38
C LYS B 201 -29.80 31.60 -2.04
N TYR B 202 -29.09 31.95 -0.98
CA TYR B 202 -28.06 31.07 -0.44
C TYR B 202 -28.65 30.25 0.68
N TRP B 203 -28.11 29.04 0.85
CA TRP B 203 -28.66 28.10 1.82
C TRP B 203 -27.52 27.42 2.55
N GLN B 204 -27.54 27.50 3.88
CA GLN B 204 -26.63 26.74 4.73
C GLN B 204 -27.03 25.26 4.72
N SER B 205 -26.15 24.44 5.27
CA SER B 205 -26.38 23.00 5.29
C SER B 205 -27.47 22.59 6.28
N ASN B 206 -27.87 23.47 7.19
CA ASN B 206 -29.03 23.20 8.03
C ASN B 206 -30.32 23.72 7.41
N MET B 207 -30.27 24.12 6.15
CA MET B 207 -31.40 24.64 5.37
C MET B 207 -32.02 25.88 6.03
N ASN B 208 -31.15 26.78 6.48
CA ASN B 208 -31.54 28.09 6.93
C ASN B 208 -31.46 29.05 5.75
N ASN B 209 -32.44 29.94 5.66
CA ASN B 209 -32.45 30.92 4.57
C ASN B 209 -31.46 32.03 4.91
N VAL B 210 -30.55 32.29 3.99
CA VAL B 210 -29.47 33.25 4.16
C VAL B 210 -29.76 34.24 3.04
N LYS B 211 -28.84 35.18 2.76
CA LYS B 211 -29.05 36.37 1.94
C LYS B 211 -29.69 36.09 0.58
N MET B 212 -30.80 36.77 0.32
CA MET B 212 -31.51 36.68 -0.94
C MET B 212 -31.30 37.96 -1.76
N PHE B 213 -31.47 37.83 -3.07
CA PHE B 213 -31.45 38.97 -3.97
C PHE B 213 -32.16 38.57 -5.25
N GLN B 214 -32.12 39.47 -6.23
CA GLN B 214 -32.64 39.18 -7.55
C GLN B 214 -31.50 39.19 -8.55
N ALA B 215 -31.42 38.14 -9.36
CA ALA B 215 -30.41 38.09 -10.41
C ALA B 215 -30.94 38.51 -11.76
N HIS B 216 -32.14 38.11 -12.10
CA HIS B 216 -32.70 38.36 -13.42
C HIS B 216 -34.15 38.82 -13.28
N LYS B 217 -34.62 39.52 -14.29
CA LYS B 217 -36.02 39.89 -14.32
C LYS B 217 -36.91 38.78 -14.82
N GLU B 218 -36.32 37.74 -15.41
CA GLU B 218 -37.06 36.65 -16.00
C GLU B 218 -36.47 35.34 -15.46
N ALA B 219 -37.09 34.22 -15.79
CA ALA B 219 -36.88 32.95 -15.10
C ALA B 219 -35.48 32.41 -15.35
N ILE B 220 -34.69 32.31 -14.28
CA ILE B 220 -33.40 31.65 -14.32
C ILE B 220 -33.61 30.17 -14.52
N ARG B 221 -32.74 29.54 -15.32
CA ARG B 221 -32.92 28.13 -15.64
C ARG B 221 -31.80 27.23 -15.14
N GLU B 222 -30.60 27.75 -14.93
CA GLU B 222 -29.49 26.92 -14.49
C GLU B 222 -28.48 27.79 -13.78
N ALA B 223 -27.81 27.24 -12.76
CA ALA B 223 -26.70 27.89 -12.11
C ALA B 223 -25.51 26.94 -12.01
N SER B 224 -24.33 27.52 -11.84
CA SER B 224 -23.08 26.83 -11.53
C SER B 224 -22.08 27.89 -11.12
N PHE B 225 -20.91 27.46 -10.66
CA PHE B 225 -19.92 28.43 -10.21
C PHE B 225 -18.51 27.90 -10.39
N SER B 226 -17.56 28.72 -9.97
CA SER B 226 -16.15 28.60 -10.27
C SER B 226 -15.55 27.36 -9.63
N PRO B 227 -14.30 27.00 -9.99
CA PRO B 227 -13.61 25.95 -9.21
C PRO B 227 -13.04 26.41 -7.88
N THR B 228 -13.83 27.17 -7.16
CA THR B 228 -13.68 27.71 -5.82
C THR B 228 -15.01 28.40 -5.57
N ASP B 229 -15.22 28.84 -4.35
CA ASP B 229 -16.57 29.17 -3.90
C ASP B 229 -16.86 30.65 -4.03
N ASN B 230 -16.36 31.29 -5.10
CA ASN B 230 -16.32 32.74 -5.15
C ASN B 230 -17.28 33.38 -6.15
N LYS B 231 -17.75 32.66 -7.17
CA LYS B 231 -18.24 33.36 -8.34
C LYS B 231 -19.18 32.47 -9.14
N PHE B 232 -20.48 32.79 -9.13
CA PHE B 232 -21.45 31.97 -9.84
C PHE B 232 -22.06 32.68 -11.04
N ALA B 233 -22.77 31.87 -11.83
CA ALA B 233 -23.31 32.28 -13.12
C ALA B 233 -24.73 31.77 -13.23
N THR B 234 -25.66 32.70 -13.49
CA THR B 234 -27.08 32.38 -13.59
C THR B 234 -27.55 32.72 -15.00
N CYS B 235 -28.04 31.72 -15.73
CA CYS B 235 -28.60 31.96 -17.05
C CYS B 235 -30.11 31.91 -16.99
N SER B 236 -30.76 32.79 -17.75
CA SER B 236 -32.18 33.00 -17.59
C SER B 236 -32.85 33.06 -18.94
N ASP B 237 -34.15 33.31 -18.91
CA ASP B 237 -34.96 33.28 -20.12
C ASP B 237 -35.00 34.61 -20.84
N ASP B 238 -34.16 35.57 -20.46
CA ASP B 238 -33.98 36.77 -21.26
C ASP B 238 -32.74 36.69 -22.14
N GLY B 239 -31.89 35.70 -21.95
CA GLY B 239 -30.75 35.47 -22.81
C GLY B 239 -29.43 35.95 -22.28
N THR B 240 -29.35 36.32 -21.01
CA THR B 240 -28.12 36.83 -20.42
C THR B 240 -27.57 35.84 -19.40
N VAL B 241 -26.28 35.57 -19.49
CA VAL B 241 -25.58 34.76 -18.51
C VAL B 241 -24.84 35.74 -17.60
N ARG B 242 -25.43 36.07 -16.47
CA ARG B 242 -24.87 37.09 -15.60
C ARG B 242 -23.99 36.44 -14.56
N ILE B 243 -22.78 36.96 -14.41
CA ILE B 243 -21.74 36.37 -13.57
C ILE B 243 -21.65 37.17 -12.28
N TRP B 244 -21.84 36.50 -11.16
CA TRP B 244 -22.02 37.13 -9.86
C TRP B 244 -20.83 36.88 -8.97
N ASP B 245 -20.59 37.78 -8.04
CA ASP B 245 -19.69 37.53 -6.94
C ASP B 245 -20.47 36.82 -5.84
N PHE B 246 -19.77 36.00 -5.07
CA PHE B 246 -20.48 35.26 -4.03
C PHE B 246 -20.73 36.15 -2.83
N LEU B 247 -19.67 36.67 -2.23
CA LEU B 247 -19.77 37.29 -0.92
C LEU B 247 -20.43 38.67 -1.00
N ARG B 248 -20.35 39.32 -2.16
CA ARG B 248 -20.87 40.66 -2.29
C ARG B 248 -22.18 40.73 -3.04
N CYS B 249 -22.59 39.63 -3.69
CA CYS B 249 -23.74 39.56 -4.59
C CYS B 249 -23.67 40.60 -5.69
N HIS B 250 -22.47 40.80 -6.22
CA HIS B 250 -22.21 41.87 -7.18
C HIS B 250 -22.19 41.31 -8.59
N GLU B 251 -23.04 41.87 -9.44
CA GLU B 251 -23.13 41.50 -10.85
C GLU B 251 -21.86 41.97 -11.54
N GLU B 252 -20.91 41.06 -11.70
CA GLU B 252 -19.60 41.48 -12.19
C GLU B 252 -19.64 41.81 -13.67
N ARG B 253 -20.30 40.98 -14.46
CA ARG B 253 -20.44 41.24 -15.89
C ARG B 253 -21.62 40.44 -16.45
N ILE B 254 -22.03 40.83 -17.65
CA ILE B 254 -23.17 40.23 -18.34
C ILE B 254 -22.65 39.66 -19.65
N LEU B 255 -23.04 38.42 -19.94
CA LEU B 255 -22.61 37.75 -21.17
C LEU B 255 -23.75 37.85 -22.17
N ARG B 256 -23.72 38.90 -22.99
CA ARG B 256 -24.74 39.13 -23.99
C ARG B 256 -24.27 38.61 -25.35
N GLY B 257 -25.19 38.64 -26.29
CA GLY B 257 -24.93 38.14 -27.63
C GLY B 257 -25.35 36.70 -27.87
N HIS B 258 -26.00 36.09 -26.89
CA HIS B 258 -26.47 34.72 -27.08
C HIS B 258 -27.51 34.67 -28.19
N GLY B 259 -28.40 35.66 -28.20
CA GLY B 259 -29.43 35.78 -29.22
C GLY B 259 -30.72 35.01 -29.04
N ALA B 260 -30.84 34.30 -27.92
CA ALA B 260 -32.05 33.54 -27.61
C ALA B 260 -32.07 33.25 -26.12
N ASP B 261 -33.19 32.82 -25.57
CA ASP B 261 -33.20 32.50 -24.15
C ASP B 261 -32.23 31.35 -23.95
N VAL B 262 -31.42 31.45 -22.91
CA VAL B 262 -30.40 30.44 -22.61
C VAL B 262 -30.90 29.58 -21.45
N LYS B 263 -30.72 28.27 -21.57
CA LYS B 263 -31.33 27.34 -20.63
C LYS B 263 -30.35 26.40 -19.92
N CYS B 264 -29.05 26.53 -20.13
CA CYS B 264 -28.08 25.77 -19.33
C CYS B 264 -26.73 26.45 -19.37
N VAL B 265 -26.03 26.35 -18.24
CA VAL B 265 -24.70 26.91 -18.02
C VAL B 265 -23.92 25.97 -17.12
N ASP B 266 -22.69 25.63 -17.52
CA ASP B 266 -21.78 24.90 -16.67
C ASP B 266 -20.45 25.63 -16.67
N TRP B 267 -19.73 25.56 -15.55
CA TRP B 267 -18.42 26.19 -15.43
C TRP B 267 -17.34 25.13 -15.59
N HIS B 268 -16.21 25.51 -16.13
CA HIS B 268 -15.18 24.49 -16.30
C HIS B 268 -14.50 24.20 -14.96
N PRO B 269 -14.16 22.94 -14.67
CA PRO B 269 -13.64 22.60 -13.34
C PRO B 269 -12.23 23.07 -13.07
N THR B 270 -11.44 23.43 -14.07
CA THR B 270 -10.15 24.08 -13.85
C THR B 270 -10.02 25.41 -14.58
N LYS B 271 -10.22 25.42 -15.90
CA LYS B 271 -9.70 26.45 -16.78
C LYS B 271 -10.46 27.75 -16.71
N GLY B 272 -11.61 27.80 -16.05
CA GLY B 272 -12.37 29.02 -16.05
C GLY B 272 -13.03 29.28 -17.38
N LEU B 273 -13.96 28.41 -17.76
CA LEU B 273 -14.84 28.64 -18.89
C LEU B 273 -16.27 28.72 -18.39
N VAL B 274 -17.14 29.30 -19.19
CA VAL B 274 -18.58 29.19 -18.98
C VAL B 274 -19.17 28.78 -20.31
N VAL B 275 -19.79 27.61 -20.35
CA VAL B 275 -20.37 27.06 -21.57
C VAL B 275 -21.87 27.17 -21.47
N SER B 276 -22.49 27.80 -22.44
CA SER B 276 -23.92 28.09 -22.39
C SER B 276 -24.63 27.40 -23.54
N GLY B 277 -25.83 26.88 -23.25
CA GLY B 277 -26.72 26.39 -24.28
C GLY B 277 -27.62 27.50 -24.79
N SER B 278 -28.62 27.13 -25.56
CA SER B 278 -29.53 28.13 -26.11
C SER B 278 -30.84 27.49 -26.50
N LYS B 279 -31.79 28.37 -26.78
CA LYS B 279 -33.08 28.01 -27.35
C LYS B 279 -33.12 28.53 -28.80
N ASP B 280 -32.00 29.09 -29.27
CA ASP B 280 -31.85 29.67 -30.59
C ASP B 280 -30.84 28.94 -31.43
N SER B 281 -31.27 28.58 -32.63
CA SER B 281 -30.45 27.86 -33.59
C SER B 281 -29.19 28.53 -34.13
N GLN B 282 -29.23 29.84 -34.34
CA GLN B 282 -28.10 30.50 -34.98
C GLN B 282 -26.88 30.54 -34.07
N GLN B 283 -27.11 30.63 -32.76
CA GLN B 283 -26.03 30.63 -31.76
C GLN B 283 -26.38 29.59 -30.70
N PRO B 284 -26.19 28.30 -31.01
CA PRO B 284 -26.68 27.27 -30.08
C PRO B 284 -25.81 27.07 -28.84
N ILE B 285 -24.49 27.06 -28.98
CA ILE B 285 -23.58 26.87 -27.85
C ILE B 285 -22.49 27.92 -27.94
N LYS B 286 -22.39 28.75 -26.93
CA LYS B 286 -21.39 29.82 -26.87
C LYS B 286 -20.46 29.55 -25.71
N PHE B 287 -19.18 29.37 -25.99
CA PHE B 287 -18.21 29.38 -24.91
C PHE B 287 -18.04 30.81 -24.42
N TRP B 288 -17.65 30.97 -23.17
CA TRP B 288 -17.49 32.32 -22.66
C TRP B 288 -16.18 32.47 -21.91
N ASP B 289 -16.05 33.57 -21.22
CA ASP B 289 -14.87 33.89 -20.44
C ASP B 289 -15.33 34.71 -19.24
N PRO B 290 -15.12 34.23 -18.03
CA PRO B 290 -15.64 34.93 -16.86
C PRO B 290 -14.88 36.18 -16.50
N LYS B 291 -13.65 36.33 -16.96
CA LYS B 291 -12.85 37.49 -16.57
C LYS B 291 -12.97 38.62 -17.57
N THR B 292 -12.95 38.30 -18.85
CA THR B 292 -13.02 39.34 -19.87
C THR B 292 -14.46 39.61 -20.28
N GLY B 293 -15.34 38.63 -20.18
CA GLY B 293 -16.66 38.72 -20.74
C GLY B 293 -16.74 38.46 -22.22
N GLN B 294 -15.61 38.16 -22.86
CA GLN B 294 -15.57 37.96 -24.29
C GLN B 294 -16.09 36.58 -24.63
N SER B 295 -16.87 36.50 -25.70
CA SER B 295 -17.29 35.22 -26.23
C SER B 295 -16.09 34.51 -26.82
N LEU B 296 -15.71 33.38 -26.23
CA LEU B 296 -14.46 32.75 -26.61
C LEU B 296 -14.61 31.96 -27.90
N ALA B 297 -15.69 31.20 -28.03
CA ALA B 297 -15.93 30.40 -29.22
C ALA B 297 -17.41 30.12 -29.33
N THR B 298 -17.85 29.78 -30.54
CA THR B 298 -19.23 29.44 -30.82
C THR B 298 -19.26 28.04 -31.44
N LEU B 299 -20.08 27.17 -30.87
CA LEU B 299 -20.18 25.80 -31.32
C LEU B 299 -21.55 25.58 -31.94
N HIS B 300 -21.58 25.18 -33.20
CA HIS B 300 -22.82 24.90 -33.93
C HIS B 300 -23.02 23.39 -33.93
N ALA B 301 -23.81 22.91 -32.99
CA ALA B 301 -23.90 21.48 -32.70
C ALA B 301 -25.24 20.87 -33.03
N HIS B 302 -26.33 21.44 -32.55
CA HIS B 302 -27.62 20.78 -32.61
C HIS B 302 -28.60 21.58 -33.44
N LYS B 303 -29.69 20.92 -33.84
CA LYS B 303 -30.66 21.57 -34.71
C LYS B 303 -31.56 22.51 -33.92
N ASN B 304 -31.94 22.14 -32.70
CA ASN B 304 -32.77 23.01 -31.88
C ASN B 304 -32.60 22.72 -30.41
N THR B 305 -32.50 23.78 -29.61
CA THR B 305 -32.88 23.84 -28.19
C THR B 305 -32.09 22.82 -27.35
N VAL B 306 -30.80 23.13 -27.20
CA VAL B 306 -29.96 22.41 -26.25
C VAL B 306 -30.56 22.52 -24.85
N MET B 307 -30.89 21.38 -24.27
CA MET B 307 -31.53 21.38 -22.94
C MET B 307 -30.48 21.41 -21.84
N GLU B 308 -29.54 20.47 -21.84
CA GLU B 308 -28.47 20.50 -20.86
C GLU B 308 -27.09 20.46 -21.52
N VAL B 309 -26.16 21.13 -20.86
CA VAL B 309 -24.75 21.11 -21.17
C VAL B 309 -24.00 20.79 -19.89
N LYS B 310 -23.22 19.70 -19.90
CA LYS B 310 -22.48 19.28 -18.72
C LYS B 310 -21.03 18.99 -19.07
N LEU B 311 -20.22 18.87 -18.03
CA LEU B 311 -18.77 18.73 -18.12
C LEU B 311 -18.31 17.66 -17.15
N ASN B 312 -17.32 16.86 -17.56
CA ASN B 312 -16.69 15.93 -16.64
C ASN B 312 -15.96 16.68 -15.54
N LEU B 313 -15.60 15.94 -14.49
CA LEU B 313 -14.65 16.45 -13.53
C LEU B 313 -13.22 16.42 -14.04
N ASN B 314 -13.02 15.66 -15.12
CA ASN B 314 -11.75 15.60 -15.82
C ASN B 314 -11.48 16.89 -16.59
N GLY B 315 -12.53 17.47 -17.15
CA GLY B 315 -12.44 18.70 -17.92
C GLY B 315 -12.10 18.60 -19.39
N ASN B 316 -11.99 17.39 -19.92
CA ASN B 316 -11.68 17.22 -21.33
C ASN B 316 -12.87 16.91 -22.22
N TRP B 317 -14.07 16.92 -21.65
CA TRP B 317 -15.24 16.57 -22.44
C TRP B 317 -16.40 17.51 -22.17
N LEU B 318 -17.11 17.84 -23.23
CA LEU B 318 -18.34 18.62 -23.21
C LEU B 318 -19.49 17.73 -23.64
N LEU B 319 -20.42 17.47 -22.75
CA LEU B 319 -21.57 16.65 -23.07
C LEU B 319 -22.80 17.53 -23.21
N THR B 320 -23.60 17.26 -24.23
CA THR B 320 -24.65 18.16 -24.65
C THR B 320 -25.89 17.35 -24.96
N ALA B 321 -27.02 17.72 -24.36
CA ALA B 321 -28.30 17.09 -24.65
C ALA B 321 -29.25 18.12 -25.25
N SER B 322 -30.00 17.68 -26.26
CA SER B 322 -30.82 18.61 -27.02
C SER B 322 -32.17 17.98 -27.32
N ARG B 323 -33.06 18.79 -27.88
CA ARG B 323 -34.42 18.38 -28.21
C ARG B 323 -34.52 17.64 -29.53
N ASP B 324 -33.42 17.45 -30.26
CA ASP B 324 -33.44 16.72 -31.51
C ASP B 324 -33.07 15.26 -31.35
N HIS B 325 -33.44 14.67 -30.21
CA HIS B 325 -33.33 13.23 -29.93
C HIS B 325 -31.88 12.77 -29.85
N LEU B 326 -30.96 13.66 -29.45
CA LEU B 326 -29.55 13.36 -29.53
C LEU B 326 -28.81 13.85 -28.30
N CYS B 327 -27.77 13.11 -27.92
CA CYS B 327 -26.71 13.58 -27.04
C CYS B 327 -25.40 13.49 -27.80
N LYS B 328 -24.50 14.44 -27.56
CA LYS B 328 -23.25 14.50 -28.30
C LYS B 328 -22.11 14.85 -27.37
N LEU B 329 -20.95 14.24 -27.58
CA LEU B 329 -19.74 14.68 -26.91
C LEU B 329 -18.95 15.65 -27.75
N PHE B 330 -18.18 16.49 -27.07
CA PHE B 330 -17.25 17.39 -27.72
C PHE B 330 -16.01 17.52 -26.87
N ASP B 331 -14.86 17.28 -27.47
CA ASP B 331 -13.60 17.64 -26.85
C ASP B 331 -13.48 19.15 -26.92
N ILE B 332 -13.32 19.82 -25.77
CA ILE B 332 -13.24 21.28 -25.79
C ILE B 332 -11.88 21.77 -26.26
N ARG B 333 -10.91 20.89 -26.43
CA ARG B 333 -9.65 21.27 -27.03
C ARG B 333 -9.70 21.24 -28.55
N ASN B 334 -10.71 20.59 -29.12
CA ASN B 334 -10.84 20.38 -30.57
C ASN B 334 -12.31 20.52 -30.92
N LEU B 335 -12.73 21.74 -31.28
CA LEU B 335 -14.12 21.98 -31.58
C LEU B 335 -14.47 21.80 -33.05
N LYS B 336 -13.47 21.75 -33.94
CA LYS B 336 -13.77 21.57 -35.36
C LYS B 336 -14.29 20.17 -35.64
N GLU B 337 -13.66 19.16 -35.07
CA GLU B 337 -14.13 17.79 -35.20
C GLU B 337 -15.22 17.55 -34.16
N GLU B 338 -15.57 16.29 -33.94
CA GLU B 338 -16.68 15.93 -33.07
C GLU B 338 -16.48 14.50 -32.60
N LEU B 339 -16.71 14.26 -31.31
CA LEU B 339 -16.67 12.90 -30.79
C LEU B 339 -18.02 12.23 -31.07
N GLN B 340 -18.27 11.11 -30.40
CA GLN B 340 -19.39 10.27 -30.79
C GLN B 340 -20.72 10.89 -30.42
N VAL B 341 -21.77 10.38 -31.05
CA VAL B 341 -23.14 10.82 -30.81
C VAL B 341 -23.89 9.66 -30.18
N PHE B 342 -25.07 9.96 -29.65
CA PHE B 342 -25.78 9.06 -28.76
C PHE B 342 -27.23 8.93 -29.20
N ARG B 343 -27.50 7.99 -30.11
CA ARG B 343 -28.86 7.75 -30.52
C ARG B 343 -29.47 6.64 -29.67
N GLY B 344 -30.73 6.76 -29.32
CA GLY B 344 -31.40 5.87 -28.40
C GLY B 344 -32.59 6.46 -27.69
N HIS B 345 -32.61 7.77 -27.48
CA HIS B 345 -33.83 8.44 -27.03
C HIS B 345 -34.81 8.56 -28.18
N LYS B 346 -35.97 7.93 -28.05
CA LYS B 346 -36.97 8.06 -29.10
C LYS B 346 -37.66 9.40 -29.06
N LYS B 347 -37.67 10.07 -27.91
CA LYS B 347 -38.18 11.42 -27.75
C LYS B 347 -37.02 12.32 -27.33
N GLU B 348 -37.36 13.52 -26.87
CA GLU B 348 -36.36 14.52 -26.55
C GLU B 348 -35.53 14.12 -25.33
N ALA B 349 -34.22 14.38 -25.42
CA ALA B 349 -33.29 14.07 -24.34
C ALA B 349 -33.09 15.33 -23.52
N THR B 350 -33.70 15.37 -22.33
CA THR B 350 -33.80 16.61 -21.59
C THR B 350 -32.97 16.67 -20.32
N ALA B 351 -32.20 15.64 -19.99
CA ALA B 351 -31.45 15.66 -18.74
C ALA B 351 -30.28 14.70 -18.82
N VAL B 352 -29.19 15.08 -18.16
CA VAL B 352 -27.92 14.38 -18.19
C VAL B 352 -27.32 14.47 -16.79
N ALA B 353 -26.80 13.35 -16.28
CA ALA B 353 -26.01 13.36 -15.06
C ALA B 353 -24.80 12.48 -15.27
N TRP B 354 -23.61 13.06 -15.26
CA TRP B 354 -22.38 12.29 -15.31
C TRP B 354 -22.20 11.47 -14.04
N HIS B 355 -21.47 10.40 -14.15
CA HIS B 355 -21.26 9.57 -12.99
C HIS B 355 -20.08 10.10 -12.18
N PRO B 356 -20.15 10.06 -10.84
CA PRO B 356 -19.07 10.69 -10.07
C PRO B 356 -17.75 9.93 -10.07
N VAL B 357 -17.75 8.61 -9.93
CA VAL B 357 -16.48 7.91 -9.84
C VAL B 357 -16.10 7.24 -11.15
N HIS B 358 -17.07 6.72 -11.89
CA HIS B 358 -16.84 6.13 -13.20
C HIS B 358 -16.88 7.25 -14.21
N GLU B 359 -15.72 7.80 -14.52
CA GLU B 359 -15.65 8.85 -15.51
C GLU B 359 -15.92 8.17 -16.81
N GLY B 360 -16.74 8.77 -17.63
CA GLY B 360 -17.11 8.17 -18.90
C GLY B 360 -18.45 7.49 -18.95
N LEU B 361 -19.19 7.44 -17.85
CA LEU B 361 -20.52 6.86 -17.93
C LEU B 361 -21.53 7.84 -17.37
N PHE B 362 -22.67 8.03 -18.02
CA PHE B 362 -23.65 8.98 -17.54
C PHE B 362 -25.04 8.44 -17.77
N ALA B 363 -25.93 8.73 -16.84
CA ALA B 363 -27.32 8.45 -17.10
C ALA B 363 -27.88 9.54 -18.01
N SER B 364 -29.12 9.33 -18.47
CA SER B 364 -29.73 10.29 -19.38
C SER B 364 -31.23 10.22 -19.23
N GLY B 365 -31.89 11.37 -19.32
CA GLY B 365 -33.32 11.44 -19.22
C GLY B 365 -33.98 11.69 -20.56
N GLY B 366 -35.22 11.22 -20.68
CA GLY B 366 -35.98 11.44 -21.88
C GLY B 366 -37.24 12.22 -21.56
N SER B 367 -37.79 12.86 -22.59
CA SER B 367 -39.03 13.59 -22.38
C SER B 367 -40.24 12.67 -22.34
N ASP B 368 -40.07 11.42 -22.76
CA ASP B 368 -41.14 10.44 -22.75
C ASP B 368 -41.11 9.63 -21.46
N GLY B 369 -40.23 10.00 -20.55
CA GLY B 369 -40.07 9.30 -19.29
C GLY B 369 -38.99 8.24 -19.34
N SER B 370 -38.34 8.14 -20.48
CA SER B 370 -37.27 7.18 -20.65
C SER B 370 -36.01 7.53 -19.86
N LEU B 371 -35.31 6.50 -19.43
CA LEU B 371 -34.05 6.59 -18.70
C LEU B 371 -33.03 5.67 -19.35
N LEU B 372 -31.87 6.21 -19.71
CA LEU B 372 -30.85 5.47 -20.43
C LEU B 372 -29.47 5.72 -19.84
N PHE B 373 -28.64 4.69 -19.87
CA PHE B 373 -27.26 4.77 -19.40
C PHE B 373 -26.34 4.61 -20.59
N TRP B 374 -25.34 5.47 -20.69
CA TRP B 374 -24.44 5.49 -21.83
C TRP B 374 -23.02 5.35 -21.32
N HIS B 375 -22.10 5.04 -22.23
CA HIS B 375 -20.71 4.96 -21.84
C HIS B 375 -19.85 5.39 -23.02
N VAL B 376 -18.79 6.14 -22.72
CA VAL B 376 -17.97 6.78 -23.74
C VAL B 376 -17.06 5.73 -24.37
N GLY B 377 -17.32 5.39 -25.63
CA GLY B 377 -16.53 4.40 -26.33
C GLY B 377 -17.40 3.37 -27.00
N VAL B 378 -18.65 3.28 -26.56
CA VAL B 378 -19.60 2.29 -27.03
C VAL B 378 -20.65 3.00 -27.88
N GLU B 379 -20.94 2.43 -29.06
CA GLU B 379 -21.86 3.10 -29.98
C GLU B 379 -23.30 3.02 -29.49
N LYS B 380 -23.74 1.84 -29.07
CA LYS B 380 -25.08 1.71 -28.51
C LYS B 380 -25.07 2.08 -27.03
N GLU B 381 -26.26 2.13 -26.44
CA GLU B 381 -26.29 2.39 -25.02
C GLU B 381 -25.97 1.11 -24.26
N VAL B 382 -25.56 1.33 -23.02
CA VAL B 382 -25.25 0.30 -22.03
C VAL B 382 -26.48 -0.41 -21.47
N GLY B 383 -27.61 0.28 -21.42
CA GLY B 383 -28.84 -0.31 -20.90
C GLY B 383 -29.75 0.69 -20.20
N GLY B 384 -30.99 0.77 -20.66
CA GLY B 384 -31.95 1.73 -20.13
C GLY B 384 -33.40 1.30 -19.98
N MET B 385 -34.18 2.11 -19.26
CA MET B 385 -35.60 1.86 -19.01
C MET B 385 -36.42 2.64 -20.02
N GLU B 386 -36.63 2.06 -21.20
CA GLU B 386 -37.51 2.65 -22.18
C GLU B 386 -38.94 2.60 -21.66
N MET B 387 -39.59 3.77 -21.60
CA MET B 387 -41.00 3.98 -21.29
C MET B 387 -41.36 3.52 -19.86
N ALA B 388 -40.38 3.21 -19.04
CA ALA B 388 -40.65 2.59 -17.75
C ALA B 388 -40.77 3.59 -16.62
N HIS B 389 -39.95 4.63 -16.61
CA HIS B 389 -40.20 5.77 -15.73
C HIS B 389 -41.30 6.62 -16.34
N GLU B 390 -42.41 6.79 -15.64
CA GLU B 390 -43.53 7.52 -16.22
C GLU B 390 -43.27 9.01 -16.17
N GLY B 391 -43.68 9.73 -17.22
CA GLY B 391 -43.59 11.17 -17.25
C GLY B 391 -42.38 11.68 -18.02
N MET B 392 -42.12 12.97 -17.87
CA MET B 392 -40.94 13.60 -18.44
C MET B 392 -39.93 13.88 -17.35
N ILE B 393 -38.70 13.42 -17.54
CA ILE B 393 -37.64 13.57 -16.54
C ILE B 393 -37.00 14.93 -16.68
N TRP B 394 -36.85 15.64 -15.56
CA TRP B 394 -36.24 16.97 -15.57
C TRP B 394 -34.77 16.97 -15.16
N SER B 395 -34.40 16.22 -14.12
CA SER B 395 -33.00 16.19 -13.70
C SER B 395 -32.69 14.88 -12.99
N LEU B 396 -31.40 14.56 -12.96
CA LEU B 396 -30.91 13.34 -12.33
C LEU B 396 -29.71 13.67 -11.47
N ALA B 397 -29.55 12.94 -10.38
CA ALA B 397 -28.43 13.20 -9.47
C ALA B 397 -27.99 11.90 -8.85
N TRP B 398 -26.73 11.54 -9.05
CA TRP B 398 -26.19 10.37 -8.38
C TRP B 398 -25.85 10.69 -6.94
N HIS B 399 -25.91 9.67 -6.09
CA HIS B 399 -25.35 9.74 -4.75
C HIS B 399 -23.84 9.98 -4.84
N PRO B 400 -23.24 10.64 -3.84
CA PRO B 400 -21.78 10.85 -3.87
C PRO B 400 -20.95 9.59 -3.99
N LEU B 401 -21.37 8.48 -3.39
CA LEU B 401 -20.95 7.18 -3.88
C LEU B 401 -21.80 6.87 -5.10
N GLY B 402 -21.16 6.56 -6.21
CA GLY B 402 -21.97 6.40 -7.41
C GLY B 402 -22.73 5.09 -7.51
N HIS B 403 -23.57 4.78 -6.53
CA HIS B 403 -24.22 3.48 -6.48
C HIS B 403 -25.73 3.54 -6.57
N ILE B 404 -26.34 4.67 -6.26
CA ILE B 404 -27.78 4.83 -6.37
C ILE B 404 -28.01 6.05 -7.24
N LEU B 405 -29.23 6.16 -7.79
CA LEU B 405 -29.54 7.26 -8.69
C LEU B 405 -30.90 7.82 -8.32
N CYS B 406 -31.11 9.09 -8.60
CA CYS B 406 -32.42 9.70 -8.42
C CYS B 406 -32.87 10.38 -9.71
N SER B 407 -34.18 10.47 -9.88
CA SER B 407 -34.77 11.10 -11.04
C SER B 407 -35.93 11.99 -10.63
N GLY B 408 -36.14 13.08 -11.36
CA GLY B 408 -37.25 13.97 -11.09
C GLY B 408 -38.18 14.11 -12.27
N SER B 409 -39.46 13.80 -12.08
CA SER B 409 -40.38 13.68 -13.18
C SER B 409 -41.14 14.98 -13.44
N ASN B 410 -41.74 15.08 -14.62
CA ASN B 410 -42.83 16.02 -14.81
C ASN B 410 -44.10 15.51 -14.16
N ASP B 411 -44.14 14.23 -13.82
CA ASP B 411 -45.07 13.72 -12.83
C ASP B 411 -44.70 14.26 -11.45
N HIS B 412 -45.52 13.90 -10.48
CA HIS B 412 -45.38 14.43 -9.15
C HIS B 412 -44.51 13.55 -8.27
N THR B 413 -43.61 12.78 -8.88
CA THR B 413 -42.92 11.69 -8.22
C THR B 413 -41.42 11.82 -8.40
N SER B 414 -40.70 10.92 -7.73
CA SER B 414 -39.26 10.85 -7.81
C SER B 414 -38.85 9.43 -7.44
N LYS B 415 -38.08 8.78 -8.30
CA LYS B 415 -37.80 7.37 -8.15
C LYS B 415 -36.30 7.16 -7.94
N PHE B 416 -35.96 6.17 -7.11
CA PHE B 416 -34.59 5.93 -6.71
C PHE B 416 -34.14 4.59 -7.28
N TRP B 417 -33.04 4.58 -8.03
CA TRP B 417 -32.63 3.40 -8.77
C TRP B 417 -31.28 2.94 -8.25
N THR B 418 -31.14 1.67 -7.92
CA THR B 418 -29.87 1.12 -7.48
C THR B 418 -29.42 -0.02 -8.38
N ARG B 419 -28.21 -0.51 -8.11
CA ARG B 419 -27.61 -1.56 -8.91
C ARG B 419 -28.36 -2.87 -8.74
N ASN B 420 -28.27 -3.72 -9.75
CA ASN B 420 -28.93 -5.01 -9.71
C ASN B 420 -28.20 -5.96 -8.77
N ARG B 421 -28.96 -6.83 -8.12
CA ARG B 421 -28.35 -7.78 -7.22
C ARG B 421 -27.80 -8.96 -8.00
N PRO B 422 -26.80 -9.66 -7.45
CA PRO B 422 -26.27 -10.82 -8.17
C PRO B 422 -27.29 -11.95 -8.23
N GLY B 423 -27.38 -12.55 -9.41
CA GLY B 423 -28.16 -13.75 -9.60
C GLY B 423 -29.65 -13.55 -9.66
N ASP B 424 -30.13 -12.32 -9.75
CA ASP B 424 -31.58 -12.15 -9.82
C ASP B 424 -32.05 -12.27 -11.26
N LYS B 425 -33.29 -12.72 -11.40
CA LYS B 425 -33.97 -12.72 -12.67
C LYS B 425 -34.64 -11.36 -12.85
N MET B 426 -34.15 -10.58 -13.82
CA MET B 426 -34.67 -9.24 -14.02
C MET B 426 -35.95 -9.35 -14.81
N ARG B 427 -37.04 -9.63 -14.08
CA ARG B 427 -38.34 -9.90 -14.67
C ARG B 427 -39.36 -8.83 -14.29
N ASP B 428 -38.91 -7.71 -13.76
CA ASP B 428 -39.78 -6.72 -13.15
C ASP B 428 -40.46 -5.91 -14.27
N ARG B 429 -41.32 -4.97 -13.89
CA ARG B 429 -42.05 -4.15 -14.84
C ARG B 429 -41.19 -3.10 -15.52
N TYR B 430 -39.98 -2.84 -15.02
CA TYR B 430 -39.11 -1.83 -15.60
C TYR B 430 -38.12 -2.43 -16.59
N ASN B 431 -37.66 -3.65 -16.35
CA ASN B 431 -36.71 -4.30 -17.24
C ASN B 431 -37.40 -5.22 -18.26
N LEU B 432 -38.07 -6.26 -17.78
CA LEU B 432 -38.65 -7.27 -18.67
C LEU B 432 -40.03 -7.69 -18.19
N GLY C 1 5.93 0.26 24.09
CA GLY C 1 4.72 0.14 23.31
C GLY C 1 3.77 1.29 23.59
N MET C 2 2.73 1.41 22.78
CA MET C 2 1.72 2.47 22.90
C MET C 2 2.30 3.89 22.98
N GLN C 3 2.69 4.38 21.80
CA GLN C 3 3.32 5.69 21.62
C GLN C 3 3.29 6.69 22.78
N GLU C 4 2.20 6.73 23.53
CA GLU C 4 2.11 7.69 24.63
C GLU C 4 3.23 7.50 25.64
N ILE C 5 3.71 6.27 25.81
CA ILE C 5 4.89 6.03 26.63
C ILE C 5 6.15 6.45 25.89
N ILE C 6 6.24 6.14 24.60
CA ILE C 6 7.48 6.38 23.87
C ILE C 6 7.50 7.79 23.29
N ALA C 7 6.59 8.10 22.38
CA ALA C 7 6.51 9.40 21.73
C ALA C 7 5.61 10.30 22.55
N SER C 8 6.07 10.67 23.74
CA SER C 8 5.30 11.51 24.65
C SER C 8 5.46 12.95 24.22
N VAL C 9 4.37 13.55 23.73
CA VAL C 9 4.43 14.91 23.20
C VAL C 9 3.72 15.92 24.09
N ASP C 10 3.47 15.59 25.36
CA ASP C 10 2.76 16.52 26.22
C ASP C 10 3.64 17.70 26.62
N HIS C 11 4.96 17.56 26.51
CA HIS C 11 5.83 18.71 26.78
C HIS C 11 5.92 19.66 25.61
N ILE C 12 5.37 19.32 24.47
CA ILE C 12 5.44 20.16 23.28
C ILE C 12 4.25 21.11 23.26
N LYS C 13 4.53 22.38 23.00
CA LYS C 13 3.47 23.37 22.77
C LYS C 13 3.49 23.70 21.28
N PHE C 14 2.56 23.11 20.54
CA PHE C 14 2.52 23.28 19.10
C PHE C 14 2.04 24.67 18.72
N ASP C 15 2.37 25.08 17.50
CA ASP C 15 1.80 26.31 16.97
C ASP C 15 0.33 26.14 16.64
N LEU C 16 -0.10 24.92 16.35
CA LEU C 16 -1.52 24.60 16.22
C LEU C 16 -2.28 24.93 17.49
N GLU C 17 -1.72 24.57 18.64
CA GLU C 17 -2.45 24.77 19.88
C GLU C 17 -2.43 26.23 20.32
N ILE C 18 -1.44 27.01 19.89
CA ILE C 18 -1.40 28.43 20.22
C ILE C 18 -2.35 29.21 19.32
N ALA C 19 -2.37 28.87 18.03
CA ALA C 19 -3.18 29.57 17.03
C ALA C 19 -4.68 29.40 17.22
N VAL C 20 -5.13 28.45 18.03
CA VAL C 20 -6.54 28.34 18.30
C VAL C 20 -6.91 28.98 19.62
N GLU C 21 -5.93 29.35 20.45
CA GLU C 21 -6.22 30.04 21.70
C GLU C 21 -6.61 31.49 21.45
N GLN C 22 -5.73 32.25 20.80
CA GLN C 22 -6.04 33.63 20.46
C GLN C 22 -6.52 33.76 19.02
N GLN C 23 -6.94 32.63 18.46
CA GLN C 23 -7.82 32.50 17.30
C GLN C 23 -7.23 32.93 15.96
N LEU C 24 -6.05 33.56 15.99
CA LEU C 24 -5.08 33.84 14.94
C LEU C 24 -5.70 34.15 13.57
N GLY C 25 -6.46 35.23 13.48
CA GLY C 25 -6.95 35.67 12.19
C GLY C 25 -8.16 34.92 11.69
N ALA C 26 -9.24 34.94 12.46
CA ALA C 26 -10.53 34.46 12.01
C ALA C 26 -11.24 35.60 11.29
N GLN C 27 -11.52 35.41 10.01
CA GLN C 27 -12.30 36.39 9.27
C GLN C 27 -13.74 36.36 9.76
N PRO C 28 -14.32 37.53 10.07
CA PRO C 28 -15.71 37.59 10.53
C PRO C 28 -16.64 37.11 9.43
N LEU C 29 -17.64 36.34 9.82
CA LEU C 29 -18.45 35.66 8.83
C LEU C 29 -19.39 36.65 8.17
N PRO C 30 -19.62 36.53 6.87
CA PRO C 30 -20.56 37.45 6.21
C PRO C 30 -21.99 37.01 6.43
N PHE C 31 -22.95 37.71 5.81
CA PHE C 31 -24.35 37.31 5.69
C PHE C 31 -25.02 37.12 7.04
N PRO C 32 -25.38 38.20 7.74
CA PRO C 32 -25.52 38.20 9.22
C PRO C 32 -26.35 37.14 9.91
N GLY C 33 -27.31 36.54 9.22
CA GLY C 33 -28.21 35.60 9.87
C GLY C 33 -27.73 34.16 9.93
N MET C 34 -26.43 33.93 9.89
CA MET C 34 -25.93 32.56 9.80
C MET C 34 -25.84 31.91 11.18
N ASP C 35 -25.69 30.59 11.16
CA ASP C 35 -25.59 29.75 12.35
C ASP C 35 -24.16 29.29 12.62
N LYS C 36 -23.57 28.58 11.65
CA LYS C 36 -22.33 27.82 11.80
C LYS C 36 -22.40 26.90 13.02
N SER C 37 -23.35 25.96 12.96
CA SER C 37 -23.50 24.94 13.99
C SER C 37 -22.40 23.90 13.82
N GLY C 38 -21.45 23.90 14.74
CA GLY C 38 -20.29 23.04 14.61
C GLY C 38 -19.02 23.84 14.64
N ALA C 39 -19.09 25.02 15.23
CA ALA C 39 -17.94 25.90 15.39
C ALA C 39 -17.45 25.83 16.81
N ALA C 40 -16.15 26.05 16.99
CA ALA C 40 -15.54 25.96 18.30
C ALA C 40 -16.01 27.10 19.18
N VAL C 41 -16.28 26.78 20.46
CA VAL C 41 -16.77 27.81 21.37
C VAL C 41 -15.62 28.75 21.72
N CYS C 42 -15.91 30.03 21.83
CA CYS C 42 -14.86 31.01 22.00
C CYS C 42 -14.61 31.30 23.46
N GLU C 43 -13.34 31.35 23.83
CA GLU C 43 -12.98 31.65 25.22
C GLU C 43 -12.89 33.15 25.44
N PHE C 44 -12.97 33.93 24.37
CA PHE C 44 -12.99 35.38 24.53
C PHE C 44 -14.30 35.85 25.14
N PHE C 45 -15.40 35.16 24.84
CA PHE C 45 -16.69 35.54 25.42
C PHE C 45 -16.83 34.97 26.83
N LEU C 46 -16.08 33.93 27.13
CA LEU C 46 -16.13 33.34 28.47
C LEU C 46 -15.49 34.27 29.48
N LYS C 47 -14.31 34.79 29.17
CA LYS C 47 -13.60 35.69 30.05
C LYS C 47 -14.19 37.10 29.98
N ALA C 48 -14.13 37.70 28.80
CA ALA C 48 -14.47 39.08 28.53
C ALA C 48 -15.64 39.12 27.56
N ALA C 49 -15.87 40.28 26.96
CA ALA C 49 -16.71 40.38 25.78
C ALA C 49 -15.82 40.28 24.54
N CYS C 50 -16.22 39.46 23.58
CA CYS C 50 -15.48 39.32 22.34
C CYS C 50 -15.83 40.40 21.33
N GLY C 51 -16.79 41.26 21.64
CA GLY C 51 -17.16 42.29 20.72
C GLY C 51 -18.28 41.87 19.79
N LYS C 52 -17.91 41.37 18.62
CA LYS C 52 -18.81 41.17 17.50
C LYS C 52 -19.83 40.06 17.69
N GLY C 53 -20.71 40.21 18.67
CA GLY C 53 -21.69 39.17 18.95
C GLY C 53 -22.75 39.08 17.87
N GLY C 54 -23.04 37.85 17.47
CA GLY C 54 -23.96 37.59 16.37
C GLY C 54 -23.26 37.49 15.03
N MET C 55 -22.13 38.18 14.87
CA MET C 55 -21.34 38.10 13.66
C MET C 55 -19.91 37.76 14.04
N CYS C 56 -19.75 36.77 14.92
CA CYS C 56 -18.46 36.22 15.24
C CYS C 56 -18.46 34.79 14.74
N PRO C 57 -17.36 34.29 14.19
CA PRO C 57 -17.39 32.95 13.57
C PRO C 57 -17.47 31.83 14.57
N PHE C 58 -17.27 32.13 15.84
CA PHE C 58 -17.35 31.15 16.91
C PHE C 58 -18.67 31.30 17.66
N ARG C 59 -19.02 30.30 18.44
CA ARG C 59 -20.33 30.29 19.07
C ARG C 59 -20.24 30.95 20.44
N HIS C 60 -21.38 31.45 20.92
CA HIS C 60 -21.49 32.10 22.22
C HIS C 60 -22.60 31.39 22.98
N ILE C 61 -22.30 30.90 24.17
CA ILE C 61 -23.31 30.21 24.96
C ILE C 61 -23.63 31.03 26.21
N SER C 62 -24.85 30.87 26.70
CA SER C 62 -25.27 31.47 27.96
C SER C 62 -25.78 30.38 28.88
N GLY C 63 -25.71 30.64 30.19
CA GLY C 63 -26.14 29.67 31.17
C GLY C 63 -27.60 29.80 31.54
N GLU C 64 -28.46 29.77 30.53
CA GLU C 64 -29.91 29.89 30.72
C GLU C 64 -30.67 28.67 30.21
N LYS C 65 -30.11 27.98 29.22
CA LYS C 65 -30.84 26.96 28.50
C LYS C 65 -30.97 25.68 29.32
N THR C 66 -32.09 24.99 29.15
CA THR C 66 -32.44 23.89 30.04
C THR C 66 -32.53 22.52 29.38
N VAL C 67 -33.27 22.38 28.28
CA VAL C 67 -33.51 21.08 27.67
C VAL C 67 -33.03 21.12 26.23
N VAL C 68 -32.62 19.95 25.73
CA VAL C 68 -32.07 19.86 24.38
C VAL C 68 -33.20 19.95 23.38
N CYS C 69 -32.91 20.44 22.19
CA CYS C 69 -33.95 20.56 21.19
C CYS C 69 -33.96 19.33 20.30
N LYS C 70 -35.12 19.05 19.73
CA LYS C 70 -35.25 17.95 18.79
C LYS C 70 -34.55 18.26 17.48
N HIS C 71 -34.25 19.53 17.24
CA HIS C 71 -33.88 19.99 15.91
C HIS C 71 -32.38 19.93 15.68
N TRP C 72 -31.59 20.12 16.74
CA TRP C 72 -30.15 20.02 16.58
C TRP C 72 -29.70 18.58 16.42
N LEU C 73 -30.49 17.63 16.94
CA LEU C 73 -30.14 16.21 16.86
C LEU C 73 -30.14 15.70 15.42
N ARG C 74 -30.82 16.39 14.51
CA ARG C 74 -30.75 16.08 13.09
C ARG C 74 -29.87 17.04 12.32
N GLY C 75 -29.41 18.12 12.93
CA GLY C 75 -28.62 19.11 12.24
C GLY C 75 -29.42 20.13 11.47
N LEU C 76 -30.62 20.45 11.93
CA LEU C 76 -31.46 21.45 11.28
C LEU C 76 -31.91 22.42 12.34
N CYS C 77 -31.19 23.51 12.53
CA CYS C 77 -31.63 24.50 13.52
C CYS C 77 -31.46 25.88 12.90
N LYS C 78 -32.57 26.43 12.39
CA LYS C 78 -32.55 27.75 11.79
C LYS C 78 -32.32 28.83 12.84
N LYS C 79 -32.76 28.58 14.07
CA LYS C 79 -32.68 29.57 15.14
C LYS C 79 -31.24 29.89 15.49
N GLY C 80 -30.38 28.89 15.46
CA GLY C 80 -28.98 29.14 15.73
C GLY C 80 -28.70 29.27 17.21
N ASP C 81 -27.80 30.21 17.53
CA ASP C 81 -27.33 30.37 18.90
C ASP C 81 -28.40 30.99 19.78
N GLN C 82 -29.28 31.79 19.20
CA GLN C 82 -30.32 32.48 19.94
C GLN C 82 -31.59 31.65 20.11
N CYS C 83 -31.47 30.34 20.00
CA CYS C 83 -32.55 29.45 20.39
C CYS C 83 -32.68 29.41 21.91
N GLU C 84 -33.86 29.02 22.39
CA GLU C 84 -34.05 28.88 23.83
C GLU C 84 -33.59 27.52 24.34
N PHE C 85 -33.20 26.65 23.41
CA PHE C 85 -32.83 25.28 23.78
C PHE C 85 -31.35 24.92 23.75
N LEU C 86 -30.97 24.05 24.68
CA LEU C 86 -29.60 23.58 24.80
C LEU C 86 -29.23 22.73 23.60
N HIS C 87 -28.00 22.90 23.12
CA HIS C 87 -27.51 22.15 21.97
C HIS C 87 -26.46 21.07 22.27
N GLU C 88 -26.36 20.66 23.53
CA GLU C 88 -25.39 19.63 23.90
C GLU C 88 -26.04 18.27 23.75
N TYR C 89 -25.21 17.23 23.79
CA TYR C 89 -25.65 15.88 23.48
C TYR C 89 -26.39 15.21 24.63
N ASP C 90 -26.37 15.80 25.83
CA ASP C 90 -26.70 15.15 27.10
C ASP C 90 -28.05 14.47 27.13
N MET C 91 -28.02 13.13 27.19
CA MET C 91 -29.22 12.33 27.04
C MET C 91 -29.93 12.14 28.37
N THR C 92 -30.10 13.24 29.10
CA THR C 92 -30.88 13.29 30.33
C THR C 92 -31.82 14.48 30.36
N LYS C 93 -31.61 15.47 29.49
CA LYS C 93 -32.47 16.64 29.40
C LYS C 93 -33.27 16.65 28.10
N MET C 94 -33.65 15.49 27.59
CA MET C 94 -34.42 15.42 26.37
C MET C 94 -35.87 15.79 26.64
N PRO C 95 -36.62 16.18 25.61
CA PRO C 95 -38.06 16.34 25.79
C PRO C 95 -38.72 15.01 26.07
N GLU C 96 -39.85 15.07 26.76
CA GLU C 96 -40.65 13.88 26.98
C GLU C 96 -41.30 13.45 25.67
N CYS C 97 -41.53 12.15 25.55
CA CYS C 97 -42.12 11.61 24.33
C CYS C 97 -43.57 12.05 24.22
N TYR C 98 -43.94 12.58 23.05
CA TYR C 98 -45.32 13.00 22.82
C TYR C 98 -46.25 11.80 22.80
N PHE C 99 -45.74 10.64 22.41
CA PHE C 99 -46.60 9.48 22.23
C PHE C 99 -46.91 8.79 23.55
N TYR C 100 -46.27 9.22 24.64
CA TYR C 100 -46.70 8.77 25.96
C TYR C 100 -47.78 9.68 26.55
N SER C 101 -47.67 10.99 26.33
CA SER C 101 -48.57 11.93 27.00
C SER C 101 -49.98 11.84 26.47
N LYS C 102 -50.15 11.64 25.15
CA LYS C 102 -51.47 11.52 24.56
C LYS C 102 -51.79 10.06 24.25
N PHE C 103 -51.01 9.44 23.40
CA PHE C 103 -51.38 8.17 22.77
C PHE C 103 -50.78 6.96 23.47
N GLY C 104 -50.92 6.85 24.79
CA GLY C 104 -50.54 5.61 25.47
C GLY C 104 -49.06 5.27 25.45
N GLU C 105 -48.71 4.33 24.57
CA GLU C 105 -47.36 3.83 24.39
C GLU C 105 -46.69 4.47 23.18
N CYS C 106 -45.42 4.15 22.97
CA CYS C 106 -44.68 4.52 21.78
C CYS C 106 -44.65 3.33 20.84
N SER C 107 -44.19 3.55 19.62
CA SER C 107 -44.20 2.47 18.65
C SER C 107 -42.81 1.86 18.49
N ASN C 108 -41.80 2.69 18.24
CA ASN C 108 -40.44 2.17 18.12
C ASN C 108 -39.83 2.01 19.51
N LYS C 109 -39.04 0.96 19.68
CA LYS C 109 -38.40 0.72 20.97
C LYS C 109 -37.15 1.55 21.15
N GLU C 110 -36.55 2.02 20.06
CA GLU C 110 -35.34 2.83 20.13
C GLU C 110 -35.62 4.31 20.20
N CYS C 111 -36.76 4.71 20.77
CA CYS C 111 -37.19 6.09 20.93
C CYS C 111 -36.22 6.84 21.82
N PRO C 112 -35.54 7.86 21.31
CA PRO C 112 -34.52 8.55 22.12
C PRO C 112 -35.12 9.36 23.25
N PHE C 113 -36.24 10.04 23.00
CA PHE C 113 -36.79 11.04 23.90
C PHE C 113 -37.24 10.39 25.22
N LEU C 114 -37.27 11.21 26.28
CA LEU C 114 -37.39 10.68 27.64
C LEU C 114 -38.72 10.02 27.91
N HIS C 115 -38.64 8.82 28.45
CA HIS C 115 -39.78 8.00 28.79
C HIS C 115 -39.99 8.05 30.30
N ILE C 116 -41.06 8.72 30.73
CA ILE C 116 -41.41 8.79 32.14
C ILE C 116 -42.84 8.31 32.32
N ASP C 117 -43.32 8.31 33.56
CA ASP C 117 -44.69 7.90 33.86
C ASP C 117 -45.61 9.09 34.01
#